data_4GFY
# 
_entry.id   4GFY 
# 
_audit_conform.dict_name       mmcif_pdbx.dic 
_audit_conform.dict_version    5.397 
_audit_conform.dict_location   http://mmcif.pdb.org/dictionaries/ascii/mmcif_pdbx.dic 
# 
loop_
_database_2.database_id 
_database_2.database_code 
_database_2.pdbx_database_accession 
_database_2.pdbx_DOI 
PDB   4GFY         pdb_00004gfy 10.2210/pdb4gfy/pdb 
RCSB  RCSB074133   ?            ?                   
WWPDB D_1000074133 ?            ?                   
# 
loop_
_pdbx_audit_revision_history.ordinal 
_pdbx_audit_revision_history.data_content_type 
_pdbx_audit_revision_history.major_revision 
_pdbx_audit_revision_history.minor_revision 
_pdbx_audit_revision_history.revision_date 
1 'Structure model' 1 0 2012-08-22 
2 'Structure model' 1 1 2023-11-08 
3 'Structure model' 1 2 2024-10-09 
# 
_pdbx_audit_revision_details.ordinal             1 
_pdbx_audit_revision_details.revision_ordinal    1 
_pdbx_audit_revision_details.data_content_type   'Structure model' 
_pdbx_audit_revision_details.provider            repository 
_pdbx_audit_revision_details.type                'Initial release' 
_pdbx_audit_revision_details.description         ? 
_pdbx_audit_revision_details.details             ? 
# 
loop_
_pdbx_audit_revision_group.ordinal 
_pdbx_audit_revision_group.revision_ordinal 
_pdbx_audit_revision_group.data_content_type 
_pdbx_audit_revision_group.group 
1 2 'Structure model' 'Data collection'        
2 2 'Structure model' 'Database references'    
3 2 'Structure model' 'Derived calculations'   
4 2 'Structure model' 'Refinement description' 
5 3 'Structure model' 'Structure summary'      
# 
loop_
_pdbx_audit_revision_category.ordinal 
_pdbx_audit_revision_category.revision_ordinal 
_pdbx_audit_revision_category.data_content_type 
_pdbx_audit_revision_category.category 
1 2 'Structure model' chem_comp_atom                
2 2 'Structure model' chem_comp_bond                
3 2 'Structure model' database_2                    
4 2 'Structure model' pdbx_initial_refinement_model 
5 2 'Structure model' struct_site                   
6 3 'Structure model' pdbx_entry_details            
7 3 'Structure model' pdbx_modification_feature     
# 
loop_
_pdbx_audit_revision_item.ordinal 
_pdbx_audit_revision_item.revision_ordinal 
_pdbx_audit_revision_item.data_content_type 
_pdbx_audit_revision_item.item 
1 2 'Structure model' '_database_2.pdbx_DOI'                
2 2 'Structure model' '_database_2.pdbx_database_accession' 
3 2 'Structure model' '_struct_site.pdbx_auth_asym_id'      
4 2 'Structure model' '_struct_site.pdbx_auth_comp_id'      
5 2 'Structure model' '_struct_site.pdbx_auth_seq_id'       
# 
_pdbx_database_status.status_code                     REL 
_pdbx_database_status.entry_id                        4GFY 
_pdbx_database_status.recvd_initial_deposition_date   2012-08-04 
_pdbx_database_status.deposit_site                    RCSB 
_pdbx_database_status.process_site                    PDBJ 
_pdbx_database_status.methods_development_category    ? 
_pdbx_database_status.status_code_sf                  REL 
_pdbx_database_status.status_code_mr                  ? 
_pdbx_database_status.SG_entry                        ? 
_pdbx_database_status.status_code_cs                  ? 
_pdbx_database_status.pdb_format_compatible           Y 
_pdbx_database_status.status_code_nmr_data            ? 
# 
_pdbx_database_related.db_name        PDB 
_pdbx_database_related.db_id          4FGA 
_pdbx_database_related.details        . 
_pdbx_database_related.content_type   unspecified 
# 
loop_
_audit_author.name 
_audit_author.pdbx_ordinal 
'Shukla, P.K.' 1 
'Sinha, M.'    2 
'Dey, S.'      3 
'Kaur, P.'     4 
'Sharma, S.'   5 
'Singh, T.P.'  6 
# 
_citation.id                        primary 
_citation.title                     
;Design of peptide inhibitors of phospholipase A2: crystal Structure of phospholipase A2 complexed with a designed tetrapeptide Val - Ilu- Ala - Lys at 2.7 A resolution
;
_citation.journal_abbrev            'To be Published' 
_citation.journal_volume            ? 
_citation.page_first                ? 
_citation.page_last                 ? 
_citation.year                      ? 
_citation.journal_id_ASTM           ? 
_citation.country                   ? 
_citation.journal_id_ISSN           ? 
_citation.journal_id_CSD            0353 
_citation.book_publisher            ? 
_citation.pdbx_database_id_PubMed   ? 
_citation.pdbx_database_id_DOI      ? 
# 
loop_
_citation_author.citation_id 
_citation_author.name 
_citation_author.ordinal 
_citation_author.identifier_ORCID 
primary 'Shukla, P.K.' 1 ? 
primary 'Sinha, M.'    2 ? 
primary 'Dey, S.'      3 ? 
primary 'Kaur, P.'     4 ? 
primary 'Sharma, S.'   5 ? 
primary 'Singh, T.P.'  6 ? 
# 
loop_
_entity.id 
_entity.type 
_entity.src_method 
_entity.pdbx_description 
_entity.formula_weight 
_entity.pdbx_number_of_molecules 
_entity.pdbx_ec 
_entity.pdbx_mutation 
_entity.pdbx_fragment 
_entity.details 
1 polymer     nat 'Phospholipase A2 VRV-PL-VIIIa' 13629.767 1  3.1.1.4 ? ? ? 
2 polymer     syn VIAK                            430.561   1  ?       ? ? ? 
3 non-polymer syn 'SULFATE ION'                   96.063    1  ?       ? ? ? 
4 water       nat water                           18.015    48 ?       ? ? ? 
# 
_entity_name_com.entity_id   1 
_entity_name_com.name        PlA2 
# 
loop_
_entity_poly.entity_id 
_entity_poly.type 
_entity_poly.nstd_linkage 
_entity_poly.nstd_monomer 
_entity_poly.pdbx_seq_one_letter_code 
_entity_poly.pdbx_seq_one_letter_code_can 
_entity_poly.pdbx_strand_id 
_entity_poly.pdbx_target_identifier 
1 'polypeptide(L)' no no 
;SLLEFGKMILEETGKLAIPSYSSYGCYCGWGGKGTPKDATDRCCFVHDCCYGNLPDCNPKSDRYKYKRVNGAIVCEKGTS
CENRICECDKAAAICFRQNLNTYSKKYMLYPDFLCKGELKC
;
;SLLEFGKMILEETGKLAIPSYSSYGCYCGWGGKGTPKDATDRCCFVHDCCYGNLPDCNPKSDRYKYKRVNGAIVCEKGTS
CENRICECDKAAAICFRQNLNTYSKKYMLYPDFLCKGELKC
;
A ? 
2 'polypeptide(L)' no no VIAK VIAK B ? 
# 
loop_
_pdbx_entity_nonpoly.entity_id 
_pdbx_entity_nonpoly.name 
_pdbx_entity_nonpoly.comp_id 
3 'SULFATE ION' SO4 
4 water         HOH 
# 
loop_
_entity_poly_seq.entity_id 
_entity_poly_seq.num 
_entity_poly_seq.mon_id 
_entity_poly_seq.hetero 
1 1   SER n 
1 2   LEU n 
1 3   LEU n 
1 4   GLU n 
1 5   PHE n 
1 6   GLY n 
1 7   LYS n 
1 8   MET n 
1 9   ILE n 
1 10  LEU n 
1 11  GLU n 
1 12  GLU n 
1 13  THR n 
1 14  GLY n 
1 15  LYS n 
1 16  LEU n 
1 17  ALA n 
1 18  ILE n 
1 19  PRO n 
1 20  SER n 
1 21  TYR n 
1 22  SER n 
1 23  SER n 
1 24  TYR n 
1 25  GLY n 
1 26  CYS n 
1 27  TYR n 
1 28  CYS n 
1 29  GLY n 
1 30  TRP n 
1 31  GLY n 
1 32  GLY n 
1 33  LYS n 
1 34  GLY n 
1 35  THR n 
1 36  PRO n 
1 37  LYS n 
1 38  ASP n 
1 39  ALA n 
1 40  THR n 
1 41  ASP n 
1 42  ARG n 
1 43  CYS n 
1 44  CYS n 
1 45  PHE n 
1 46  VAL n 
1 47  HIS n 
1 48  ASP n 
1 49  CYS n 
1 50  CYS n 
1 51  TYR n 
1 52  GLY n 
1 53  ASN n 
1 54  LEU n 
1 55  PRO n 
1 56  ASP n 
1 57  CYS n 
1 58  ASN n 
1 59  PRO n 
1 60  LYS n 
1 61  SER n 
1 62  ASP n 
1 63  ARG n 
1 64  TYR n 
1 65  LYS n 
1 66  TYR n 
1 67  LYS n 
1 68  ARG n 
1 69  VAL n 
1 70  ASN n 
1 71  GLY n 
1 72  ALA n 
1 73  ILE n 
1 74  VAL n 
1 75  CYS n 
1 76  GLU n 
1 77  LYS n 
1 78  GLY n 
1 79  THR n 
1 80  SER n 
1 81  CYS n 
1 82  GLU n 
1 83  ASN n 
1 84  ARG n 
1 85  ILE n 
1 86  CYS n 
1 87  GLU n 
1 88  CYS n 
1 89  ASP n 
1 90  LYS n 
1 91  ALA n 
1 92  ALA n 
1 93  ALA n 
1 94  ILE n 
1 95  CYS n 
1 96  PHE n 
1 97  ARG n 
1 98  GLN n 
1 99  ASN n 
1 100 LEU n 
1 101 ASN n 
1 102 THR n 
1 103 TYR n 
1 104 SER n 
1 105 LYS n 
1 106 LYS n 
1 107 TYR n 
1 108 MET n 
1 109 LEU n 
1 110 TYR n 
1 111 PRO n 
1 112 ASP n 
1 113 PHE n 
1 114 LEU n 
1 115 CYS n 
1 116 LYS n 
1 117 GLY n 
1 118 GLU n 
1 119 LEU n 
1 120 LYS n 
1 121 CYS n 
2 1   VAL n 
2 2   ILE n 
2 3   ALA n 
2 4   LYS n 
# 
_entity_src_nat.entity_id                  1 
_entity_src_nat.pdbx_src_id                1 
_entity_src_nat.pdbx_alt_source_flag       sample 
_entity_src_nat.pdbx_beg_seq_num           ? 
_entity_src_nat.pdbx_end_seq_num           ? 
_entity_src_nat.common_name                
;Russell's viper
;
_entity_src_nat.pdbx_organism_scientific   'Daboia russellii pulchella' 
_entity_src_nat.pdbx_ncbi_taxonomy_id      97228 
_entity_src_nat.genus                      ? 
_entity_src_nat.species                    ? 
_entity_src_nat.strain                     ? 
_entity_src_nat.tissue                     ? 
_entity_src_nat.tissue_fraction            ? 
_entity_src_nat.pdbx_secretion             ? 
_entity_src_nat.pdbx_fragment              ? 
_entity_src_nat.pdbx_variant               ? 
_entity_src_nat.pdbx_cell_line             ? 
_entity_src_nat.pdbx_atcc                  ? 
_entity_src_nat.pdbx_cellular_location     ? 
_entity_src_nat.pdbx_organ                 ? 
_entity_src_nat.pdbx_organelle             ? 
_entity_src_nat.pdbx_cell                  ? 
_entity_src_nat.pdbx_plasmid_name          ? 
_entity_src_nat.pdbx_plasmid_details       ? 
_entity_src_nat.details                    ? 
# 
_pdbx_entity_src_syn.entity_id              2 
_pdbx_entity_src_syn.pdbx_src_id            1 
_pdbx_entity_src_syn.pdbx_alt_source_flag   sample 
_pdbx_entity_src_syn.pdbx_beg_seq_num       ? 
_pdbx_entity_src_syn.pdbx_end_seq_num       ? 
_pdbx_entity_src_syn.organism_scientific    ? 
_pdbx_entity_src_syn.organism_common_name   ? 
_pdbx_entity_src_syn.ncbi_taxonomy_id       ? 
_pdbx_entity_src_syn.details                'synthetic peptide' 
# 
loop_
_chem_comp.id 
_chem_comp.type 
_chem_comp.mon_nstd_flag 
_chem_comp.name 
_chem_comp.pdbx_synonyms 
_chem_comp.formula 
_chem_comp.formula_weight 
ALA 'L-peptide linking' y ALANINE         ? 'C3 H7 N O2'     89.093  
ARG 'L-peptide linking' y ARGININE        ? 'C6 H15 N4 O2 1' 175.209 
ASN 'L-peptide linking' y ASPARAGINE      ? 'C4 H8 N2 O3'    132.118 
ASP 'L-peptide linking' y 'ASPARTIC ACID' ? 'C4 H7 N O4'     133.103 
CYS 'L-peptide linking' y CYSTEINE        ? 'C3 H7 N O2 S'   121.158 
GLN 'L-peptide linking' y GLUTAMINE       ? 'C5 H10 N2 O3'   146.144 
GLU 'L-peptide linking' y 'GLUTAMIC ACID' ? 'C5 H9 N O4'     147.129 
GLY 'peptide linking'   y GLYCINE         ? 'C2 H5 N O2'     75.067  
HIS 'L-peptide linking' y HISTIDINE       ? 'C6 H10 N3 O2 1' 156.162 
HOH non-polymer         . WATER           ? 'H2 O'           18.015  
ILE 'L-peptide linking' y ISOLEUCINE      ? 'C6 H13 N O2'    131.173 
LEU 'L-peptide linking' y LEUCINE         ? 'C6 H13 N O2'    131.173 
LYS 'L-peptide linking' y LYSINE          ? 'C6 H15 N2 O2 1' 147.195 
MET 'L-peptide linking' y METHIONINE      ? 'C5 H11 N O2 S'  149.211 
PHE 'L-peptide linking' y PHENYLALANINE   ? 'C9 H11 N O2'    165.189 
PRO 'L-peptide linking' y PROLINE         ? 'C5 H9 N O2'     115.130 
SER 'L-peptide linking' y SERINE          ? 'C3 H7 N O3'     105.093 
SO4 non-polymer         . 'SULFATE ION'   ? 'O4 S -2'        96.063  
THR 'L-peptide linking' y THREONINE       ? 'C4 H9 N O3'     119.119 
TRP 'L-peptide linking' y TRYPTOPHAN      ? 'C11 H12 N2 O2'  204.225 
TYR 'L-peptide linking' y TYROSINE        ? 'C9 H11 N O3'    181.189 
VAL 'L-peptide linking' y VALINE          ? 'C5 H11 N O2'    117.146 
# 
loop_
_pdbx_poly_seq_scheme.asym_id 
_pdbx_poly_seq_scheme.entity_id 
_pdbx_poly_seq_scheme.seq_id 
_pdbx_poly_seq_scheme.mon_id 
_pdbx_poly_seq_scheme.ndb_seq_num 
_pdbx_poly_seq_scheme.pdb_seq_num 
_pdbx_poly_seq_scheme.auth_seq_num 
_pdbx_poly_seq_scheme.pdb_mon_id 
_pdbx_poly_seq_scheme.auth_mon_id 
_pdbx_poly_seq_scheme.pdb_strand_id 
_pdbx_poly_seq_scheme.pdb_ins_code 
_pdbx_poly_seq_scheme.hetero 
A 1 1   SER 1   1   1   SER SER A . n 
A 1 2   LEU 2   2   2   LEU LEU A . n 
A 1 3   LEU 3   3   3   LEU LEU A . n 
A 1 4   GLU 4   4   4   GLU GLU A . n 
A 1 5   PHE 5   5   5   PHE PHE A . n 
A 1 6   GLY 6   6   6   GLY GLY A . n 
A 1 7   LYS 7   7   7   LYS LYS A . n 
A 1 8   MET 8   8   8   MET MET A . n 
A 1 9   ILE 9   9   9   ILE ILE A . n 
A 1 10  LEU 10  10  10  LEU LEU A . n 
A 1 11  GLU 11  11  11  GLU GLU A . n 
A 1 12  GLU 12  12  12  GLU GLU A . n 
A 1 13  THR 13  13  13  THR THR A . n 
A 1 14  GLY 14  14  14  GLY GLY A . n 
A 1 15  LYS 15  16  16  LYS LYS A . n 
A 1 16  LEU 16  17  17  LEU LEU A . n 
A 1 17  ALA 17  18  18  ALA ALA A . n 
A 1 18  ILE 18  19  19  ILE ILE A . n 
A 1 19  PRO 19  20  20  PRO PRO A . n 
A 1 20  SER 20  21  21  SER SER A . n 
A 1 21  TYR 21  22  22  TYR TYR A . n 
A 1 22  SER 22  23  23  SER SER A . n 
A 1 23  SER 23  24  24  SER SER A . n 
A 1 24  TYR 24  25  25  TYR TYR A . n 
A 1 25  GLY 25  26  26  GLY GLY A . n 
A 1 26  CYS 26  27  27  CYS CYS A . n 
A 1 27  TYR 27  28  28  TYR TYR A . n 
A 1 28  CYS 28  29  29  CYS CYS A . n 
A 1 29  GLY 29  30  30  GLY GLY A . n 
A 1 30  TRP 30  31  31  TRP TRP A . n 
A 1 31  GLY 31  32  32  GLY GLY A . n 
A 1 32  GLY 32  33  33  GLY GLY A . n 
A 1 33  LYS 33  34  34  LYS LYS A . n 
A 1 34  GLY 34  35  35  GLY GLY A . n 
A 1 35  THR 35  36  36  THR THR A . n 
A 1 36  PRO 36  37  37  PRO PRO A . n 
A 1 37  LYS 37  38  38  LYS LYS A . n 
A 1 38  ASP 38  39  39  ASP ASP A . n 
A 1 39  ALA 39  40  40  ALA ALA A . n 
A 1 40  THR 40  41  41  THR THR A . n 
A 1 41  ASP 41  42  42  ASP ASP A . n 
A 1 42  ARG 42  43  43  ARG ARG A . n 
A 1 43  CYS 43  44  44  CYS CYS A . n 
A 1 44  CYS 44  45  45  CYS CYS A . n 
A 1 45  PHE 45  46  46  PHE PHE A . n 
A 1 46  VAL 46  47  47  VAL VAL A . n 
A 1 47  HIS 47  48  48  HIS HIS A . n 
A 1 48  ASP 48  49  49  ASP ASP A . n 
A 1 49  CYS 49  50  50  CYS CYS A . n 
A 1 50  CYS 50  51  51  CYS CYS A . n 
A 1 51  TYR 51  52  52  TYR TYR A . n 
A 1 52  GLY 52  53  53  GLY GLY A . n 
A 1 53  ASN 53  54  54  ASN ASN A . n 
A 1 54  LEU 54  55  55  LEU LEU A . n 
A 1 55  PRO 55  56  56  PRO PRO A . n 
A 1 56  ASP 56  59  59  ASP ASP A . n 
A 1 57  CYS 57  61  61  CYS CYS A . n 
A 1 58  ASN 58  67  67  ASN ASN A . n 
A 1 59  PRO 59  68  68  PRO PRO A . n 
A 1 60  LYS 60  69  69  LYS LYS A . n 
A 1 61  SER 61  70  70  SER SER A . n 
A 1 62  ASP 62  71  71  ASP ASP A . n 
A 1 63  ARG 63  72  72  ARG ARG A . n 
A 1 64  TYR 64  73  73  TYR TYR A . n 
A 1 65  LYS 65  74  74  LYS LYS A . n 
A 1 66  TYR 66  75  75  TYR TYR A . n 
A 1 67  LYS 67  76  76  LYS LYS A . n 
A 1 68  ARG 68  77  77  ARG ARG A . n 
A 1 69  VAL 69  78  78  VAL VAL A . n 
A 1 70  ASN 70  79  79  ASN ASN A . n 
A 1 71  GLY 71  80  80  GLY GLY A . n 
A 1 72  ALA 72  81  81  ALA ALA A . n 
A 1 73  ILE 73  82  82  ILE ILE A . n 
A 1 74  VAL 74  83  83  VAL VAL A . n 
A 1 75  CYS 75  84  84  CYS CYS A . n 
A 1 76  GLU 76  85  85  GLU GLU A . n 
A 1 77  LYS 77  86  86  LYS LYS A . n 
A 1 78  GLY 78  88  88  GLY GLY A . n 
A 1 79  THR 79  89  89  THR THR A . n 
A 1 80  SER 80  90  90  SER SER A . n 
A 1 81  CYS 81  91  91  CYS CYS A . n 
A 1 82  GLU 82  92  92  GLU GLU A . n 
A 1 83  ASN 83  93  93  ASN ASN A . n 
A 1 84  ARG 84  94  94  ARG ARG A . n 
A 1 85  ILE 85  95  95  ILE ILE A . n 
A 1 86  CYS 86  96  96  CYS CYS A . n 
A 1 87  GLU 87  97  97  GLU GLU A . n 
A 1 88  CYS 88  98  98  CYS CYS A . n 
A 1 89  ASP 89  99  99  ASP ASP A . n 
A 1 90  LYS 90  100 100 LYS LYS A . n 
A 1 91  ALA 91  101 101 ALA ALA A . n 
A 1 92  ALA 92  102 102 ALA ALA A . n 
A 1 93  ALA 93  103 103 ALA ALA A . n 
A 1 94  ILE 94  104 104 ILE ILE A . n 
A 1 95  CYS 95  105 105 CYS CYS A . n 
A 1 96  PHE 96  106 106 PHE PHE A . n 
A 1 97  ARG 97  107 107 ARG ARG A . n 
A 1 98  GLN 98  108 108 GLN GLN A . n 
A 1 99  ASN 99  109 109 ASN ASN A . n 
A 1 100 LEU 100 110 110 LEU LEU A . n 
A 1 101 ASN 101 111 111 ASN ASN A . n 
A 1 102 THR 102 112 112 THR THR A . n 
A 1 103 TYR 103 113 113 TYR TYR A . n 
A 1 104 SER 104 114 114 SER SER A . n 
A 1 105 LYS 105 115 115 LYS LYS A . n 
A 1 106 LYS 106 116 116 LYS LYS A . n 
A 1 107 TYR 107 117 117 TYR TYR A . n 
A 1 108 MET 108 118 118 MET MET A . n 
A 1 109 LEU 109 119 119 LEU LEU A . n 
A 1 110 TYR 110 120 120 TYR TYR A . n 
A 1 111 PRO 111 121 121 PRO PRO A . n 
A 1 112 ASP 112 122 122 ASP ASP A . n 
A 1 113 PHE 113 124 124 PHE PHE A . n 
A 1 114 LEU 114 125 125 LEU LEU A . n 
A 1 115 CYS 115 126 126 CYS CYS A . n 
A 1 116 LYS 116 127 127 LYS LYS A . n 
A 1 117 GLY 117 128 128 GLY GLY A . n 
A 1 118 GLU 118 129 129 GLU GLU A . n 
A 1 119 LEU 119 130 130 LEU LEU A . n 
A 1 120 LYS 120 131 131 LYS LYS A . n 
A 1 121 CYS 121 133 133 CYS CYS A . n 
B 2 1   VAL 1   1   1   VAL VAL B . n 
B 2 2   ILE 2   2   2   ILE ILE B . n 
B 2 3   ALA 3   3   3   ALA ALA B . n 
B 2 4   LYS 4   4   4   LYS LYS B . n 
# 
loop_
_pdbx_nonpoly_scheme.asym_id 
_pdbx_nonpoly_scheme.entity_id 
_pdbx_nonpoly_scheme.mon_id 
_pdbx_nonpoly_scheme.ndb_seq_num 
_pdbx_nonpoly_scheme.pdb_seq_num 
_pdbx_nonpoly_scheme.auth_seq_num 
_pdbx_nonpoly_scheme.pdb_mon_id 
_pdbx_nonpoly_scheme.auth_mon_id 
_pdbx_nonpoly_scheme.pdb_strand_id 
_pdbx_nonpoly_scheme.pdb_ins_code 
C 3 SO4 1  301 301 SO4 SO4 A . 
D 4 HOH 1  401 302 HOH HOH A . 
D 4 HOH 2  402 303 HOH HOH A . 
D 4 HOH 3  403 304 HOH HOH A . 
D 4 HOH 4  404 305 HOH HOH A . 
D 4 HOH 5  405 306 HOH HOH A . 
D 4 HOH 6  406 307 HOH HOH A . 
D 4 HOH 7  407 308 HOH HOH A . 
D 4 HOH 8  408 309 HOH HOH A . 
D 4 HOH 9  409 310 HOH HOH A . 
D 4 HOH 10 410 311 HOH HOH A . 
D 4 HOH 11 411 312 HOH HOH A . 
D 4 HOH 12 412 313 HOH HOH A . 
D 4 HOH 13 413 314 HOH HOH A . 
D 4 HOH 14 414 315 HOH HOH A . 
D 4 HOH 15 415 316 HOH HOH A . 
D 4 HOH 16 416 317 HOH HOH A . 
D 4 HOH 17 417 318 HOH HOH A . 
D 4 HOH 18 418 319 HOH HOH A . 
D 4 HOH 19 419 320 HOH HOH A . 
D 4 HOH 20 420 322 HOH HOH A . 
D 4 HOH 21 421 325 HOH HOH A . 
D 4 HOH 22 422 326 HOH HOH A . 
D 4 HOH 23 423 328 HOH HOH A . 
D 4 HOH 24 424 329 HOH HOH A . 
D 4 HOH 25 425 330 HOH HOH A . 
D 4 HOH 26 426 331 HOH HOH A . 
D 4 HOH 27 427 333 HOH HOH A . 
D 4 HOH 28 428 334 HOH HOH A . 
D 4 HOH 29 429 335 HOH HOH A . 
D 4 HOH 30 430 336 HOH HOH A . 
D 4 HOH 31 431 337 HOH HOH A . 
D 4 HOH 32 432 338 HOH HOH A . 
D 4 HOH 33 433 339 HOH HOH A . 
D 4 HOH 34 434 340 HOH HOH A . 
D 4 HOH 35 435 341 HOH HOH A . 
D 4 HOH 36 436 343 HOH HOH A . 
D 4 HOH 37 437 345 HOH HOH A . 
D 4 HOH 38 438 348 HOH HOH A . 
D 4 HOH 39 439 349 HOH HOH A . 
D 4 HOH 40 440 350 HOH HOH A . 
D 4 HOH 41 441 351 HOH HOH A . 
D 4 HOH 42 442 352 HOH HOH A . 
D 4 HOH 43 443 354 HOH HOH A . 
D 4 HOH 44 444 355 HOH HOH A . 
D 4 HOH 45 445 356 HOH HOH A . 
D 4 HOH 46 446 357 HOH HOH A . 
E 4 HOH 1  101 347 HOH HOH B . 
E 4 HOH 2  102 5   HOH HOH B . 
# 
loop_
_software.name 
_software.classification 
_software.version 
_software.citation_id 
_software.pdbx_ordinal 
HKL-2000  'data collection' .        ? 1 
AMoRE     phasing           .        ? 2 
REFMAC    refinement        5.5.0110 ? 3 
DENZO     'data reduction'  .        ? 4 
SCALEPACK 'data scaling'    .        ? 5 
# 
_cell.entry_id           4GFY 
_cell.length_a           53.035 
_cell.length_b           53.035 
_cell.length_c           48.469 
_cell.angle_alpha        90.00 
_cell.angle_beta         90.00 
_cell.angle_gamma        90.00 
_cell.Z_PDB              4 
_cell.pdbx_unique_axis   ? 
_cell.length_a_esd       ? 
_cell.length_b_esd       ? 
_cell.length_c_esd       ? 
_cell.angle_alpha_esd    ? 
_cell.angle_beta_esd     ? 
_cell.angle_gamma_esd    ? 
# 
_symmetry.entry_id                         4GFY 
_symmetry.space_group_name_H-M             'P 43' 
_symmetry.pdbx_full_space_group_name_H-M   ? 
_symmetry.cell_setting                     ? 
_symmetry.Int_Tables_number                78 
_symmetry.space_group_name_Hall            ? 
# 
_exptl.entry_id          4GFY 
_exptl.method            'X-RAY DIFFRACTION' 
_exptl.crystals_number   1 
# 
_exptl_crystal.id                    1 
_exptl_crystal.density_meas          ? 
_exptl_crystal.density_Matthews      2.42 
_exptl_crystal.density_percent_sol   49.26 
_exptl_crystal.description           ? 
_exptl_crystal.F_000                 ? 
_exptl_crystal.preparation           ? 
# 
_exptl_crystal_grow.crystal_id      1 
_exptl_crystal_grow.method          'VAPOR DIFFUSION, HANGING DROP' 
_exptl_crystal_grow.temp            298 
_exptl_crystal_grow.temp_details    ? 
_exptl_crystal_grow.pH              7.2 
_exptl_crystal_grow.pdbx_details    '0.3M AMMONIUM SULPHATE, 30% PEG 4000, pH 7.2, VAPOR DIFFUSION, HANGING DROP, temperature 298K' 
_exptl_crystal_grow.pdbx_pH_range   . 
# 
_diffrn.id                     1 
_diffrn.ambient_temp           300 
_diffrn.ambient_temp_details   ? 
_diffrn.crystal_id             1 
# 
_diffrn_detector.diffrn_id              1 
_diffrn_detector.detector               'IMAGE PLATE' 
_diffrn_detector.type                   MARRESEARCH 
_diffrn_detector.pdbx_collection_date   2005-11-05 
_diffrn_detector.details                Mirror 
# 
_diffrn_radiation.diffrn_id                        1 
_diffrn_radiation.wavelength_id                    1 
_diffrn_radiation.pdbx_monochromatic_or_laue_m_l   M 
_diffrn_radiation.monochromator                    Graphite 
_diffrn_radiation.pdbx_diffrn_protocol             'SINGLE WAVELENGTH' 
_diffrn_radiation.pdbx_scattering_type             x-ray 
# 
_diffrn_radiation_wavelength.id           1 
_diffrn_radiation_wavelength.wavelength   1.54 
_diffrn_radiation_wavelength.wt           1.0 
# 
_diffrn_source.diffrn_id                   1 
_diffrn_source.source                      'ROTATING ANODE' 
_diffrn_source.type                        'RIGAKU RU300' 
_diffrn_source.pdbx_synchrotron_site       ? 
_diffrn_source.pdbx_synchrotron_beamline   ? 
_diffrn_source.pdbx_wavelength             ? 
_diffrn_source.pdbx_wavelength_list        1.54 
# 
_reflns.entry_id                     4GFY 
_reflns.observed_criterion_sigma_I   0.0 
_reflns.observed_criterion_sigma_F   0.0 
_reflns.d_resolution_low             53.2 
_reflns.d_resolution_high            2.7 
_reflns.number_obs                   3875 
_reflns.number_all                   ? 
_reflns.percent_possible_obs         96.2 
_reflns.pdbx_Rmerge_I_obs            ? 
_reflns.pdbx_Rsym_value              0.138 
_reflns.pdbx_netI_over_sigmaI        7.4 
_reflns.B_iso_Wilson_estimate        ? 
_reflns.pdbx_redundancy              ? 
_reflns.R_free_details               ? 
_reflns.limit_h_max                  ? 
_reflns.limit_h_min                  ? 
_reflns.limit_k_max                  ? 
_reflns.limit_k_min                  ? 
_reflns.limit_l_max                  ? 
_reflns.limit_l_min                  ? 
_reflns.observed_criterion_F_max     ? 
_reflns.observed_criterion_F_min     ? 
_reflns.pdbx_chi_squared             ? 
_reflns.pdbx_scaling_rejects         ? 
_reflns.pdbx_ordinal                 1 
_reflns.pdbx_diffrn_id               1 
# 
_reflns_shell.d_res_high                  2.70 
_reflns_shell.d_res_low                   2.73 
_reflns_shell.percent_possible_all        95 
_reflns_shell.Rmerge_I_obs                ? 
_reflns_shell.pdbx_Rsym_value             0.458 
_reflns_shell.meanI_over_sigI_obs         2.6 
_reflns_shell.pdbx_redundancy             ? 
_reflns_shell.percent_possible_obs        ? 
_reflns_shell.number_unique_all           ? 
_reflns_shell.number_measured_all         ? 
_reflns_shell.number_measured_obs         ? 
_reflns_shell.number_unique_obs           ? 
_reflns_shell.pdbx_chi_squared            ? 
_reflns_shell.pdbx_rejects                ? 
_reflns_shell.pdbx_netI_over_sigmaI_obs   ? 
_reflns_shell.number_possible             ? 
_reflns_shell.Rmerge_F_all                ? 
_reflns_shell.Rmerge_F_obs                ? 
_reflns_shell.Rmerge_I_all                ? 
_reflns_shell.meanI_over_sigI_all         ? 
_reflns_shell.pdbx_Rrim_I_all             ? 
_reflns_shell.pdbx_Rpim_I_all             ? 
_reflns_shell.pdbx_ordinal                1 
_reflns_shell.pdbx_diffrn_id              1 
# 
_refine.entry_id                                 4GFY 
_refine.ls_number_reflns_obs                     2892 
_refine.ls_number_reflns_all                     ? 
_refine.pdbx_ls_sigma_I                          0.0 
_refine.pdbx_ls_sigma_F                          0.0 
_refine.pdbx_data_cutoff_high_absF               ? 
_refine.pdbx_data_cutoff_low_absF                ? 
_refine.pdbx_data_cutoff_high_rms_absF           ? 
_refine.ls_d_res_low                             53.03 
_refine.ls_d_res_high                            2.70 
_refine.ls_percent_reflns_obs                    80.36 
_refine.ls_R_factor_obs                          0.22694 
_refine.ls_R_factor_all                          0.22694 
_refine.ls_R_factor_R_work                       0.22592 
_refine.ls_R_factor_R_free                       0.24785 
_refine.ls_R_factor_R_free_error                 ? 
_refine.ls_R_factor_R_free_error_details         ? 
_refine.ls_percent_reflns_R_free                 4.5 
_refine.ls_number_reflns_R_free                  136 
_refine.ls_number_parameters                     ? 
_refine.ls_number_restraints                     ? 
_refine.occupancy_min                            ? 
_refine.occupancy_max                            ? 
_refine.correlation_coeff_Fo_to_Fc               0.865 
_refine.correlation_coeff_Fo_to_Fc_free          0.795 
_refine.B_iso_mean                               21.376 
_refine.aniso_B[1][1]                            0.39 
_refine.aniso_B[2][2]                            0.39 
_refine.aniso_B[3][3]                            -0.78 
_refine.aniso_B[1][2]                            0.00 
_refine.aniso_B[1][3]                            0.00 
_refine.aniso_B[2][3]                            0.00 
_refine.solvent_model_details                    MASK 
_refine.solvent_model_param_ksol                 ? 
_refine.solvent_model_param_bsol                 ? 
_refine.pdbx_solvent_vdw_probe_radii             1.40 
_refine.pdbx_solvent_ion_probe_radii             0.80 
_refine.pdbx_solvent_shrinkage_radii             0.80 
_refine.pdbx_ls_cross_valid_method               THROUGHOUT 
_refine.details                                  'HYDROGENS HAVE BEEN ADDED IN THE RIDING POSITIONS' 
_refine.pdbx_starting_model                      4FGA 
_refine.pdbx_method_to_determine_struct          'MOLECULAR REPLACEMENT' 
_refine.pdbx_isotropic_thermal_model             ? 
_refine.pdbx_stereochemistry_target_values       'MAXIMUM LIKELIHOOD' 
_refine.pdbx_stereochem_target_val_spec_case     ? 
_refine.pdbx_R_Free_selection_details            RANDOM 
_refine.pdbx_overall_ESU_R                       ? 
_refine.pdbx_overall_ESU_R_Free                  0.438 
_refine.overall_SU_ML                            0.274 
_refine.pdbx_overall_phase_error                 ? 
_refine.overall_SU_B                             12.626 
_refine.overall_SU_R_Cruickshank_DPI             ? 
_refine.ls_redundancy_reflns_obs                 ? 
_refine.B_iso_min                                ? 
_refine.B_iso_max                                ? 
_refine.overall_SU_R_free                        ? 
_refine.ls_wR_factor_R_free                      ? 
_refine.ls_wR_factor_R_work                      ? 
_refine.overall_FOM_free_R_set                   ? 
_refine.overall_FOM_work_R_set                   ? 
_refine.pdbx_diffrn_id                           1 
_refine.pdbx_refine_id                           'X-RAY DIFFRACTION' 
_refine.pdbx_TLS_residual_ADP_flag               ? 
_refine.pdbx_overall_SU_R_free_Cruickshank_DPI   ? 
_refine.pdbx_overall_SU_R_Blow_DPI               ? 
_refine.pdbx_overall_SU_R_free_Blow_DPI          ? 
# 
_refine_hist.pdbx_refine_id                   'X-RAY DIFFRACTION' 
_refine_hist.cycle_id                         LAST 
_refine_hist.pdbx_number_atoms_protein        974 
_refine_hist.pdbx_number_atoms_nucleic_acid   0 
_refine_hist.pdbx_number_atoms_ligand         5 
_refine_hist.number_atoms_solvent             48 
_refine_hist.number_atoms_total               1027 
_refine_hist.d_res_high                       2.70 
_refine_hist.d_res_low                        53.03 
# 
loop_
_refine_ls_restr.type 
_refine_ls_restr.dev_ideal 
_refine_ls_restr.dev_ideal_target 
_refine_ls_restr.weight 
_refine_ls_restr.number 
_refine_ls_restr.pdbx_restraint_function 
_refine_ls_restr.pdbx_refine_id 
r_bond_refined_d       0.014  ? ? ? ? 'X-RAY DIFFRACTION' 
r_angle_refined_deg    2.555  ? ? ? ? 'X-RAY DIFFRACTION' 
r_dihedral_angle_1_deg 5.124  ? ? ? ? 'X-RAY DIFFRACTION' 
r_dihedral_angle_2_deg 37.292 ? ? ? ? 'X-RAY DIFFRACTION' 
r_dihedral_angle_3_deg 18.558 ? ? ? ? 'X-RAY DIFFRACTION' 
r_dihedral_angle_4_deg 29.563 ? ? ? ? 'X-RAY DIFFRACTION' 
r_chiral_restr         0.102  ? ? ? ? 'X-RAY DIFFRACTION' 
r_gen_planes_refined   0.007  ? ? ? ? 'X-RAY DIFFRACTION' 
r_mcbond_it            1.497  ? ? ? ? 'X-RAY DIFFRACTION' 
r_mcangle_it           2.718  ? ? ? ? 'X-RAY DIFFRACTION' 
r_scbond_it            ?      ? ? ? ? 'X-RAY DIFFRACTION' 
# 
_refine_ls_shell.pdbx_refine_id                   'X-RAY DIFFRACTION' 
_refine_ls_shell.pdbx_total_number_of_bins_used   20 
_refine_ls_shell.d_res_high                       2.703 
_refine_ls_shell.d_res_low                        2.73 
_refine_ls_shell.number_reflns_R_work             209 
_refine_ls_shell.R_factor_R_work                  0.317 
_refine_ls_shell.percent_reflns_obs               76.39 
_refine_ls_shell.R_factor_R_free                  0.166 
_refine_ls_shell.R_factor_R_free_error            ? 
_refine_ls_shell.percent_reflns_R_free            ? 
_refine_ls_shell.number_reflns_R_free             11 
_refine_ls_shell.number_reflns_all                ? 
_refine_ls_shell.R_factor_all                     ? 
_refine_ls_shell.number_reflns_obs                ? 
_refine_ls_shell.redundancy_reflns_obs            ? 
# 
_struct.entry_id                  4GFY 
_struct.title                     
;Design of peptide inhibitors of phospholipase A2: crystal Structure of phospholipase A2 complexed with a designed tetrapeptide Val - Ilu- Ala - Lys at 2.7 A resolution
;
_struct.pdbx_model_details        ? 
_struct.pdbx_CASP_flag            ? 
_struct.pdbx_model_type_details   ? 
# 
_struct_keywords.entry_id        4GFY 
_struct_keywords.pdbx_keywords   'HYDROLASE/HYDROLASE INHIBITOR' 
_struct_keywords.text            
'PLA2, ANTI-INFLAMMATORY, ANTI-COAGULANT, PEPTIDE-INHIBITOR, HYDROLASE-HYDROLASE INHIBITOR complex' 
# 
loop_
_struct_asym.id 
_struct_asym.pdbx_blank_PDB_chainid_flag 
_struct_asym.pdbx_modified 
_struct_asym.entity_id 
_struct_asym.details 
A N N 1 ? 
B N N 2 ? 
C N N 3 ? 
D N N 4 ? 
E N N 4 ? 
# 
loop_
_struct_ref.id 
_struct_ref.db_name 
_struct_ref.db_code 
_struct_ref.pdbx_db_accession 
_struct_ref.entity_id 
_struct_ref.pdbx_seq_one_letter_code 
_struct_ref.pdbx_align_begin 
_struct_ref.pdbx_db_isoform 
1 UNP D0VX11_DABRP D0VX11 1 
;SLLEFGKMILEETGKLAIPSYSSYGCYCGWGGKGTPKDATDRCCFVHDCCYGNLPDCNPKSDRYKYKRVNGAIVCEKGTS
CENRICECDKAAAICFRQNLNTYSKKYMLYPDFLCKGELKC
;
1 ? 
2 PDB 4GFY         4GFY   2 ? ? ? 
# 
loop_
_struct_ref_seq.align_id 
_struct_ref_seq.ref_id 
_struct_ref_seq.pdbx_PDB_id_code 
_struct_ref_seq.pdbx_strand_id 
_struct_ref_seq.seq_align_beg 
_struct_ref_seq.pdbx_seq_align_beg_ins_code 
_struct_ref_seq.seq_align_end 
_struct_ref_seq.pdbx_seq_align_end_ins_code 
_struct_ref_seq.pdbx_db_accession 
_struct_ref_seq.db_align_beg 
_struct_ref_seq.pdbx_db_align_beg_ins_code 
_struct_ref_seq.db_align_end 
_struct_ref_seq.pdbx_db_align_end_ins_code 
_struct_ref_seq.pdbx_auth_seq_align_beg 
_struct_ref_seq.pdbx_auth_seq_align_end 
1 1 4GFY A 1 ? 121 ? D0VX11 1 ? 121 ? 1 133 
2 2 4GFY B 1 ? 4   ? 4GFY   1 ? 4   ? 1 4   
# 
_pdbx_struct_assembly.id                   1 
_pdbx_struct_assembly.details              author_and_software_defined_assembly 
_pdbx_struct_assembly.method_details       PISA 
_pdbx_struct_assembly.oligomeric_details   dimeric 
_pdbx_struct_assembly.oligomeric_count     2 
# 
loop_
_pdbx_struct_assembly_prop.biol_id 
_pdbx_struct_assembly_prop.type 
_pdbx_struct_assembly_prop.value 
_pdbx_struct_assembly_prop.details 
1 'ABSA (A^2)' 980  ? 
1 MORE         -15  ? 
1 'SSA (A^2)'  7240 ? 
# 
_pdbx_struct_assembly_gen.assembly_id       1 
_pdbx_struct_assembly_gen.oper_expression   1 
_pdbx_struct_assembly_gen.asym_id_list      A,B,C,D,E 
# 
_pdbx_struct_oper_list.id                   1 
_pdbx_struct_oper_list.type                 'identity operation' 
_pdbx_struct_oper_list.name                 1_555 
_pdbx_struct_oper_list.symmetry_operation   x,y,z 
_pdbx_struct_oper_list.matrix[1][1]         1.0000000000 
_pdbx_struct_oper_list.matrix[1][2]         0.0000000000 
_pdbx_struct_oper_list.matrix[1][3]         0.0000000000 
_pdbx_struct_oper_list.vector[1]            0.0000000000 
_pdbx_struct_oper_list.matrix[2][1]         0.0000000000 
_pdbx_struct_oper_list.matrix[2][2]         1.0000000000 
_pdbx_struct_oper_list.matrix[2][3]         0.0000000000 
_pdbx_struct_oper_list.vector[2]            0.0000000000 
_pdbx_struct_oper_list.matrix[3][1]         0.0000000000 
_pdbx_struct_oper_list.matrix[3][2]         0.0000000000 
_pdbx_struct_oper_list.matrix[3][3]         1.0000000000 
_pdbx_struct_oper_list.vector[3]            0.0000000000 
# 
_struct_biol.id        1 
_struct_biol.details   ? 
# 
loop_
_struct_conf.conf_type_id 
_struct_conf.id 
_struct_conf.pdbx_PDB_helix_id 
_struct_conf.beg_label_comp_id 
_struct_conf.beg_label_asym_id 
_struct_conf.beg_label_seq_id 
_struct_conf.pdbx_beg_PDB_ins_code 
_struct_conf.end_label_comp_id 
_struct_conf.end_label_asym_id 
_struct_conf.end_label_seq_id 
_struct_conf.pdbx_end_PDB_ins_code 
_struct_conf.beg_auth_comp_id 
_struct_conf.beg_auth_asym_id 
_struct_conf.beg_auth_seq_id 
_struct_conf.end_auth_comp_id 
_struct_conf.end_auth_asym_id 
_struct_conf.end_auth_seq_id 
_struct_conf.pdbx_PDB_helix_class 
_struct_conf.details 
_struct_conf.pdbx_PDB_helix_length 
HELX_P HELX_P1 1 SER A 1   ? GLY A 14  ? SER A 1   GLY A 14  1 ? 14 
HELX_P HELX_P2 2 LEU A 16  ? TYR A 21  ? LEU A 17  TYR A 22  1 ? 6  
HELX_P HELX_P3 3 ASP A 38  ? ASN A 53  ? ASP A 39  ASN A 54  1 ? 16 
HELX_P HELX_P4 4 THR A 79  ? GLN A 98  ? THR A 89  GLN A 108 1 ? 20 
HELX_P HELX_P5 5 ASN A 99  ? TYR A 103 ? ASN A 109 TYR A 113 5 ? 5  
HELX_P HELX_P6 6 SER A 104 ? MET A 108 ? SER A 114 MET A 118 5 ? 5  
HELX_P HELX_P7 7 PRO A 111 ? CYS A 115 ? PRO A 121 CYS A 126 5 ? 5  
# 
_struct_conf_type.id          HELX_P 
_struct_conf_type.criteria    ? 
_struct_conf_type.reference   ? 
# 
loop_
_struct_conn.id 
_struct_conn.conn_type_id 
_struct_conn.pdbx_leaving_atom_flag 
_struct_conn.pdbx_PDB_id 
_struct_conn.ptnr1_label_asym_id 
_struct_conn.ptnr1_label_comp_id 
_struct_conn.ptnr1_label_seq_id 
_struct_conn.ptnr1_label_atom_id 
_struct_conn.pdbx_ptnr1_label_alt_id 
_struct_conn.pdbx_ptnr1_PDB_ins_code 
_struct_conn.pdbx_ptnr1_standard_comp_id 
_struct_conn.ptnr1_symmetry 
_struct_conn.ptnr2_label_asym_id 
_struct_conn.ptnr2_label_comp_id 
_struct_conn.ptnr2_label_seq_id 
_struct_conn.ptnr2_label_atom_id 
_struct_conn.pdbx_ptnr2_label_alt_id 
_struct_conn.pdbx_ptnr2_PDB_ins_code 
_struct_conn.ptnr1_auth_asym_id 
_struct_conn.ptnr1_auth_comp_id 
_struct_conn.ptnr1_auth_seq_id 
_struct_conn.ptnr2_auth_asym_id 
_struct_conn.ptnr2_auth_comp_id 
_struct_conn.ptnr2_auth_seq_id 
_struct_conn.ptnr2_symmetry 
_struct_conn.pdbx_ptnr3_label_atom_id 
_struct_conn.pdbx_ptnr3_label_seq_id 
_struct_conn.pdbx_ptnr3_label_comp_id 
_struct_conn.pdbx_ptnr3_label_asym_id 
_struct_conn.pdbx_ptnr3_label_alt_id 
_struct_conn.pdbx_ptnr3_PDB_ins_code 
_struct_conn.details 
_struct_conn.pdbx_dist_value 
_struct_conn.pdbx_value_order 
_struct_conn.pdbx_role 
disulf1 disulf ? ? A CYS 26 SG ? ? ? 1_555 A CYS 115 SG ? ? A CYS 27 A CYS 126 1_555 ? ? ? ? ? ? ? 2.060 ? ? 
disulf2 disulf ? ? A CYS 28 SG ? ? ? 1_555 A CYS 44  SG ? ? A CYS 29 A CYS 45  1_555 ? ? ? ? ? ? ? 2.027 ? ? 
disulf3 disulf ? ? A CYS 43 SG ? ? ? 1_555 A CYS 95  SG ? ? A CYS 44 A CYS 105 1_555 ? ? ? ? ? ? ? 2.024 ? ? 
disulf4 disulf ? ? A CYS 49 SG ? ? ? 1_555 A CYS 121 SG ? ? A CYS 50 A CYS 133 1_555 ? ? ? ? ? ? ? 2.034 ? ? 
disulf5 disulf ? ? A CYS 50 SG ? ? ? 1_555 A CYS 88  SG ? ? A CYS 51 A CYS 98  1_555 ? ? ? ? ? ? ? 1.999 ? ? 
disulf6 disulf ? ? A CYS 57 SG ? ? ? 1_555 A CYS 81  SG ? ? A CYS 61 A CYS 91  1_555 ? ? ? ? ? ? ? 2.037 ? ? 
disulf7 disulf ? ? A CYS 75 SG ? ? ? 1_555 A CYS 86  SG ? ? A CYS 84 A CYS 96  1_555 ? ? ? ? ? ? ? 1.986 ? ? 
# 
_struct_conn_type.id          disulf 
_struct_conn_type.criteria    ? 
_struct_conn_type.reference   ? 
# 
loop_
_pdbx_modification_feature.ordinal 
_pdbx_modification_feature.label_comp_id 
_pdbx_modification_feature.label_asym_id 
_pdbx_modification_feature.label_seq_id 
_pdbx_modification_feature.label_alt_id 
_pdbx_modification_feature.modified_residue_label_comp_id 
_pdbx_modification_feature.modified_residue_label_asym_id 
_pdbx_modification_feature.modified_residue_label_seq_id 
_pdbx_modification_feature.modified_residue_label_alt_id 
_pdbx_modification_feature.auth_comp_id 
_pdbx_modification_feature.auth_asym_id 
_pdbx_modification_feature.auth_seq_id 
_pdbx_modification_feature.PDB_ins_code 
_pdbx_modification_feature.symmetry 
_pdbx_modification_feature.modified_residue_auth_comp_id 
_pdbx_modification_feature.modified_residue_auth_asym_id 
_pdbx_modification_feature.modified_residue_auth_seq_id 
_pdbx_modification_feature.modified_residue_PDB_ins_code 
_pdbx_modification_feature.modified_residue_symmetry 
_pdbx_modification_feature.comp_id_linking_atom 
_pdbx_modification_feature.modified_residue_id_linking_atom 
_pdbx_modification_feature.modified_residue_id 
_pdbx_modification_feature.ref_pcm_id 
_pdbx_modification_feature.ref_comp_id 
_pdbx_modification_feature.type 
_pdbx_modification_feature.category 
1 CYS A 26 ? CYS A 115 ? CYS A 27 ? 1_555 CYS A 126 ? 1_555 SG SG . . . None 'Disulfide bridge' 
2 CYS A 28 ? CYS A 44  ? CYS A 29 ? 1_555 CYS A 45  ? 1_555 SG SG . . . None 'Disulfide bridge' 
3 CYS A 43 ? CYS A 95  ? CYS A 44 ? 1_555 CYS A 105 ? 1_555 SG SG . . . None 'Disulfide bridge' 
4 CYS A 49 ? CYS A 121 ? CYS A 50 ? 1_555 CYS A 133 ? 1_555 SG SG . . . None 'Disulfide bridge' 
5 CYS A 50 ? CYS A 88  ? CYS A 51 ? 1_555 CYS A 98  ? 1_555 SG SG . . . None 'Disulfide bridge' 
6 CYS A 57 ? CYS A 81  ? CYS A 61 ? 1_555 CYS A 91  ? 1_555 SG SG . . . None 'Disulfide bridge' 
7 CYS A 75 ? CYS A 86  ? CYS A 84 ? 1_555 CYS A 96  ? 1_555 SG SG . . . None 'Disulfide bridge' 
# 
_struct_mon_prot_cis.pdbx_id                1 
_struct_mon_prot_cis.label_comp_id          ILE 
_struct_mon_prot_cis.label_seq_id           18 
_struct_mon_prot_cis.label_asym_id          A 
_struct_mon_prot_cis.label_alt_id           . 
_struct_mon_prot_cis.pdbx_PDB_ins_code      ? 
_struct_mon_prot_cis.auth_comp_id           ILE 
_struct_mon_prot_cis.auth_seq_id            19 
_struct_mon_prot_cis.auth_asym_id           A 
_struct_mon_prot_cis.pdbx_label_comp_id_2   PRO 
_struct_mon_prot_cis.pdbx_label_seq_id_2    19 
_struct_mon_prot_cis.pdbx_label_asym_id_2   A 
_struct_mon_prot_cis.pdbx_PDB_ins_code_2    ? 
_struct_mon_prot_cis.pdbx_auth_comp_id_2    PRO 
_struct_mon_prot_cis.pdbx_auth_seq_id_2     20 
_struct_mon_prot_cis.pdbx_auth_asym_id_2    A 
_struct_mon_prot_cis.pdbx_PDB_model_num     1 
_struct_mon_prot_cis.pdbx_omega_angle       18.93 
# 
_struct_sheet.id               A 
_struct_sheet.type             ? 
_struct_sheet.number_strands   2 
_struct_sheet.details          ? 
# 
_struct_sheet_order.sheet_id     A 
_struct_sheet_order.range_id_1   1 
_struct_sheet_order.range_id_2   2 
_struct_sheet_order.offset       ? 
_struct_sheet_order.sense        anti-parallel 
# 
loop_
_struct_sheet_range.sheet_id 
_struct_sheet_range.id 
_struct_sheet_range.beg_label_comp_id 
_struct_sheet_range.beg_label_asym_id 
_struct_sheet_range.beg_label_seq_id 
_struct_sheet_range.pdbx_beg_PDB_ins_code 
_struct_sheet_range.end_label_comp_id 
_struct_sheet_range.end_label_asym_id 
_struct_sheet_range.end_label_seq_id 
_struct_sheet_range.pdbx_end_PDB_ins_code 
_struct_sheet_range.beg_auth_comp_id 
_struct_sheet_range.beg_auth_asym_id 
_struct_sheet_range.beg_auth_seq_id 
_struct_sheet_range.end_auth_comp_id 
_struct_sheet_range.end_auth_asym_id 
_struct_sheet_range.end_auth_seq_id 
A 1 TYR A 66 ? ARG A 68 ? TYR A 75 ARG A 77 
A 2 ILE A 73 ? CYS A 75 ? ILE A 82 CYS A 84 
# 
_pdbx_struct_sheet_hbond.sheet_id                A 
_pdbx_struct_sheet_hbond.range_id_1              1 
_pdbx_struct_sheet_hbond.range_id_2              2 
_pdbx_struct_sheet_hbond.range_1_label_atom_id   N 
_pdbx_struct_sheet_hbond.range_1_label_comp_id   LYS 
_pdbx_struct_sheet_hbond.range_1_label_asym_id   A 
_pdbx_struct_sheet_hbond.range_1_label_seq_id    67 
_pdbx_struct_sheet_hbond.range_1_PDB_ins_code    ? 
_pdbx_struct_sheet_hbond.range_1_auth_atom_id    N 
_pdbx_struct_sheet_hbond.range_1_auth_comp_id    LYS 
_pdbx_struct_sheet_hbond.range_1_auth_asym_id    A 
_pdbx_struct_sheet_hbond.range_1_auth_seq_id     76 
_pdbx_struct_sheet_hbond.range_2_label_atom_id   O 
_pdbx_struct_sheet_hbond.range_2_label_comp_id   VAL 
_pdbx_struct_sheet_hbond.range_2_label_asym_id   A 
_pdbx_struct_sheet_hbond.range_2_label_seq_id    74 
_pdbx_struct_sheet_hbond.range_2_PDB_ins_code    ? 
_pdbx_struct_sheet_hbond.range_2_auth_atom_id    O 
_pdbx_struct_sheet_hbond.range_2_auth_comp_id    VAL 
_pdbx_struct_sheet_hbond.range_2_auth_asym_id    A 
_pdbx_struct_sheet_hbond.range_2_auth_seq_id     83 
# 
loop_
_struct_site.id 
_struct_site.pdbx_evidence_code 
_struct_site.pdbx_auth_asym_id 
_struct_site.pdbx_auth_comp_id 
_struct_site.pdbx_auth_seq_id 
_struct_site.pdbx_auth_ins_code 
_struct_site.pdbx_num_residues 
_struct_site.details 
AC1 Software A SO4 301 ? 4  'BINDING SITE FOR RESIDUE SO4 A 301' 
AC2 Software ? ?   ?   ? 10 'BINDING SITE FOR CHAIN B OF VIAK'   
# 
loop_
_struct_site_gen.id 
_struct_site_gen.site_id 
_struct_site_gen.pdbx_num_res 
_struct_site_gen.label_comp_id 
_struct_site_gen.label_asym_id 
_struct_site_gen.label_seq_id 
_struct_site_gen.pdbx_auth_ins_code 
_struct_site_gen.auth_comp_id 
_struct_site_gen.auth_asym_id 
_struct_site_gen.auth_seq_id 
_struct_site_gen.label_atom_id 
_struct_site_gen.label_alt_id 
_struct_site_gen.symmetry 
_struct_site_gen.details 
1  AC1 4  SER A 104 ? SER A 114 . ? 3_664 ? 
2  AC1 4  LYS A 105 ? LYS A 115 . ? 3_664 ? 
3  AC1 4  LYS A 120 ? LYS A 131 . ? 1_555 ? 
4  AC1 4  HOH D .   ? HOH A 433 . ? 1_555 ? 
5  AC2 10 LEU A 2   ? LEU A 2   . ? 1_555 ? 
6  AC2 10 GLY A 6   ? GLY A 6   . ? 1_555 ? 
7  AC2 10 ALA A 17  ? ALA A 18  . ? 1_555 ? 
8  AC2 10 ILE A 18  ? ILE A 19  . ? 1_555 ? 
9  AC2 10 GLY A 29  ? GLY A 30  . ? 1_555 ? 
10 AC2 10 ASP A 48  ? ASP A 49  . ? 1_555 ? 
11 AC2 10 LYS A 60  ? LYS A 69  . ? 1_555 ? 
12 AC2 10 ASN A 101 ? ASN A 111 . ? 2_564 ? 
13 AC2 10 HOH E .   ? HOH B 101 . ? 1_555 ? 
14 AC2 10 HOH E .   ? HOH B 102 . ? 1_555 ? 
# 
_pdbx_entry_details.entry_id                   4GFY 
_pdbx_entry_details.compound_details           ? 
_pdbx_entry_details.source_details             ? 
_pdbx_entry_details.nonpolymer_details         ? 
_pdbx_entry_details.sequence_details           ? 
_pdbx_entry_details.has_ligand_of_interest     ? 
_pdbx_entry_details.has_protein_modification   Y 
# 
_pdbx_validate_rmsd_bond.id                        1 
_pdbx_validate_rmsd_bond.PDB_model_num             1 
_pdbx_validate_rmsd_bond.auth_atom_id_1            C 
_pdbx_validate_rmsd_bond.auth_asym_id_1            A 
_pdbx_validate_rmsd_bond.auth_comp_id_1            CYS 
_pdbx_validate_rmsd_bond.auth_seq_id_1             61 
_pdbx_validate_rmsd_bond.PDB_ins_code_1            ? 
_pdbx_validate_rmsd_bond.label_alt_id_1            ? 
_pdbx_validate_rmsd_bond.auth_atom_id_2            N 
_pdbx_validate_rmsd_bond.auth_asym_id_2            A 
_pdbx_validate_rmsd_bond.auth_comp_id_2            ASN 
_pdbx_validate_rmsd_bond.auth_seq_id_2             67 
_pdbx_validate_rmsd_bond.PDB_ins_code_2            ? 
_pdbx_validate_rmsd_bond.label_alt_id_2            ? 
_pdbx_validate_rmsd_bond.bond_value                1.491 
_pdbx_validate_rmsd_bond.bond_target_value         1.336 
_pdbx_validate_rmsd_bond.bond_deviation            0.155 
_pdbx_validate_rmsd_bond.bond_standard_deviation   0.023 
_pdbx_validate_rmsd_bond.linker_flag               Y 
# 
loop_
_pdbx_validate_torsion.id 
_pdbx_validate_torsion.PDB_model_num 
_pdbx_validate_torsion.auth_comp_id 
_pdbx_validate_torsion.auth_asym_id 
_pdbx_validate_torsion.auth_seq_id 
_pdbx_validate_torsion.PDB_ins_code 
_pdbx_validate_torsion.label_alt_id 
_pdbx_validate_torsion.phi 
_pdbx_validate_torsion.psi 
1 1 SER A 24 ? ? -149.65 50.76   
2 1 ASN A 79 ? ? -131.41 -70.73  
3 1 ALA B 3  ? ? 54.14   -174.14 
# 
loop_
_chem_comp_atom.comp_id 
_chem_comp_atom.atom_id 
_chem_comp_atom.type_symbol 
_chem_comp_atom.pdbx_aromatic_flag 
_chem_comp_atom.pdbx_stereo_config 
_chem_comp_atom.pdbx_ordinal 
ALA N    N N N 1   
ALA CA   C N S 2   
ALA C    C N N 3   
ALA O    O N N 4   
ALA CB   C N N 5   
ALA OXT  O N N 6   
ALA H    H N N 7   
ALA H2   H N N 8   
ALA HA   H N N 9   
ALA HB1  H N N 10  
ALA HB2  H N N 11  
ALA HB3  H N N 12  
ALA HXT  H N N 13  
ARG N    N N N 14  
ARG CA   C N S 15  
ARG C    C N N 16  
ARG O    O N N 17  
ARG CB   C N N 18  
ARG CG   C N N 19  
ARG CD   C N N 20  
ARG NE   N N N 21  
ARG CZ   C N N 22  
ARG NH1  N N N 23  
ARG NH2  N N N 24  
ARG OXT  O N N 25  
ARG H    H N N 26  
ARG H2   H N N 27  
ARG HA   H N N 28  
ARG HB2  H N N 29  
ARG HB3  H N N 30  
ARG HG2  H N N 31  
ARG HG3  H N N 32  
ARG HD2  H N N 33  
ARG HD3  H N N 34  
ARG HE   H N N 35  
ARG HH11 H N N 36  
ARG HH12 H N N 37  
ARG HH21 H N N 38  
ARG HH22 H N N 39  
ARG HXT  H N N 40  
ASN N    N N N 41  
ASN CA   C N S 42  
ASN C    C N N 43  
ASN O    O N N 44  
ASN CB   C N N 45  
ASN CG   C N N 46  
ASN OD1  O N N 47  
ASN ND2  N N N 48  
ASN OXT  O N N 49  
ASN H    H N N 50  
ASN H2   H N N 51  
ASN HA   H N N 52  
ASN HB2  H N N 53  
ASN HB3  H N N 54  
ASN HD21 H N N 55  
ASN HD22 H N N 56  
ASN HXT  H N N 57  
ASP N    N N N 58  
ASP CA   C N S 59  
ASP C    C N N 60  
ASP O    O N N 61  
ASP CB   C N N 62  
ASP CG   C N N 63  
ASP OD1  O N N 64  
ASP OD2  O N N 65  
ASP OXT  O N N 66  
ASP H    H N N 67  
ASP H2   H N N 68  
ASP HA   H N N 69  
ASP HB2  H N N 70  
ASP HB3  H N N 71  
ASP HD2  H N N 72  
ASP HXT  H N N 73  
CYS N    N N N 74  
CYS CA   C N R 75  
CYS C    C N N 76  
CYS O    O N N 77  
CYS CB   C N N 78  
CYS SG   S N N 79  
CYS OXT  O N N 80  
CYS H    H N N 81  
CYS H2   H N N 82  
CYS HA   H N N 83  
CYS HB2  H N N 84  
CYS HB3  H N N 85  
CYS HG   H N N 86  
CYS HXT  H N N 87  
GLN N    N N N 88  
GLN CA   C N S 89  
GLN C    C N N 90  
GLN O    O N N 91  
GLN CB   C N N 92  
GLN CG   C N N 93  
GLN CD   C N N 94  
GLN OE1  O N N 95  
GLN NE2  N N N 96  
GLN OXT  O N N 97  
GLN H    H N N 98  
GLN H2   H N N 99  
GLN HA   H N N 100 
GLN HB2  H N N 101 
GLN HB3  H N N 102 
GLN HG2  H N N 103 
GLN HG3  H N N 104 
GLN HE21 H N N 105 
GLN HE22 H N N 106 
GLN HXT  H N N 107 
GLU N    N N N 108 
GLU CA   C N S 109 
GLU C    C N N 110 
GLU O    O N N 111 
GLU CB   C N N 112 
GLU CG   C N N 113 
GLU CD   C N N 114 
GLU OE1  O N N 115 
GLU OE2  O N N 116 
GLU OXT  O N N 117 
GLU H    H N N 118 
GLU H2   H N N 119 
GLU HA   H N N 120 
GLU HB2  H N N 121 
GLU HB3  H N N 122 
GLU HG2  H N N 123 
GLU HG3  H N N 124 
GLU HE2  H N N 125 
GLU HXT  H N N 126 
GLY N    N N N 127 
GLY CA   C N N 128 
GLY C    C N N 129 
GLY O    O N N 130 
GLY OXT  O N N 131 
GLY H    H N N 132 
GLY H2   H N N 133 
GLY HA2  H N N 134 
GLY HA3  H N N 135 
GLY HXT  H N N 136 
HIS N    N N N 137 
HIS CA   C N S 138 
HIS C    C N N 139 
HIS O    O N N 140 
HIS CB   C N N 141 
HIS CG   C Y N 142 
HIS ND1  N Y N 143 
HIS CD2  C Y N 144 
HIS CE1  C Y N 145 
HIS NE2  N Y N 146 
HIS OXT  O N N 147 
HIS H    H N N 148 
HIS H2   H N N 149 
HIS HA   H N N 150 
HIS HB2  H N N 151 
HIS HB3  H N N 152 
HIS HD1  H N N 153 
HIS HD2  H N N 154 
HIS HE1  H N N 155 
HIS HE2  H N N 156 
HIS HXT  H N N 157 
HOH O    O N N 158 
HOH H1   H N N 159 
HOH H2   H N N 160 
ILE N    N N N 161 
ILE CA   C N S 162 
ILE C    C N N 163 
ILE O    O N N 164 
ILE CB   C N S 165 
ILE CG1  C N N 166 
ILE CG2  C N N 167 
ILE CD1  C N N 168 
ILE OXT  O N N 169 
ILE H    H N N 170 
ILE H2   H N N 171 
ILE HA   H N N 172 
ILE HB   H N N 173 
ILE HG12 H N N 174 
ILE HG13 H N N 175 
ILE HG21 H N N 176 
ILE HG22 H N N 177 
ILE HG23 H N N 178 
ILE HD11 H N N 179 
ILE HD12 H N N 180 
ILE HD13 H N N 181 
ILE HXT  H N N 182 
LEU N    N N N 183 
LEU CA   C N S 184 
LEU C    C N N 185 
LEU O    O N N 186 
LEU CB   C N N 187 
LEU CG   C N N 188 
LEU CD1  C N N 189 
LEU CD2  C N N 190 
LEU OXT  O N N 191 
LEU H    H N N 192 
LEU H2   H N N 193 
LEU HA   H N N 194 
LEU HB2  H N N 195 
LEU HB3  H N N 196 
LEU HG   H N N 197 
LEU HD11 H N N 198 
LEU HD12 H N N 199 
LEU HD13 H N N 200 
LEU HD21 H N N 201 
LEU HD22 H N N 202 
LEU HD23 H N N 203 
LEU HXT  H N N 204 
LYS N    N N N 205 
LYS CA   C N S 206 
LYS C    C N N 207 
LYS O    O N N 208 
LYS CB   C N N 209 
LYS CG   C N N 210 
LYS CD   C N N 211 
LYS CE   C N N 212 
LYS NZ   N N N 213 
LYS OXT  O N N 214 
LYS H    H N N 215 
LYS H2   H N N 216 
LYS HA   H N N 217 
LYS HB2  H N N 218 
LYS HB3  H N N 219 
LYS HG2  H N N 220 
LYS HG3  H N N 221 
LYS HD2  H N N 222 
LYS HD3  H N N 223 
LYS HE2  H N N 224 
LYS HE3  H N N 225 
LYS HZ1  H N N 226 
LYS HZ2  H N N 227 
LYS HZ3  H N N 228 
LYS HXT  H N N 229 
MET N    N N N 230 
MET CA   C N S 231 
MET C    C N N 232 
MET O    O N N 233 
MET CB   C N N 234 
MET CG   C N N 235 
MET SD   S N N 236 
MET CE   C N N 237 
MET OXT  O N N 238 
MET H    H N N 239 
MET H2   H N N 240 
MET HA   H N N 241 
MET HB2  H N N 242 
MET HB3  H N N 243 
MET HG2  H N N 244 
MET HG3  H N N 245 
MET HE1  H N N 246 
MET HE2  H N N 247 
MET HE3  H N N 248 
MET HXT  H N N 249 
PHE N    N N N 250 
PHE CA   C N S 251 
PHE C    C N N 252 
PHE O    O N N 253 
PHE CB   C N N 254 
PHE CG   C Y N 255 
PHE CD1  C Y N 256 
PHE CD2  C Y N 257 
PHE CE1  C Y N 258 
PHE CE2  C Y N 259 
PHE CZ   C Y N 260 
PHE OXT  O N N 261 
PHE H    H N N 262 
PHE H2   H N N 263 
PHE HA   H N N 264 
PHE HB2  H N N 265 
PHE HB3  H N N 266 
PHE HD1  H N N 267 
PHE HD2  H N N 268 
PHE HE1  H N N 269 
PHE HE2  H N N 270 
PHE HZ   H N N 271 
PHE HXT  H N N 272 
PRO N    N N N 273 
PRO CA   C N S 274 
PRO C    C N N 275 
PRO O    O N N 276 
PRO CB   C N N 277 
PRO CG   C N N 278 
PRO CD   C N N 279 
PRO OXT  O N N 280 
PRO H    H N N 281 
PRO HA   H N N 282 
PRO HB2  H N N 283 
PRO HB3  H N N 284 
PRO HG2  H N N 285 
PRO HG3  H N N 286 
PRO HD2  H N N 287 
PRO HD3  H N N 288 
PRO HXT  H N N 289 
SER N    N N N 290 
SER CA   C N S 291 
SER C    C N N 292 
SER O    O N N 293 
SER CB   C N N 294 
SER OG   O N N 295 
SER OXT  O N N 296 
SER H    H N N 297 
SER H2   H N N 298 
SER HA   H N N 299 
SER HB2  H N N 300 
SER HB3  H N N 301 
SER HG   H N N 302 
SER HXT  H N N 303 
SO4 S    S N N 304 
SO4 O1   O N N 305 
SO4 O2   O N N 306 
SO4 O3   O N N 307 
SO4 O4   O N N 308 
THR N    N N N 309 
THR CA   C N S 310 
THR C    C N N 311 
THR O    O N N 312 
THR CB   C N R 313 
THR OG1  O N N 314 
THR CG2  C N N 315 
THR OXT  O N N 316 
THR H    H N N 317 
THR H2   H N N 318 
THR HA   H N N 319 
THR HB   H N N 320 
THR HG1  H N N 321 
THR HG21 H N N 322 
THR HG22 H N N 323 
THR HG23 H N N 324 
THR HXT  H N N 325 
TRP N    N N N 326 
TRP CA   C N S 327 
TRP C    C N N 328 
TRP O    O N N 329 
TRP CB   C N N 330 
TRP CG   C Y N 331 
TRP CD1  C Y N 332 
TRP CD2  C Y N 333 
TRP NE1  N Y N 334 
TRP CE2  C Y N 335 
TRP CE3  C Y N 336 
TRP CZ2  C Y N 337 
TRP CZ3  C Y N 338 
TRP CH2  C Y N 339 
TRP OXT  O N N 340 
TRP H    H N N 341 
TRP H2   H N N 342 
TRP HA   H N N 343 
TRP HB2  H N N 344 
TRP HB3  H N N 345 
TRP HD1  H N N 346 
TRP HE1  H N N 347 
TRP HE3  H N N 348 
TRP HZ2  H N N 349 
TRP HZ3  H N N 350 
TRP HH2  H N N 351 
TRP HXT  H N N 352 
TYR N    N N N 353 
TYR CA   C N S 354 
TYR C    C N N 355 
TYR O    O N N 356 
TYR CB   C N N 357 
TYR CG   C Y N 358 
TYR CD1  C Y N 359 
TYR CD2  C Y N 360 
TYR CE1  C Y N 361 
TYR CE2  C Y N 362 
TYR CZ   C Y N 363 
TYR OH   O N N 364 
TYR OXT  O N N 365 
TYR H    H N N 366 
TYR H2   H N N 367 
TYR HA   H N N 368 
TYR HB2  H N N 369 
TYR HB3  H N N 370 
TYR HD1  H N N 371 
TYR HD2  H N N 372 
TYR HE1  H N N 373 
TYR HE2  H N N 374 
TYR HH   H N N 375 
TYR HXT  H N N 376 
VAL N    N N N 377 
VAL CA   C N S 378 
VAL C    C N N 379 
VAL O    O N N 380 
VAL CB   C N N 381 
VAL CG1  C N N 382 
VAL CG2  C N N 383 
VAL OXT  O N N 384 
VAL H    H N N 385 
VAL H2   H N N 386 
VAL HA   H N N 387 
VAL HB   H N N 388 
VAL HG11 H N N 389 
VAL HG12 H N N 390 
VAL HG13 H N N 391 
VAL HG21 H N N 392 
VAL HG22 H N N 393 
VAL HG23 H N N 394 
VAL HXT  H N N 395 
# 
loop_
_chem_comp_bond.comp_id 
_chem_comp_bond.atom_id_1 
_chem_comp_bond.atom_id_2 
_chem_comp_bond.value_order 
_chem_comp_bond.pdbx_aromatic_flag 
_chem_comp_bond.pdbx_stereo_config 
_chem_comp_bond.pdbx_ordinal 
ALA N   CA   sing N N 1   
ALA N   H    sing N N 2   
ALA N   H2   sing N N 3   
ALA CA  C    sing N N 4   
ALA CA  CB   sing N N 5   
ALA CA  HA   sing N N 6   
ALA C   O    doub N N 7   
ALA C   OXT  sing N N 8   
ALA CB  HB1  sing N N 9   
ALA CB  HB2  sing N N 10  
ALA CB  HB3  sing N N 11  
ALA OXT HXT  sing N N 12  
ARG N   CA   sing N N 13  
ARG N   H    sing N N 14  
ARG N   H2   sing N N 15  
ARG CA  C    sing N N 16  
ARG CA  CB   sing N N 17  
ARG CA  HA   sing N N 18  
ARG C   O    doub N N 19  
ARG C   OXT  sing N N 20  
ARG CB  CG   sing N N 21  
ARG CB  HB2  sing N N 22  
ARG CB  HB3  sing N N 23  
ARG CG  CD   sing N N 24  
ARG CG  HG2  sing N N 25  
ARG CG  HG3  sing N N 26  
ARG CD  NE   sing N N 27  
ARG CD  HD2  sing N N 28  
ARG CD  HD3  sing N N 29  
ARG NE  CZ   sing N N 30  
ARG NE  HE   sing N N 31  
ARG CZ  NH1  sing N N 32  
ARG CZ  NH2  doub N N 33  
ARG NH1 HH11 sing N N 34  
ARG NH1 HH12 sing N N 35  
ARG NH2 HH21 sing N N 36  
ARG NH2 HH22 sing N N 37  
ARG OXT HXT  sing N N 38  
ASN N   CA   sing N N 39  
ASN N   H    sing N N 40  
ASN N   H2   sing N N 41  
ASN CA  C    sing N N 42  
ASN CA  CB   sing N N 43  
ASN CA  HA   sing N N 44  
ASN C   O    doub N N 45  
ASN C   OXT  sing N N 46  
ASN CB  CG   sing N N 47  
ASN CB  HB2  sing N N 48  
ASN CB  HB3  sing N N 49  
ASN CG  OD1  doub N N 50  
ASN CG  ND2  sing N N 51  
ASN ND2 HD21 sing N N 52  
ASN ND2 HD22 sing N N 53  
ASN OXT HXT  sing N N 54  
ASP N   CA   sing N N 55  
ASP N   H    sing N N 56  
ASP N   H2   sing N N 57  
ASP CA  C    sing N N 58  
ASP CA  CB   sing N N 59  
ASP CA  HA   sing N N 60  
ASP C   O    doub N N 61  
ASP C   OXT  sing N N 62  
ASP CB  CG   sing N N 63  
ASP CB  HB2  sing N N 64  
ASP CB  HB3  sing N N 65  
ASP CG  OD1  doub N N 66  
ASP CG  OD2  sing N N 67  
ASP OD2 HD2  sing N N 68  
ASP OXT HXT  sing N N 69  
CYS N   CA   sing N N 70  
CYS N   H    sing N N 71  
CYS N   H2   sing N N 72  
CYS CA  C    sing N N 73  
CYS CA  CB   sing N N 74  
CYS CA  HA   sing N N 75  
CYS C   O    doub N N 76  
CYS C   OXT  sing N N 77  
CYS CB  SG   sing N N 78  
CYS CB  HB2  sing N N 79  
CYS CB  HB3  sing N N 80  
CYS SG  HG   sing N N 81  
CYS OXT HXT  sing N N 82  
GLN N   CA   sing N N 83  
GLN N   H    sing N N 84  
GLN N   H2   sing N N 85  
GLN CA  C    sing N N 86  
GLN CA  CB   sing N N 87  
GLN CA  HA   sing N N 88  
GLN C   O    doub N N 89  
GLN C   OXT  sing N N 90  
GLN CB  CG   sing N N 91  
GLN CB  HB2  sing N N 92  
GLN CB  HB3  sing N N 93  
GLN CG  CD   sing N N 94  
GLN CG  HG2  sing N N 95  
GLN CG  HG3  sing N N 96  
GLN CD  OE1  doub N N 97  
GLN CD  NE2  sing N N 98  
GLN NE2 HE21 sing N N 99  
GLN NE2 HE22 sing N N 100 
GLN OXT HXT  sing N N 101 
GLU N   CA   sing N N 102 
GLU N   H    sing N N 103 
GLU N   H2   sing N N 104 
GLU CA  C    sing N N 105 
GLU CA  CB   sing N N 106 
GLU CA  HA   sing N N 107 
GLU C   O    doub N N 108 
GLU C   OXT  sing N N 109 
GLU CB  CG   sing N N 110 
GLU CB  HB2  sing N N 111 
GLU CB  HB3  sing N N 112 
GLU CG  CD   sing N N 113 
GLU CG  HG2  sing N N 114 
GLU CG  HG3  sing N N 115 
GLU CD  OE1  doub N N 116 
GLU CD  OE2  sing N N 117 
GLU OE2 HE2  sing N N 118 
GLU OXT HXT  sing N N 119 
GLY N   CA   sing N N 120 
GLY N   H    sing N N 121 
GLY N   H2   sing N N 122 
GLY CA  C    sing N N 123 
GLY CA  HA2  sing N N 124 
GLY CA  HA3  sing N N 125 
GLY C   O    doub N N 126 
GLY C   OXT  sing N N 127 
GLY OXT HXT  sing N N 128 
HIS N   CA   sing N N 129 
HIS N   H    sing N N 130 
HIS N   H2   sing N N 131 
HIS CA  C    sing N N 132 
HIS CA  CB   sing N N 133 
HIS CA  HA   sing N N 134 
HIS C   O    doub N N 135 
HIS C   OXT  sing N N 136 
HIS CB  CG   sing N N 137 
HIS CB  HB2  sing N N 138 
HIS CB  HB3  sing N N 139 
HIS CG  ND1  sing Y N 140 
HIS CG  CD2  doub Y N 141 
HIS ND1 CE1  doub Y N 142 
HIS ND1 HD1  sing N N 143 
HIS CD2 NE2  sing Y N 144 
HIS CD2 HD2  sing N N 145 
HIS CE1 NE2  sing Y N 146 
HIS CE1 HE1  sing N N 147 
HIS NE2 HE2  sing N N 148 
HIS OXT HXT  sing N N 149 
HOH O   H1   sing N N 150 
HOH O   H2   sing N N 151 
ILE N   CA   sing N N 152 
ILE N   H    sing N N 153 
ILE N   H2   sing N N 154 
ILE CA  C    sing N N 155 
ILE CA  CB   sing N N 156 
ILE CA  HA   sing N N 157 
ILE C   O    doub N N 158 
ILE C   OXT  sing N N 159 
ILE CB  CG1  sing N N 160 
ILE CB  CG2  sing N N 161 
ILE CB  HB   sing N N 162 
ILE CG1 CD1  sing N N 163 
ILE CG1 HG12 sing N N 164 
ILE CG1 HG13 sing N N 165 
ILE CG2 HG21 sing N N 166 
ILE CG2 HG22 sing N N 167 
ILE CG2 HG23 sing N N 168 
ILE CD1 HD11 sing N N 169 
ILE CD1 HD12 sing N N 170 
ILE CD1 HD13 sing N N 171 
ILE OXT HXT  sing N N 172 
LEU N   CA   sing N N 173 
LEU N   H    sing N N 174 
LEU N   H2   sing N N 175 
LEU CA  C    sing N N 176 
LEU CA  CB   sing N N 177 
LEU CA  HA   sing N N 178 
LEU C   O    doub N N 179 
LEU C   OXT  sing N N 180 
LEU CB  CG   sing N N 181 
LEU CB  HB2  sing N N 182 
LEU CB  HB3  sing N N 183 
LEU CG  CD1  sing N N 184 
LEU CG  CD2  sing N N 185 
LEU CG  HG   sing N N 186 
LEU CD1 HD11 sing N N 187 
LEU CD1 HD12 sing N N 188 
LEU CD1 HD13 sing N N 189 
LEU CD2 HD21 sing N N 190 
LEU CD2 HD22 sing N N 191 
LEU CD2 HD23 sing N N 192 
LEU OXT HXT  sing N N 193 
LYS N   CA   sing N N 194 
LYS N   H    sing N N 195 
LYS N   H2   sing N N 196 
LYS CA  C    sing N N 197 
LYS CA  CB   sing N N 198 
LYS CA  HA   sing N N 199 
LYS C   O    doub N N 200 
LYS C   OXT  sing N N 201 
LYS CB  CG   sing N N 202 
LYS CB  HB2  sing N N 203 
LYS CB  HB3  sing N N 204 
LYS CG  CD   sing N N 205 
LYS CG  HG2  sing N N 206 
LYS CG  HG3  sing N N 207 
LYS CD  CE   sing N N 208 
LYS CD  HD2  sing N N 209 
LYS CD  HD3  sing N N 210 
LYS CE  NZ   sing N N 211 
LYS CE  HE2  sing N N 212 
LYS CE  HE3  sing N N 213 
LYS NZ  HZ1  sing N N 214 
LYS NZ  HZ2  sing N N 215 
LYS NZ  HZ3  sing N N 216 
LYS OXT HXT  sing N N 217 
MET N   CA   sing N N 218 
MET N   H    sing N N 219 
MET N   H2   sing N N 220 
MET CA  C    sing N N 221 
MET CA  CB   sing N N 222 
MET CA  HA   sing N N 223 
MET C   O    doub N N 224 
MET C   OXT  sing N N 225 
MET CB  CG   sing N N 226 
MET CB  HB2  sing N N 227 
MET CB  HB3  sing N N 228 
MET CG  SD   sing N N 229 
MET CG  HG2  sing N N 230 
MET CG  HG3  sing N N 231 
MET SD  CE   sing N N 232 
MET CE  HE1  sing N N 233 
MET CE  HE2  sing N N 234 
MET CE  HE3  sing N N 235 
MET OXT HXT  sing N N 236 
PHE N   CA   sing N N 237 
PHE N   H    sing N N 238 
PHE N   H2   sing N N 239 
PHE CA  C    sing N N 240 
PHE CA  CB   sing N N 241 
PHE CA  HA   sing N N 242 
PHE C   O    doub N N 243 
PHE C   OXT  sing N N 244 
PHE CB  CG   sing N N 245 
PHE CB  HB2  sing N N 246 
PHE CB  HB3  sing N N 247 
PHE CG  CD1  doub Y N 248 
PHE CG  CD2  sing Y N 249 
PHE CD1 CE1  sing Y N 250 
PHE CD1 HD1  sing N N 251 
PHE CD2 CE2  doub Y N 252 
PHE CD2 HD2  sing N N 253 
PHE CE1 CZ   doub Y N 254 
PHE CE1 HE1  sing N N 255 
PHE CE2 CZ   sing Y N 256 
PHE CE2 HE2  sing N N 257 
PHE CZ  HZ   sing N N 258 
PHE OXT HXT  sing N N 259 
PRO N   CA   sing N N 260 
PRO N   CD   sing N N 261 
PRO N   H    sing N N 262 
PRO CA  C    sing N N 263 
PRO CA  CB   sing N N 264 
PRO CA  HA   sing N N 265 
PRO C   O    doub N N 266 
PRO C   OXT  sing N N 267 
PRO CB  CG   sing N N 268 
PRO CB  HB2  sing N N 269 
PRO CB  HB3  sing N N 270 
PRO CG  CD   sing N N 271 
PRO CG  HG2  sing N N 272 
PRO CG  HG3  sing N N 273 
PRO CD  HD2  sing N N 274 
PRO CD  HD3  sing N N 275 
PRO OXT HXT  sing N N 276 
SER N   CA   sing N N 277 
SER N   H    sing N N 278 
SER N   H2   sing N N 279 
SER CA  C    sing N N 280 
SER CA  CB   sing N N 281 
SER CA  HA   sing N N 282 
SER C   O    doub N N 283 
SER C   OXT  sing N N 284 
SER CB  OG   sing N N 285 
SER CB  HB2  sing N N 286 
SER CB  HB3  sing N N 287 
SER OG  HG   sing N N 288 
SER OXT HXT  sing N N 289 
SO4 S   O1   doub N N 290 
SO4 S   O2   doub N N 291 
SO4 S   O3   sing N N 292 
SO4 S   O4   sing N N 293 
THR N   CA   sing N N 294 
THR N   H    sing N N 295 
THR N   H2   sing N N 296 
THR CA  C    sing N N 297 
THR CA  CB   sing N N 298 
THR CA  HA   sing N N 299 
THR C   O    doub N N 300 
THR C   OXT  sing N N 301 
THR CB  OG1  sing N N 302 
THR CB  CG2  sing N N 303 
THR CB  HB   sing N N 304 
THR OG1 HG1  sing N N 305 
THR CG2 HG21 sing N N 306 
THR CG2 HG22 sing N N 307 
THR CG2 HG23 sing N N 308 
THR OXT HXT  sing N N 309 
TRP N   CA   sing N N 310 
TRP N   H    sing N N 311 
TRP N   H2   sing N N 312 
TRP CA  C    sing N N 313 
TRP CA  CB   sing N N 314 
TRP CA  HA   sing N N 315 
TRP C   O    doub N N 316 
TRP C   OXT  sing N N 317 
TRP CB  CG   sing N N 318 
TRP CB  HB2  sing N N 319 
TRP CB  HB3  sing N N 320 
TRP CG  CD1  doub Y N 321 
TRP CG  CD2  sing Y N 322 
TRP CD1 NE1  sing Y N 323 
TRP CD1 HD1  sing N N 324 
TRP CD2 CE2  doub Y N 325 
TRP CD2 CE3  sing Y N 326 
TRP NE1 CE2  sing Y N 327 
TRP NE1 HE1  sing N N 328 
TRP CE2 CZ2  sing Y N 329 
TRP CE3 CZ3  doub Y N 330 
TRP CE3 HE3  sing N N 331 
TRP CZ2 CH2  doub Y N 332 
TRP CZ2 HZ2  sing N N 333 
TRP CZ3 CH2  sing Y N 334 
TRP CZ3 HZ3  sing N N 335 
TRP CH2 HH2  sing N N 336 
TRP OXT HXT  sing N N 337 
TYR N   CA   sing N N 338 
TYR N   H    sing N N 339 
TYR N   H2   sing N N 340 
TYR CA  C    sing N N 341 
TYR CA  CB   sing N N 342 
TYR CA  HA   sing N N 343 
TYR C   O    doub N N 344 
TYR C   OXT  sing N N 345 
TYR CB  CG   sing N N 346 
TYR CB  HB2  sing N N 347 
TYR CB  HB3  sing N N 348 
TYR CG  CD1  doub Y N 349 
TYR CG  CD2  sing Y N 350 
TYR CD1 CE1  sing Y N 351 
TYR CD1 HD1  sing N N 352 
TYR CD2 CE2  doub Y N 353 
TYR CD2 HD2  sing N N 354 
TYR CE1 CZ   doub Y N 355 
TYR CE1 HE1  sing N N 356 
TYR CE2 CZ   sing Y N 357 
TYR CE2 HE2  sing N N 358 
TYR CZ  OH   sing N N 359 
TYR OH  HH   sing N N 360 
TYR OXT HXT  sing N N 361 
VAL N   CA   sing N N 362 
VAL N   H    sing N N 363 
VAL N   H2   sing N N 364 
VAL CA  C    sing N N 365 
VAL CA  CB   sing N N 366 
VAL CA  HA   sing N N 367 
VAL C   O    doub N N 368 
VAL C   OXT  sing N N 369 
VAL CB  CG1  sing N N 370 
VAL CB  CG2  sing N N 371 
VAL CB  HB   sing N N 372 
VAL CG1 HG11 sing N N 373 
VAL CG1 HG12 sing N N 374 
VAL CG1 HG13 sing N N 375 
VAL CG2 HG21 sing N N 376 
VAL CG2 HG22 sing N N 377 
VAL CG2 HG23 sing N N 378 
VAL OXT HXT  sing N N 379 
# 
_pdbx_initial_refinement_model.id               1 
_pdbx_initial_refinement_model.entity_id_list   ? 
_pdbx_initial_refinement_model.type             'experimental model' 
_pdbx_initial_refinement_model.source_name      PDB 
_pdbx_initial_refinement_model.accession_code   4FGA 
_pdbx_initial_refinement_model.details          ? 
# 
_atom_sites.entry_id                    4GFY 
_atom_sites.fract_transf_matrix[1][1]   -0.00317454 
_atom_sites.fract_transf_matrix[1][2]   -0.00540963 
_atom_sites.fract_transf_matrix[1][3]   -0.01778115 
_atom_sites.fract_transf_matrix[2][1]   -0.00386464 
_atom_sites.fract_transf_matrix[2][2]   -0.01745225 
_atom_sites.fract_transf_matrix[2][3]   0.00599954 
_atom_sites.fract_transf_matrix[3][1]   -0.01989295 
_atom_sites.fract_transf_matrix[3][2]   0.00509334 
_atom_sites.fract_transf_matrix[3][3]   0.00200201 
_atom_sites.fract_transf_vector[1]      0.160944 
_atom_sites.fract_transf_vector[2]      0.467971 
_atom_sites.fract_transf_vector[3]      -0.004322 
# 
loop_
_atom_type.symbol 
C 
N 
O 
S 
# 
loop_
_atom_site.group_PDB 
_atom_site.id 
_atom_site.type_symbol 
_atom_site.label_atom_id 
_atom_site.label_alt_id 
_atom_site.label_comp_id 
_atom_site.label_asym_id 
_atom_site.label_entity_id 
_atom_site.label_seq_id 
_atom_site.pdbx_PDB_ins_code 
_atom_site.Cartn_x 
_atom_site.Cartn_y 
_atom_site.Cartn_z 
_atom_site.occupancy 
_atom_site.B_iso_or_equiv 
_atom_site.pdbx_formal_charge 
_atom_site.auth_seq_id 
_atom_site.auth_comp_id 
_atom_site.auth_asym_id 
_atom_site.auth_atom_id 
_atom_site.pdbx_PDB_model_num 
ATOM   1    N N   . SER A 1 1   ? 4.109   6.278   -8.410  1.00 13.77 ? 1   SER A N   1 
ATOM   2    C CA  . SER A 1 1   ? 5.403   6.157   -7.689  1.00 15.24 ? 1   SER A CA  1 
ATOM   3    C C   . SER A 1 1   ? 5.200   6.316   -6.186  1.00 16.35 ? 1   SER A C   1 
ATOM   4    O O   . SER A 1 1   ? 4.163   6.818   -5.739  1.00 16.57 ? 1   SER A O   1 
ATOM   5    C CB  . SER A 1 1   ? 6.391   7.216   -8.170  1.00 14.60 ? 1   SER A CB  1 
ATOM   6    O OG  . SER A 1 1   ? 6.148   8.443   -7.510  1.00 14.02 ? 1   SER A OG  1 
ATOM   7    N N   . LEU A 1 2   ? 6.204   5.917   -5.408  1.00 16.43 ? 2   LEU A N   1 
ATOM   8    C CA  . LEU A 1 2   ? 6.131   6.035   -3.963  1.00 17.42 ? 2   LEU A CA  1 
ATOM   9    C C   . LEU A 1 2   ? 5.807   7.447   -3.509  1.00 17.02 ? 2   LEU A C   1 
ATOM   10   O O   . LEU A 1 2   ? 5.045   7.634   -2.590  1.00 17.47 ? 2   LEU A O   1 
ATOM   11   C CB  . LEU A 1 2   ? 7.389   5.494   -3.309  1.00 17.69 ? 2   LEU A CB  1 
ATOM   12   C CG  . LEU A 1 2   ? 7.476   3.993   -3.579  1.00 19.30 ? 2   LEU A CG  1 
ATOM   13   C CD1 . LEU A 1 2   ? 8.786   3.419   -3.077  1.00 19.99 ? 2   LEU A CD1 1 
ATOM   14   C CD2 . LEU A 1 2   ? 6.301   3.226   -2.997  1.00 20.11 ? 2   LEU A CD2 1 
ATOM   15   N N   . LEU A 1 3   ? 6.248   8.443   -4.188  1.00 17.34 ? 3   LEU A N   1 
ATOM   16   C CA  . LEU A 1 3   ? 5.938   9.803   -3.860  1.00 17.90 ? 3   LEU A CA  1 
ATOM   17   C C   . LEU A 1 3   ? 4.441   10.092  -3.874  1.00 17.85 ? 3   LEU A C   1 
ATOM   18   O O   . LEU A 1 3   ? 3.973   10.828  -3.109  1.00 17.65 ? 3   LEU A O   1 
ATOM   19   C CB  . LEU A 1 3   ? 6.564   10.637  -4.942  1.00 18.13 ? 3   LEU A CB  1 
ATOM   20   C CG  . LEU A 1 3   ? 7.301   11.932  -4.793  1.00 20.17 ? 3   LEU A CG  1 
ATOM   21   C CD1 . LEU A 1 3   ? 6.497   13.071  -5.382  1.00 21.08 ? 3   LEU A CD1 1 
ATOM   22   C CD2 . LEU A 1 3   ? 7.791   12.116  -3.381  1.00 20.88 ? 3   LEU A CD2 1 
ATOM   23   N N   . GLU A 1 4   ? 3.714   9.536   -4.819  1.00 18.39 ? 4   GLU A N   1 
ATOM   24   C CA  . GLU A 1 4   ? 2.253   9.692   -4.852  1.00 17.48 ? 4   GLU A CA  1 
ATOM   25   C C   . GLU A 1 4   ? 1.507   8.796   -3.871  1.00 17.27 ? 4   GLU A C   1 
ATOM   26   O O   . GLU A 1 4   ? 0.669   9.294   -3.130  1.00 19.12 ? 4   GLU A O   1 
ATOM   27   C CB  . GLU A 1 4   ? 1.699   9.446   -6.255  1.00 18.24 ? 4   GLU A CB  1 
ATOM   28   C CG  . GLU A 1 4   ? 1.940   10.543  -7.254  1.00 18.27 ? 4   GLU A CG  1 
ATOM   29   C CD  . GLU A 1 4   ? 3.313   10.462  -7.840  1.00 21.50 ? 4   GLU A CD  1 
ATOM   30   O OE1 . GLU A 1 4   ? 3.882   11.521  -8.178  1.00 25.50 ? 4   GLU A OE1 1 
ATOM   31   O OE2 . GLU A 1 4   ? 3.843   9.341   -7.941  1.00 21.37 ? 4   GLU A OE2 1 
ATOM   32   N N   . PHE A 1 5   ? 1.873   7.509   -3.726  1.00 19.03 ? 5   PHE A N   1 
ATOM   33   C CA  . PHE A 1 5   ? 1.246   6.629   -2.781  1.00 14.92 ? 5   PHE A CA  1 
ATOM   34   C C   . PHE A 1 5   ? 1.368   7.153   -1.380  1.00 15.28 ? 5   PHE A C   1 
ATOM   35   O O   . PHE A 1 5   ? 0.445   7.116   -0.680  1.00 16.50 ? 5   PHE A O   1 
ATOM   36   C CB  . PHE A 1 5   ? 1.967   5.293   -2.849  1.00 13.62 ? 5   PHE A CB  1 
ATOM   37   C CG  . PHE A 1 5   ? 1.323   4.187   -2.076  1.00 12.47 ? 5   PHE A CG  1 
ATOM   38   C CD1 . PHE A 1 5   ? 0.004   4.140   -1.942  1.00 11.70 ? 5   PHE A CD1 1 
ATOM   39   C CD2 . PHE A 1 5   ? 2.039   3.219   -1.562  1.00 11.32 ? 5   PHE A CD2 1 
ATOM   40   C CE1 . PHE A 1 5   ? -0.597  3.146   -1.296  1.00 12.21 ? 5   PHE A CE1 1 
ATOM   41   C CE2 . PHE A 1 5   ? 1.459   2.227   -0.894  1.00 14.25 ? 5   PHE A CE2 1 
ATOM   42   C CZ  . PHE A 1 5   ? 0.132   2.182   -0.770  1.00 14.09 ? 5   PHE A CZ  1 
ATOM   43   N N   . GLY A 1 6   ? 2.501   7.666   -0.974  1.00 15.14 ? 6   GLY A N   1 
ATOM   44   C CA  . GLY A 1 6   ? 2.658   8.257   0.326   1.00 15.30 ? 6   GLY A CA  1 
ATOM   45   C C   . GLY A 1 6   ? 1.912   9.498   0.717   1.00 16.27 ? 6   GLY A C   1 
ATOM   46   O O   . GLY A 1 6   ? 1.613   9.688   1.837   1.00 15.81 ? 6   GLY A O   1 
ATOM   47   N N   . LYS A 1 7   ? 1.774   10.402  -0.215  1.00 16.37 ? 7   LYS A N   1 
ATOM   48   C CA  . LYS A 1 7   ? 0.959   11.578  -0.177  1.00 17.29 ? 7   LYS A CA  1 
ATOM   49   C C   . LYS A 1 7   ? -0.477  11.225  -0.158  1.00 17.79 ? 7   LYS A C   1 
ATOM   50   O O   . LYS A 1 7   ? -1.247  11.874  0.426   1.00 18.94 ? 7   LYS A O   1 
ATOM   51   C CB  . LYS A 1 7   ? 1.292   12.472  -1.373  1.00 19.28 ? 7   LYS A CB  1 
ATOM   52   C CG  . LYS A 1 7   ? 0.527   13.757  -1.564  1.00 22.16 ? 7   LYS A CG  1 
ATOM   53   C CD  . LYS A 1 7   ? 0.511   14.110  -3.019  1.00 24.74 ? 7   LYS A CD  1 
ATOM   54   C CE  . LYS A 1 7   ? -0.287  15.340  -3.305  1.00 29.60 ? 7   LYS A CE  1 
ATOM   55   N NZ  . LYS A 1 7   ? -1.242  15.219  -4.434  1.00 31.27 ? 7   LYS A NZ  1 
ATOM   56   N N   . MET A 1 8   ? -0.819  10.211  -0.903  1.00 17.51 ? 8   MET A N   1 
ATOM   57   C CA  . MET A 1 8   ? -2.158  9.613   -0.881  1.00 15.63 ? 8   MET A CA  1 
ATOM   58   C C   . MET A 1 8   ? -2.452  8.959   0.481   1.00 15.29 ? 8   MET A C   1 
ATOM   59   O O   . MET A 1 8   ? -3.533  9.143   1.024   1.00 15.57 ? 8   MET A O   1 
ATOM   60   C CB  . MET A 1 8   ? -2.271  8.583   -2.015  1.00 16.20 ? 8   MET A CB  1 
ATOM   61   C CG  . MET A 1 8   ? -3.650  8.045   -2.314  1.00 15.14 ? 8   MET A CG  1 
ATOM   62   S SD  . MET A 1 8   ? -3.598  6.899   -3.700  1.00 13.71 ? 8   MET A SD  1 
ATOM   63   C CE  . MET A 1 8   ? -3.262  7.973   -5.060  1.00 7.36  ? 8   MET A CE  1 
ATOM   64   N N   . ILE A 1 9   ? -1.503  8.205   1.040   1.00 14.86 ? 9   ILE A N   1 
ATOM   65   C CA  . ILE A 1 9   ? -1.677  7.625   2.390   1.00 14.72 ? 9   ILE A CA  1 
ATOM   66   C C   . ILE A 1 9   ? -1.953  8.741   3.391   1.00 16.67 ? 9   ILE A C   1 
ATOM   67   O O   . ILE A 1 9   ? -2.987  8.728   4.071   1.00 17.21 ? 9   ILE A O   1 
ATOM   68   C CB  . ILE A 1 9   ? -0.428  6.864   2.911   1.00 14.00 ? 9   ILE A CB  1 
ATOM   69   C CG1 . ILE A 1 9   ? -0.009  5.702   1.998   1.00 14.60 ? 9   ILE A CG1 1 
ATOM   70   C CG2 . ILE A 1 9   ? -0.666  6.353   4.291   1.00 8.87  ? 9   ILE A CG2 1 
ATOM   71   C CD1 . ILE A 1 9   ? -1.141  4.803   1.567   1.00 14.46 ? 9   ILE A CD1 1 
ATOM   72   N N   . LEU A 1 10  ? -1.006  9.692   3.483   1.00 18.05 ? 10  LEU A N   1 
ATOM   73   C CA  . LEU A 1 10  ? -1.094  10.861  4.364   1.00 15.94 ? 10  LEU A CA  1 
ATOM   74   C C   . LEU A 1 10  ? -2.404  11.628  4.223   1.00 16.24 ? 10  LEU A C   1 
ATOM   75   O O   . LEU A 1 10  ? -2.981  12.010  5.217   1.00 18.12 ? 10  LEU A O   1 
ATOM   76   C CB  . LEU A 1 10  ? 0.089   11.815  4.154   1.00 15.23 ? 10  LEU A CB  1 
ATOM   77   C CG  . LEU A 1 10  ? -0.029  13.219  4.767   1.00 14.75 ? 10  LEU A CG  1 
ATOM   78   C CD1 . LEU A 1 10  ? -0.180  13.145  6.267   1.00 12.06 ? 10  LEU A CD1 1 
ATOM   79   C CD2 . LEU A 1 10  ? 1.169   14.065  4.435   1.00 15.12 ? 10  LEU A CD2 1 
ATOM   80   N N   . GLU A 1 11  ? -2.857  11.843  2.997   1.00 15.68 ? 11  GLU A N   1 
ATOM   81   C CA  . GLU A 1 11  ? -4.107  12.553  2.776   1.00 15.17 ? 11  GLU A CA  1 
ATOM   82   C C   . GLU A 1 11  ? -5.261  11.771  3.393   1.00 15.80 ? 11  GLU A C   1 
ATOM   83   O O   . GLU A 1 11  ? -6.203  12.347  3.937   1.00 16.62 ? 11  GLU A O   1 
ATOM   84   C CB  . GLU A 1 11  ? -4.351  12.761  1.281   1.00 13.21 ? 11  GLU A CB  1 
ATOM   85   C CG  . GLU A 1 11  ? -3.504  13.860  0.662   1.00 15.78 ? 11  GLU A CG  1 
ATOM   86   C CD  . GLU A 1 11  ? -3.745  14.014  -0.827  1.00 17.16 ? 11  GLU A CD  1 
ATOM   87   O OE1 . GLU A 1 11  ? -4.218  13.045  -1.457  1.00 19.84 ? 11  GLU A OE1 1 
ATOM   88   O OE2 . GLU A 1 11  ? -3.464  15.104  -1.367  1.00 18.70 ? 11  GLU A OE2 1 
ATOM   89   N N   . GLU A 1 12  ? -5.178  10.451  3.282   1.00 15.69 ? 12  GLU A N   1 
ATOM   90   C CA  . GLU A 1 12  ? -6.295  9.559   3.573   1.00 14.22 ? 12  GLU A CA  1 
ATOM   91   C C   . GLU A 1 12  ? -6.398  9.212   5.056   1.00 15.29 ? 12  GLU A C   1 
ATOM   92   O O   . GLU A 1 12  ? -7.446  9.375   5.646   1.00 15.14 ? 12  GLU A O   1 
ATOM   93   C CB  . GLU A 1 12  ? -6.159  8.300   2.720   1.00 11.93 ? 12  GLU A CB  1 
ATOM   94   C CG  . GLU A 1 12  ? -7.406  7.479   2.613   1.00 8.57  ? 12  GLU A CG  1 
ATOM   95   C CD  . GLU A 1 12  ? -8.436  8.063   1.685   1.00 8.84  ? 12  GLU A CD  1 
ATOM   96   O OE1 . GLU A 1 12  ? -9.550  7.549   1.664   1.00 10.53 ? 12  GLU A OE1 1 
ATOM   97   O OE2 . GLU A 1 12  ? -8.172  9.032   0.960   1.00 10.89 ? 12  GLU A OE2 1 
ATOM   98   N N   . THR A 1 13  ? -5.299  8.751   5.649   1.00 16.34 ? 13  THR A N   1 
ATOM   99   C CA  . THR A 1 13  ? -5.275  8.237   7.011   1.00 17.93 ? 13  THR A CA  1 
ATOM   100  C C   . THR A 1 13  ? -4.824  9.259   8.052   1.00 18.75 ? 13  THR A C   1 
ATOM   101  O O   . THR A 1 13  ? -4.975  9.034   9.233   1.00 20.45 ? 13  THR A O   1 
ATOM   102  C CB  . THR A 1 13  ? -4.286  7.083   7.087   1.00 17.81 ? 13  THR A CB  1 
ATOM   103  O OG1 . THR A 1 13  ? -2.996  7.585   6.747   1.00 17.85 ? 13  THR A OG1 1 
ATOM   104  C CG2 . THR A 1 13  ? -4.611  6.033   6.061   1.00 19.12 ? 13  THR A CG2 1 
ATOM   105  N N   . GLY A 1 14  ? -4.113  10.278  7.656   1.00 19.96 ? 14  GLY A N   1 
ATOM   106  C CA  . GLY A 1 14  ? -3.517  11.192  8.594   1.00 18.75 ? 14  GLY A CA  1 
ATOM   107  C C   . GLY A 1 14  ? -2.148  10.879  9.063   1.00 19.03 ? 14  GLY A C   1 
ATOM   108  O O   . GLY A 1 14  ? -1.575  11.663  9.711   1.00 19.77 ? 14  GLY A O   1 
ATOM   109  N N   . LYS A 1 15  ? -1.636  9.719   8.709   1.00 21.92 ? 16  LYS A N   1 
ATOM   110  C CA  . LYS A 1 15  ? -0.407  9.152   9.209   1.00 22.06 ? 16  LYS A CA  1 
ATOM   111  C C   . LYS A 1 15  ? 0.599   9.119   8.133   1.00 22.02 ? 16  LYS A C   1 
ATOM   112  O O   . LYS A 1 15  ? 0.305   9.075   7.014   1.00 21.51 ? 16  LYS A O   1 
ATOM   113  C CB  . LYS A 1 15  ? -0.612  7.756   9.687   1.00 22.64 ? 16  LYS A CB  1 
ATOM   114  C CG  . LYS A 1 15  ? -1.540  7.581   10.845  1.00 24.13 ? 16  LYS A CG  1 
ATOM   115  C CD  . LYS A 1 15  ? -1.730  6.114   11.081  1.00 25.02 ? 16  LYS A CD  1 
ATOM   116  C CE  . LYS A 1 15  ? -2.161  5.797   12.466  1.00 26.20 ? 16  LYS A CE  1 
ATOM   117  N NZ  . LYS A 1 15  ? -1.009  5.858   13.344  1.00 29.10 ? 16  LYS A NZ  1 
ATOM   118  N N   . LEU A 1 16  ? 1.829   9.229   8.510   1.00 22.87 ? 17  LEU A N   1 
ATOM   119  C CA  . LEU A 1 16  ? 2.875   9.245   7.554   1.00 23.29 ? 17  LEU A CA  1 
ATOM   120  C C   . LEU A 1 16  ? 3.203   7.875   7.100   1.00 23.52 ? 17  LEU A C   1 
ATOM   121  O O   . LEU A 1 16  ? 3.318   7.007   7.864   1.00 23.51 ? 17  LEU A O   1 
ATOM   122  C CB  . LEU A 1 16  ? 4.095   9.892   8.162   1.00 22.32 ? 17  LEU A CB  1 
ATOM   123  C CG  . LEU A 1 16  ? 4.067   11.400  8.302   1.00 20.84 ? 17  LEU A CG  1 
ATOM   124  C CD1 . LEU A 1 16  ? 4.846   11.858  9.498   1.00 17.68 ? 17  LEU A CD1 1 
ATOM   125  C CD2 . LEU A 1 16  ? 4.551   12.083  7.069   1.00 17.18 ? 17  LEU A CD2 1 
ATOM   126  N N   . ALA A 1 17  ? 3.290   7.794   5.873   1.00 24.33 ? 18  ALA A N   1 
ATOM   127  C CA  . ALA A 1 17  ? 3.524   6.434   5.347   1.00 25.03 ? 18  ALA A CA  1 
ATOM   128  C C   . ALA A 1 17  ? 4.759   5.785   5.954   1.00 25.80 ? 18  ALA A C   1 
ATOM   129  O O   . ALA A 1 17  ? 4.713   4.624   6.337   1.00 25.53 ? 18  ALA A O   1 
ATOM   130  C CB  . ALA A 1 17  ? 3.656   6.545   3.855   1.00 24.69 ? 18  ALA A CB  1 
ATOM   131  N N   . ILE A 1 18  ? 5.864   6.554   6.032   1.00 27.02 ? 19  ILE A N   1 
ATOM   132  C CA  . ILE A 1 18  ? 7.004   6.143   6.826   1.00 28.81 ? 19  ILE A CA  1 
ATOM   133  C C   . ILE A 1 18  ? 6.861   6.957   8.174   1.00 29.40 ? 19  ILE A C   1 
ATOM   134  O O   . ILE A 1 18  ? 6.931   8.192   8.154   1.00 30.25 ? 19  ILE A O   1 
ATOM   135  C CB  . ILE A 1 18  ? 8.315   6.607   6.124   1.00 29.50 ? 19  ILE A CB  1 
ATOM   136  C CG1 . ILE A 1 18  ? 8.499   5.955   4.770   1.00 29.77 ? 19  ILE A CG1 1 
ATOM   137  C CG2 . ILE A 1 18  ? 9.524   6.289   7.019   1.00 26.64 ? 19  ILE A CG2 1 
ATOM   138  C CD1 . ILE A 1 18  ? 9.548   6.734   3.957   1.00 30.81 ? 19  ILE A CD1 1 
ATOM   139  N N   . PRO A 1 19  ? 6.710   6.320   9.330   1.00 28.57 ? 20  PRO A N   1 
ATOM   140  C CA  . PRO A 1 19  ? 6.975   4.995   9.731   1.00 28.28 ? 20  PRO A CA  1 
ATOM   141  C C   . PRO A 1 19  ? 5.684   4.165   9.919   1.00 28.21 ? 20  PRO A C   1 
ATOM   142  O O   . PRO A 1 19  ? 5.772   2.968   10.269  1.00 30.13 ? 20  PRO A O   1 
ATOM   143  C CB  . PRO A 1 19  ? 7.630   5.201   11.071  1.00 28.58 ? 20  PRO A CB  1 
ATOM   144  C CG  . PRO A 1 19  ? 6.756   6.268   11.684  1.00 29.55 ? 20  PRO A CG  1 
ATOM   145  C CD  . PRO A 1 19  ? 6.599   7.236   10.511  1.00 29.78 ? 20  PRO A CD  1 
ATOM   146  N N   . SER A 1 20  ? 4.507   4.787   9.635   1.00 25.32 ? 21  SER A N   1 
ATOM   147  C CA  . SER A 1 20  ? 3.385   4.048   9.970   1.00 23.83 ? 21  SER A CA  1 
ATOM   148  C C   . SER A 1 20  ? 3.166   2.859   9.124   1.00 21.99 ? 21  SER A C   1 
ATOM   149  O O   . SER A 1 20  ? 2.767   1.871   9.584   1.00 24.12 ? 21  SER A O   1 
ATOM   150  C CB  . SER A 1 20  ? 2.267   5.033   9.921   1.00 24.76 ? 21  SER A CB  1 
ATOM   151  O OG  . SER A 1 20  ? 2.592   6.107   10.732  1.00 27.32 ? 21  SER A OG  1 
ATOM   152  N N   . TYR A 1 21  ? 3.468   2.954   7.869   1.00 19.39 ? 22  TYR A N   1 
ATOM   153  C CA  . TYR A 1 21  ? 3.170   1.870   6.931   1.00 15.83 ? 22  TYR A CA  1 
ATOM   154  C C   . TYR A 1 21  ? 4.388   1.266   6.234   1.00 16.25 ? 22  TYR A C   1 
ATOM   155  O O   . TYR A 1 21  ? 4.225   0.383   5.398   1.00 17.84 ? 22  TYR A O   1 
ATOM   156  C CB  . TYR A 1 21  ? 2.136   2.337   5.878   1.00 13.57 ? 22  TYR A CB  1 
ATOM   157  C CG  . TYR A 1 21  ? 0.796   2.673   6.473   1.00 18.67 ? 22  TYR A CG  1 
ATOM   158  C CD1 . TYR A 1 21  ? -0.084  1.663   6.820   1.00 16.34 ? 22  TYR A CD1 1 
ATOM   159  C CD2 . TYR A 1 21  ? 0.428   3.974   6.720   1.00 15.51 ? 22  TYR A CD2 1 
ATOM   160  C CE1 . TYR A 1 21  ? -1.303  1.924   7.379   1.00 16.76 ? 22  TYR A CE1 1 
ATOM   161  C CE2 . TYR A 1 21  ? -0.807  4.264   7.288   1.00 19.03 ? 22  TYR A CE2 1 
ATOM   162  C CZ  . TYR A 1 21  ? -1.673  3.217   7.622   1.00 18.58 ? 22  TYR A CZ  1 
ATOM   163  O OH  . TYR A 1 21  ? -2.902  3.449   8.181   1.00 15.91 ? 22  TYR A OH  1 
ATOM   164  N N   . SER A 1 22  ? 5.597   1.720   6.559   1.00 16.73 ? 23  SER A N   1 
ATOM   165  C CA  . SER A 1 22  ? 6.827   1.224   5.894   1.00 17.20 ? 23  SER A CA  1 
ATOM   166  C C   . SER A 1 22  ? 7.343   -0.092  6.500   1.00 18.27 ? 23  SER A C   1 
ATOM   167  O O   . SER A 1 22  ? 8.114   -0.824  5.897   1.00 17.76 ? 23  SER A O   1 
ATOM   168  C CB  . SER A 1 22  ? 7.945   2.288   5.884   1.00 16.46 ? 23  SER A CB  1 
ATOM   169  O OG  . SER A 1 22  ? 8.335   2.696   7.204   1.00 15.32 ? 23  SER A OG  1 
ATOM   170  N N   . SER A 1 23  ? 6.928   -0.406  7.707   1.00 19.15 ? 24  SER A N   1 
ATOM   171  C CA  . SER A 1 23  ? 7.402   -1.638  8.285   1.00 19.83 ? 24  SER A CA  1 
ATOM   172  C C   . SER A 1 23  ? 6.370   -2.228  9.235   1.00 20.52 ? 24  SER A C   1 
ATOM   173  O O   . SER A 1 23  ? 6.706   -2.583  10.366  1.00 22.39 ? 24  SER A O   1 
ATOM   174  C CB  . SER A 1 23  ? 8.719   -1.406  9.000   1.00 21.27 ? 24  SER A CB  1 
ATOM   175  O OG  . SER A 1 23  ? 8.507   -0.517  10.080  1.00 28.50 ? 24  SER A OG  1 
ATOM   176  N N   . TYR A 1 24  ? 5.128   -2.353  8.761   1.00 17.33 ? 25  TYR A N   1 
ATOM   177  C CA  . TYR A 1 24  ? 4.035   -2.893  9.558   1.00 13.71 ? 25  TYR A CA  1 
ATOM   178  C C   . TYR A 1 24  ? 3.749   -4.351  9.182   1.00 13.08 ? 25  TYR A C   1 
ATOM   179  O O   . TYR A 1 24  ? 3.820   -4.731  8.022   1.00 11.93 ? 25  TYR A O   1 
ATOM   180  C CB  . TYR A 1 24  ? 2.805   -2.036  9.318   1.00 11.94 ? 25  TYR A CB  1 
ATOM   181  C CG  . TYR A 1 24  ? 1.621   -2.317  10.205  1.00 11.03 ? 25  TYR A CG  1 
ATOM   182  C CD1 . TYR A 1 24  ? 0.751   -3.363  9.943   1.00 12.99 ? 25  TYR A CD1 1 
ATOM   183  C CD2 . TYR A 1 24  ? 1.360   -1.503  11.300  1.00 11.72 ? 25  TYR A CD2 1 
ATOM   184  C CE1 . TYR A 1 24  ? -0.353  -3.600  10.770  1.00 12.52 ? 25  TYR A CE1 1 
ATOM   185  C CE2 . TYR A 1 24  ? 0.284   -1.728  12.116  1.00 13.54 ? 25  TYR A CE2 1 
ATOM   186  C CZ  . TYR A 1 24  ? -0.581  -2.769  11.844  1.00 13.43 ? 25  TYR A CZ  1 
ATOM   187  O OH  . TYR A 1 24  ? -1.647  -2.970  12.676  1.00 15.42 ? 25  TYR A OH  1 
ATOM   188  N N   . GLY A 1 25  ? 3.419   -5.164  10.174  1.00 13.46 ? 26  GLY A N   1 
ATOM   189  C CA  . GLY A 1 25  ? 3.133   -6.566  9.968   1.00 12.85 ? 26  GLY A CA  1 
ATOM   190  C C   . GLY A 1 25  ? 4.129   -7.250  9.062   1.00 14.74 ? 26  GLY A C   1 
ATOM   191  O O   . GLY A 1 25  ? 5.331   -6.948  9.059   1.00 13.48 ? 26  GLY A O   1 
ATOM   192  N N   . CYS A 1 26  ? 3.614   -8.191  8.276   1.00 15.17 ? 27  CYS A N   1 
ATOM   193  C CA  . CYS A 1 26  ? 4.435   -9.020  7.422   1.00 14.82 ? 27  CYS A CA  1 
ATOM   194  C C   . CYS A 1 26  ? 4.540   -8.510  5.990   1.00 15.15 ? 27  CYS A C   1 
ATOM   195  O O   . CYS A 1 26  ? 5.522   -8.795  5.310   1.00 15.60 ? 27  CYS A O   1 
ATOM   196  C CB  . CYS A 1 26  ? 3.933   -10.447 7.454   1.00 14.52 ? 27  CYS A CB  1 
ATOM   197  S SG  . CYS A 1 26  ? 4.212   -11.289 9.046   1.00 17.80 ? 27  CYS A SG  1 
ATOM   198  N N   . TYR A 1 27  ? 3.554   -7.725  5.536   1.00 15.13 ? 28  TYR A N   1 
ATOM   199  C CA  . TYR A 1 27  ? 3.473   -7.301  4.118   1.00 15.19 ? 28  TYR A CA  1 
ATOM   200  C C   . TYR A 1 27  ? 3.583   -5.820  3.826   1.00 16.90 ? 28  TYR A C   1 
ATOM   201  O O   . TYR A 1 27  ? 3.774   -5.436  2.689   1.00 18.63 ? 28  TYR A O   1 
ATOM   202  C CB  . TYR A 1 27  ? 2.215   -7.850  3.478   1.00 13.07 ? 28  TYR A CB  1 
ATOM   203  C CG  . TYR A 1 27  ? 2.341   -9.302  3.202   1.00 10.72 ? 28  TYR A CG  1 
ATOM   204  C CD1 . TYR A 1 27  ? 1.950   -10.252 4.152   1.00 9.52  ? 28  TYR A CD1 1 
ATOM   205  C CD2 . TYR A 1 27  ? 2.881   -9.732  2.004   1.00 7.79  ? 28  TYR A CD2 1 
ATOM   206  C CE1 . TYR A 1 27  ? 2.085   -11.603 3.887   1.00 10.02 ? 28  TYR A CE1 1 
ATOM   207  C CE2 . TYR A 1 27  ? 3.011   -11.073 1.740   1.00 9.81  ? 28  TYR A CE2 1 
ATOM   208  C CZ  . TYR A 1 27  ? 2.612   -11.997 2.685   1.00 8.06  ? 28  TYR A CZ  1 
ATOM   209  O OH  . TYR A 1 27  ? 2.759   -13.317 2.433   1.00 7.02  ? 28  TYR A OH  1 
ATOM   210  N N   . CYS A 1 28  ? 3.450   -4.973  4.828   1.00 19.47 ? 29  CYS A N   1 
ATOM   211  C CA  . CYS A 1 28  ? 3.581   -3.549  4.596   1.00 21.67 ? 29  CYS A CA  1 
ATOM   212  C C   . CYS A 1 28  ? 5.051   -3.126  4.509   1.00 25.78 ? 29  CYS A C   1 
ATOM   213  O O   . CYS A 1 28  ? 5.699   -2.925  5.537   1.00 28.38 ? 29  CYS A O   1 
ATOM   214  C CB  . CYS A 1 28  ? 2.853   -2.773  5.701   1.00 19.01 ? 29  CYS A CB  1 
ATOM   215  S SG  . CYS A 1 28  ? 1.097   -3.139  5.802   1.00 12.85 ? 29  CYS A SG  1 
ATOM   216  N N   . GLY A 1 29  ? 5.601   -2.999  3.307   1.00 29.26 ? 30  GLY A N   1 
ATOM   217  C CA  . GLY A 1 29  ? 6.942   -2.454  3.195   1.00 34.34 ? 30  GLY A CA  1 
ATOM   218  C C   . GLY A 1 29  ? 8.063   -3.410  2.832   1.00 38.34 ? 30  GLY A C   1 
ATOM   219  O O   . GLY A 1 29  ? 9.079   -2.973  2.287   1.00 39.77 ? 30  GLY A O   1 
ATOM   220  N N   . TRP A 1 30  ? 7.910   -4.700  3.137   1.00 42.28 ? 31  TRP A N   1 
ATOM   221  C CA  . TRP A 1 30  ? 8.931   -5.682  2.754   1.00 46.17 ? 31  TRP A CA  1 
ATOM   222  C C   . TRP A 1 30  ? 8.410   -7.050  2.309   1.00 46.22 ? 31  TRP A C   1 
ATOM   223  O O   . TRP A 1 30  ? 9.202   -7.981  2.104   1.00 46.93 ? 31  TRP A O   1 
ATOM   224  C CB  . TRP A 1 30  ? 9.972   -5.857  3.873   1.00 49.61 ? 31  TRP A CB  1 
ATOM   225  C CG  . TRP A 1 30  ? 11.331  -5.545  3.337   1.00 55.05 ? 31  TRP A CG  1 
ATOM   226  C CD1 . TRP A 1 30  ? 11.745  -4.313  2.884   1.00 57.56 ? 31  TRP A CD1 1 
ATOM   227  C CD2 . TRP A 1 30  ? 12.453  -6.445  3.136   1.00 58.92 ? 31  TRP A CD2 1 
ATOM   228  N NE1 . TRP A 1 30  ? 13.033  -4.376  2.414   1.00 59.54 ? 31  TRP A NE1 1 
ATOM   229  C CE2 . TRP A 1 30  ? 13.503  -5.656  2.543   1.00 60.15 ? 31  TRP A CE2 1 
ATOM   230  C CE3 . TRP A 1 30  ? 12.698  -7.817  3.380   1.00 59.59 ? 31  TRP A CE3 1 
ATOM   231  C CZ2 . TRP A 1 30  ? 14.750  -6.200  2.192   1.00 60.44 ? 31  TRP A CZ2 1 
ATOM   232  C CZ3 . TRP A 1 30  ? 13.949  -8.354  3.037   1.00 60.45 ? 31  TRP A CZ3 1 
ATOM   233  C CH2 . TRP A 1 30  ? 14.953  -7.550  2.446   1.00 60.51 ? 31  TRP A CH2 1 
ATOM   234  N N   . GLY A 1 31  ? 7.077   -7.150  2.143   1.00 46.57 ? 32  GLY A N   1 
ATOM   235  C CA  . GLY A 1 31  ? 6.353   -8.365  1.738   1.00 45.66 ? 32  GLY A CA  1 
ATOM   236  C C   . GLY A 1 31  ? 7.100   -9.469  1.012   1.00 45.36 ? 32  GLY A C   1 
ATOM   237  O O   . GLY A 1 31  ? 7.801   -9.235  0.017   1.00 47.58 ? 32  GLY A O   1 
ATOM   238  N N   . GLY A 1 32  ? 6.933   -10.684 1.493   1.00 43.96 ? 33  GLY A N   1 
ATOM   239  C CA  . GLY A 1 32  ? 7.552   -11.815 0.869   1.00 42.52 ? 33  GLY A CA  1 
ATOM   240  C C   . GLY A 1 32  ? 6.914   -13.055 1.431   1.00 41.81 ? 33  GLY A C   1 
ATOM   241  O O   . GLY A 1 32  ? 6.714   -14.044 0.711   1.00 42.75 ? 33  GLY A O   1 
ATOM   242  N N   . LYS A 1 33  ? 6.589   -13.019 2.714   1.00 39.67 ? 34  LYS A N   1 
ATOM   243  C CA  . LYS A 1 33  ? 6.068   -14.238 3.296   1.00 36.82 ? 34  LYS A CA  1 
ATOM   244  C C   . LYS A 1 33  ? 5.250   -14.035 4.540   1.00 33.16 ? 34  LYS A C   1 
ATOM   245  O O   . LYS A 1 33  ? 5.190   -12.949 5.124   1.00 32.26 ? 34  LYS A O   1 
ATOM   246  C CB  . LYS A 1 33  ? 7.187   -15.256 3.564   1.00 39.01 ? 34  LYS A CB  1 
ATOM   247  C CG  . LYS A 1 33  ? 8.616   -14.704 3.590   1.00 42.89 ? 34  LYS A CG  1 
ATOM   248  C CD  . LYS A 1 33  ? 9.626   -15.848 3.484   1.00 48.62 ? 34  LYS A CD  1 
ATOM   249  C CE  . LYS A 1 33  ? 11.088  -15.377 3.617   1.00 50.14 ? 34  LYS A CE  1 
ATOM   250  N NZ  . LYS A 1 33  ? 12.076  -16.506 3.419   1.00 50.86 ? 34  LYS A NZ  1 
ATOM   251  N N   . GLY A 1 34  ? 4.604   -15.122 4.921   1.00 28.87 ? 35  GLY A N   1 
ATOM   252  C CA  . GLY A 1 34  ? 3.801   -15.147 6.115   1.00 24.96 ? 35  GLY A CA  1 
ATOM   253  C C   . GLY A 1 34  ? 2.332   -14.939 5.852   1.00 22.97 ? 35  GLY A C   1 
ATOM   254  O O   . GLY A 1 34  ? 1.899   -14.792 4.706   1.00 23.28 ? 35  GLY A O   1 
ATOM   255  N N   . THR A 1 35  ? 1.594   -14.931 6.952   1.00 20.51 ? 36  THR A N   1 
ATOM   256  C CA  . THR A 1 35  ? 0.181   -14.704 7.014   1.00 19.45 ? 36  THR A CA  1 
ATOM   257  C C   . THR A 1 35  ? 0.015   -13.240 7.466   1.00 19.56 ? 36  THR A C   1 
ATOM   258  O O   . THR A 1 35  ? 0.562   -12.865 8.497   1.00 20.12 ? 36  THR A O   1 
ATOM   259  C CB  . THR A 1 35  ? -0.404  -15.590 8.133   1.00 19.97 ? 36  THR A CB  1 
ATOM   260  O OG1 . THR A 1 35  ? 0.150   -16.916 8.069   1.00 20.16 ? 36  THR A OG1 1 
ATOM   261  C CG2 . THR A 1 35  ? -1.913  -15.677 8.020   1.00 18.06 ? 36  THR A CG2 1 
ATOM   262  N N   . PRO A 1 36  ? -0.758  -12.407 6.739   1.00 18.49 ? 37  PRO A N   1 
ATOM   263  C CA  . PRO A 1 36  ? -0.878  -11.026 7.190   1.00 16.39 ? 37  PRO A CA  1 
ATOM   264  C C   . PRO A 1 36  ? -1.482  -11.048 8.567   1.00 14.90 ? 37  PRO A C   1 
ATOM   265  O O   . PRO A 1 36  ? -2.340  -11.864 8.807   1.00 15.32 ? 37  PRO A O   1 
ATOM   266  C CB  . PRO A 1 36  ? -1.849  -10.430 6.177   1.00 16.02 ? 37  PRO A CB  1 
ATOM   267  C CG  . PRO A 1 36  ? -1.672  -11.290 4.975   1.00 16.82 ? 37  PRO A CG  1 
ATOM   268  C CD  . PRO A 1 36  ? -1.596  -12.650 5.557   1.00 17.74 ? 37  PRO A CD  1 
ATOM   269  N N   . LYS A 1 37  ? -1.025  -10.185 9.460   1.00 14.35 ? 38  LYS A N   1 
ATOM   270  C CA  . LYS A 1 37  ? -1.395  -10.249 10.858  1.00 13.27 ? 38  LYS A CA  1 
ATOM   271  C C   . LYS A 1 37  ? -2.672  -9.484  11.154  1.00 13.88 ? 38  LYS A C   1 
ATOM   272  O O   . LYS A 1 37  ? -3.227  -9.619  12.239  1.00 15.74 ? 38  LYS A O   1 
ATOM   273  C CB  . LYS A 1 37  ? -0.245  -9.730  11.743  1.00 14.58 ? 38  LYS A CB  1 
ATOM   274  C CG  . LYS A 1 37  ? 1.185   -10.228 11.406  1.00 14.23 ? 38  LYS A CG  1 
ATOM   275  C CD  . LYS A 1 37  ? 1.410   -11.710 11.706  1.00 13.85 ? 38  LYS A CD  1 
ATOM   276  C CE  . LYS A 1 37  ? 1.114   -12.055 13.156  1.00 17.90 ? 38  LYS A CE  1 
ATOM   277  N NZ  . LYS A 1 37  ? 0.918   -13.522 13.417  1.00 17.57 ? 38  LYS A NZ  1 
ATOM   278  N N   . ASP A 1 38  ? -3.158  -8.673  10.232  1.00 14.45 ? 39  ASP A N   1 
ATOM   279  C CA  . ASP A 1 38  ? -4.425  -7.976  10.502  1.00 15.34 ? 39  ASP A CA  1 
ATOM   280  C C   . ASP A 1 38  ? -5.070  -7.333  9.259   1.00 14.98 ? 39  ASP A C   1 
ATOM   281  O O   . ASP A 1 38  ? -4.519  -7.432  8.171   1.00 15.60 ? 39  ASP A O   1 
ATOM   282  C CB  . ASP A 1 38  ? -4.255  -6.958  11.694  1.00 16.09 ? 39  ASP A CB  1 
ATOM   283  C CG  . ASP A 1 38  ? -3.320  -5.778  11.459  1.00 18.58 ? 39  ASP A CG  1 
ATOM   284  O OD1 . ASP A 1 38  ? -2.654  -5.703  10.395  1.00 21.66 ? 39  ASP A OD1 1 
ATOM   285  O OD2 . ASP A 1 38  ? -3.238  -4.923  12.382  1.00 22.20 ? 39  ASP A OD2 1 
ATOM   286  N N   . ALA A 1 39  ? -6.250  -6.695  9.401   1.00 13.89 ? 40  ALA A N   1 
ATOM   287  C CA  . ALA A 1 39  ? -6.709  -5.780  8.267   1.00 10.77 ? 40  ALA A CA  1 
ATOM   288  C C   . ALA A 1 39  ? -5.697  -4.863  7.553   1.00 11.60 ? 40  ALA A C   1 
ATOM   289  O O   . ALA A 1 39  ? -5.624  -4.869  6.308   1.00 12.91 ? 40  ALA A O   1 
ATOM   290  C CB  . ALA A 1 39  ? -7.914  -5.016  8.696   1.00 10.23 ? 40  ALA A CB  1 
ATOM   291  N N   . THR A 1 40  ? -4.926  -4.071  8.302   1.00 10.51 ? 41  THR A N   1 
ATOM   292  C CA  . THR A 1 40  ? -3.900  -3.207  7.683   1.00 9.89  ? 41  THR A CA  1 
ATOM   293  C C   . THR A 1 40  ? -2.847  -3.997  6.952   1.00 8.45  ? 41  THR A C   1 
ATOM   294  O O   . THR A 1 40  ? -2.457  -3.646  5.864   1.00 10.11 ? 41  THR A O   1 
ATOM   295  C CB  . THR A 1 40  ? -3.235  -2.280  8.689   1.00 10.12 ? 41  THR A CB  1 
ATOM   296  O OG1 . THR A 1 40  ? -4.197  -1.321  9.125   1.00 9.15  ? 41  THR A OG1 1 
ATOM   297  C CG2 . THR A 1 40  ? -2.138  -1.483  8.019   1.00 9.63  ? 41  THR A CG2 1 
ATOM   298  N N   . ASP A 1 41  ? -2.429  -5.104  7.530   1.00 9.11  ? 42  ASP A N   1 
ATOM   299  C CA  . ASP A 1 41  ? -1.460  -5.977  6.892   1.00 10.55 ? 42  ASP A CA  1 
ATOM   300  C C   . ASP A 1 41  ? -2.037  -6.655  5.654   1.00 10.81 ? 42  ASP A C   1 
ATOM   301  O O   . ASP A 1 41  ? -1.286  -6.960  4.734   1.00 11.50 ? 42  ASP A O   1 
ATOM   302  C CB  . ASP A 1 41  ? -0.927  -7.010  7.892   1.00 10.84 ? 42  ASP A CB  1 
ATOM   303  C CG  . ASP A 1 41  ? 0.512   -7.442  7.601   1.00 10.71 ? 42  ASP A CG  1 
ATOM   304  O OD1 . ASP A 1 41  ? 1.219   -6.757  6.848   1.00 11.02 ? 42  ASP A OD1 1 
ATOM   305  O OD2 . ASP A 1 41  ? 0.959   -8.476  8.122   1.00 11.22 ? 42  ASP A OD2 1 
ATOM   306  N N   . ARG A 1 42  ? -3.357  -6.885  5.629   1.00 12.09 ? 43  ARG A N   1 
ATOM   307  C CA  . ARG A 1 42  ? -4.045  -7.538  4.464   1.00 11.02 ? 43  ARG A CA  1 
ATOM   308  C C   . ARG A 1 42  ? -4.168  -6.560  3.324   1.00 10.09 ? 43  ARG A C   1 
ATOM   309  O O   . ARG A 1 42  ? -4.007  -6.928  2.168   1.00 10.92 ? 43  ARG A O   1 
ATOM   310  C CB  . ARG A 1 42  ? -5.430  -8.115  4.798   1.00 11.95 ? 43  ARG A CB  1 
ATOM   311  C CG  . ARG A 1 42  ? -5.410  -9.507  5.471   1.00 14.72 ? 43  ARG A CG  1 
ATOM   312  C CD  . ARG A 1 42  ? -6.802  -10.182 5.584   1.00 19.43 ? 43  ARG A CD  1 
ATOM   313  N NE  . ARG A 1 42  ? -7.730  -9.483  6.500   1.00 23.04 ? 43  ARG A NE  1 
ATOM   314  C CZ  . ARG A 1 42  ? -7.814  -9.698  7.821   1.00 23.63 ? 43  ARG A CZ  1 
ATOM   315  N NH1 . ARG A 1 42  ? -7.023  -10.591 8.416   1.00 23.86 ? 43  ARG A NH1 1 
ATOM   316  N NH2 . ARG A 1 42  ? -8.690  -9.021  8.553   1.00 23.09 ? 43  ARG A NH2 1 
ATOM   317  N N   . CYS A 1 43  ? -4.405  -5.298  3.654   1.00 9.28  ? 44  CYS A N   1 
ATOM   318  C CA  . CYS A 1 43  ? -4.379  -4.250  2.661   1.00 8.20  ? 44  CYS A CA  1 
ATOM   319  C C   . CYS A 1 43  ? -3.042  -4.274  1.942   1.00 7.42  ? 44  CYS A C   1 
ATOM   320  O O   . CYS A 1 43  ? -3.001  -4.149  0.739   1.00 8.27  ? 44  CYS A O   1 
ATOM   321  C CB  . CYS A 1 43  ? -4.548  -2.883  3.302   1.00 9.04  ? 44  CYS A CB  1 
ATOM   322  S SG  . CYS A 1 43  ? -6.043  -2.560  4.216   1.00 10.37 ? 44  CYS A SG  1 
ATOM   323  N N   . CYS A 1 44  ? -1.943  -4.407  2.675   1.00 8.13  ? 45  CYS A N   1 
ATOM   324  C CA  . CYS A 1 44  ? -0.625  -4.404  2.056   1.00 9.21  ? 45  CYS A CA  1 
ATOM   325  C C   . CYS A 1 44  ? -0.436  -5.652  1.217   1.00 10.61 ? 45  CYS A C   1 
ATOM   326  O O   . CYS A 1 44  ? 0.059   -5.589  0.090   1.00 12.03 ? 45  CYS A O   1 
ATOM   327  C CB  . CYS A 1 44  ? 0.472   -4.301  3.096   1.00 8.67  ? 45  CYS A CB  1 
ATOM   328  S SG  . CYS A 1 44  ? 0.531   -2.692  3.907   1.00 12.20 ? 45  CYS A SG  1 
ATOM   329  N N   . PHE A 1 45  ? -0.859  -6.792  1.746   1.00 10.52 ? 46  PHE A N   1 
ATOM   330  C CA  . PHE A 1 45  ? -0.891  -8.005  0.940   1.00 10.25 ? 46  PHE A CA  1 
ATOM   331  C C   . PHE A 1 45  ? -1.645  -7.843  -0.397  1.00 19.16 ? 46  PHE A C   1 
ATOM   332  O O   . PHE A 1 45  ? -1.110  -8.216  -1.423  1.00 19.13 ? 46  PHE A O   1 
ATOM   333  C CB  . PHE A 1 45  ? -1.476  -9.154  1.742   1.00 10.15 ? 46  PHE A CB  1 
ATOM   334  C CG  . PHE A 1 45  ? -1.479  -10.445 1.013   1.00 9.39  ? 46  PHE A CG  1 
ATOM   335  C CD1 . PHE A 1 45  ? -0.330  -11.223 0.938   1.00 9.60  ? 46  PHE A CD1 1 
ATOM   336  C CD2 . PHE A 1 45  ? -2.635  -10.906 0.416   1.00 11.46 ? 46  PHE A CD2 1 
ATOM   337  C CE1 . PHE A 1 45  ? -0.334  -12.449 0.267   1.00 7.43  ? 46  PHE A CE1 1 
ATOM   338  C CE2 . PHE A 1 45  ? -2.632  -12.139 -0.277  1.00 10.13 ? 46  PHE A CE2 1 
ATOM   339  C CZ  . PHE A 1 45  ? -1.474  -12.900 -0.338  1.00 7.32  ? 46  PHE A CZ  1 
ATOM   340  N N   . VAL A 1 46  ? -2.875  -7.310  -0.391  1.00 17.10 ? 47  VAL A N   1 
ATOM   341  C CA  . VAL A 1 46  ? -3.629  -7.134  -1.621  1.00 17.24 ? 47  VAL A CA  1 
ATOM   342  C C   . VAL A 1 46  ? -2.913  -6.105  -2.450  1.00 19.87 ? 47  VAL A C   1 
ATOM   343  O O   . VAL A 1 46  ? -2.914  -6.187  -3.664  1.00 13.35 ? 47  VAL A O   1 
ATOM   344  C CB  . VAL A 1 46  ? -5.057  -6.680  -1.381  1.00 14.17 ? 47  VAL A CB  1 
ATOM   345  C CG1 . VAL A 1 46  ? -5.691  -6.298  -2.654  1.00 12.00 ? 47  VAL A CG1 1 
ATOM   346  C CG2 . VAL A 1 46  ? -5.851  -7.781  -0.738  1.00 15.54 ? 47  VAL A CG2 1 
ATOM   347  N N   . HIS A 1 47  ? -2.256  -5.148  -1.802  1.00 10.33 ? 48  HIS A N   1 
ATOM   348  C CA  . HIS A 1 47  ? -1.510  -4.143  -2.540  1.00 9.68  ? 48  HIS A CA  1 
ATOM   349  C C   . HIS A 1 47  ? -0.285  -4.751  -3.239  1.00 9.74  ? 48  HIS A C   1 
ATOM   350  O O   . HIS A 1 47  ? -0.121  -4.543  -4.433  1.00 9.02  ? 48  HIS A O   1 
ATOM   351  C CB  . HIS A 1 47  ? -1.113  -3.000  -1.619  1.00 9.86  ? 48  HIS A CB  1 
ATOM   352  C CG  . HIS A 1 47  ? -0.513  -1.841  -2.340  1.00 9.76  ? 48  HIS A CG  1 
ATOM   353  N ND1 . HIS A 1 47  ? 0.797   -1.465  -2.182  1.00 9.35  ? 48  HIS A ND1 1 
ATOM   354  C CD2 . HIS A 1 47  ? -1.053  -0.982  -3.238  1.00 9.56  ? 48  HIS A CD2 1 
ATOM   355  C CE1 . HIS A 1 47  ? 1.047   -0.422  -2.957  1.00 9.01  ? 48  HIS A CE1 1 
ATOM   356  N NE2 . HIS A 1 47  ? -0.068  -0.111  -3.603  1.00 9.61  ? 48  HIS A NE2 1 
ATOM   357  N N   . ASP A 1 48  ? 0.550   -5.521  -2.515  1.00 9.61  ? 49  ASP A N   1 
ATOM   358  C CA  . ASP A 1 48  ? 1.690   -6.223  -3.112  1.00 11.47 ? 49  ASP A CA  1 
ATOM   359  C C   . ASP A 1 48  ? 1.223   -7.114  -4.284  1.00 12.33 ? 49  ASP A C   1 
ATOM   360  O O   . ASP A 1 48  ? 1.879   -7.180  -5.327  1.00 12.45 ? 49  ASP A O   1 
ATOM   361  C CB  . ASP A 1 48  ? 2.426   -7.094  -2.083  1.00 10.97 ? 49  ASP A CB  1 
ATOM   362  C CG  . ASP A 1 48  ? 3.212   -6.289  -1.048  1.00 12.39 ? 49  ASP A CG  1 
ATOM   363  O OD1 . ASP A 1 48  ? 3.459   -5.081  -1.224  1.00 13.40 ? 49  ASP A OD1 1 
ATOM   364  O OD2 . ASP A 1 48  ? 3.590   -6.849  -0.003  1.00 13.15 ? 49  ASP A OD2 1 
ATOM   365  N N   . CYS A 1 49  ? 0.085   -7.786  -4.107  1.00 13.01 ? 50  CYS A N   1 
ATOM   366  C CA  . CYS A 1 49  ? -0.526  -8.610  -5.161  1.00 12.44 ? 50  CYS A CA  1 
ATOM   367  C C   . CYS A 1 49  ? -0.988  -7.792  -6.354  1.00 11.55 ? 50  CYS A C   1 
ATOM   368  O O   . CYS A 1 49  ? -0.932  -8.259  -7.486  1.00 11.13 ? 50  CYS A O   1 
ATOM   369  C CB  . CYS A 1 49  ? -1.733  -9.356  -4.615  1.00 14.98 ? 50  CYS A CB  1 
ATOM   370  S SG  . CYS A 1 49  ? -1.329  -10.659 -3.480  1.00 18.70 ? 50  CYS A SG  1 
ATOM   371  N N   . CYS A 1 50  ? -1.453  -6.575  -6.091  1.00 10.09 ? 51  CYS A N   1 
ATOM   372  C CA  . CYS A 1 50  ? -1.839  -5.675  -7.155  1.00 9.60  ? 51  CYS A CA  1 
ATOM   373  C C   . CYS A 1 50  ? -0.632  -5.321  -8.019  1.00 10.46 ? 51  CYS A C   1 
ATOM   374  O O   . CYS A 1 50  ? -0.708  -5.359  -9.234  1.00 10.03 ? 51  CYS A O   1 
ATOM   375  C CB  . CYS A 1 50  ? -2.468  -4.420  -6.601  1.00 7.40  ? 51  CYS A CB  1 
ATOM   376  S SG  . CYS A 1 50  ? -3.583  -3.675  -7.747  1.00 7.95  ? 51  CYS A SG  1 
ATOM   377  N N   . TYR A 1 51  ? 0.485   -4.981  -7.384  1.00 12.74 ? 52  TYR A N   1 
ATOM   378  C CA  . TYR A 1 51  ? 1.707   -4.633  -8.122  1.00 13.52 ? 52  TYR A CA  1 
ATOM   379  C C   . TYR A 1 51  ? 2.126   -5.853  -8.888  1.00 15.04 ? 52  TYR A C   1 
ATOM   380  O O   . TYR A 1 51  ? 2.512   -5.764  -10.043 1.00 16.64 ? 52  TYR A O   1 
ATOM   381  C CB  . TYR A 1 51  ? 2.820   -4.199  -7.159  1.00 12.96 ? 52  TYR A CB  1 
ATOM   382  C CG  . TYR A 1 51  ? 2.740   -2.743  -6.714  1.00 11.36 ? 52  TYR A CG  1 
ATOM   383  C CD1 . TYR A 1 51  ? 1.684   -1.900  -7.132  1.00 8.88  ? 52  TYR A CD1 1 
ATOM   384  C CD2 . TYR A 1 51  ? 3.723   -2.201  -5.890  1.00 10.35 ? 52  TYR A CD2 1 
ATOM   385  C CE1 . TYR A 1 51  ? 1.629   -0.572  -6.744  1.00 7.01  ? 52  TYR A CE1 1 
ATOM   386  C CE2 . TYR A 1 51  ? 3.666   -0.866  -5.481  1.00 9.68  ? 52  TYR A CE2 1 
ATOM   387  C CZ  . TYR A 1 51  ? 2.607   -0.066  -5.898  1.00 9.54  ? 52  TYR A CZ  1 
ATOM   388  O OH  . TYR A 1 51  ? 2.542   1.264   -5.490  1.00 13.56 ? 52  TYR A OH  1 
ATOM   389  N N   . GLY A 1 52  ? 2.020   -7.007  -8.236  1.00 16.27 ? 53  GLY A N   1 
ATOM   390  C CA  . GLY A 1 52  ? 2.360   -8.286  -8.830  1.00 15.95 ? 53  GLY A CA  1 
ATOM   391  C C   . GLY A 1 52  ? 1.744   -8.598  -10.181 1.00 17.00 ? 53  GLY A C   1 
ATOM   392  O O   . GLY A 1 52  ? 2.371   -9.283  -10.965 1.00 18.15 ? 53  GLY A O   1 
ATOM   393  N N   . ASN A 1 53  ? 0.528   -8.125  -10.463 1.00 17.76 ? 54  ASN A N   1 
ATOM   394  C CA  . ASN A 1 53  ? -0.124  -8.384  -11.747 1.00 18.81 ? 54  ASN A CA  1 
ATOM   395  C C   . ASN A 1 53  ? 0.408   -7.489  -12.859 1.00 18.00 ? 54  ASN A C   1 
ATOM   396  O O   . ASN A 1 53  ? -0.095  -7.519  -13.972 1.00 17.70 ? 54  ASN A O   1 
ATOM   397  C CB  . ASN A 1 53  ? -1.645  -8.208  -11.639 1.00 20.69 ? 54  ASN A CB  1 
ATOM   398  C CG  . ASN A 1 53  ? -2.336  -9.334  -10.823 1.00 25.95 ? 54  ASN A CG  1 
ATOM   399  O OD1 . ASN A 1 53  ? -1.982  -10.520 -10.906 1.00 27.01 ? 54  ASN A OD1 1 
ATOM   400  N ND2 . ASN A 1 53  ? -3.343  -8.950  -10.048 1.00 28.74 ? 54  ASN A ND2 1 
ATOM   401  N N   . LEU A 1 54  ? 1.383   -6.672  -12.580 1.00 18.26 ? 55  LEU A N   1 
ATOM   402  C CA  . LEU A 1 54  ? 1.927   -5.754  -13.550 1.00 16.84 ? 55  LEU A CA  1 
ATOM   403  C C   . LEU A 1 54  ? 3.417   -5.940  -13.666 1.00 17.83 ? 55  LEU A C   1 
ATOM   404  O O   . LEU A 1 54  ? 4.145   -5.114  -13.247 1.00 19.11 ? 55  LEU A O   1 
ATOM   405  C CB  . LEU A 1 54  ? 1.675   -4.348  -13.081 1.00 13.81 ? 55  LEU A CB  1 
ATOM   406  C CG  . LEU A 1 54  ? 0.407   -3.894  -12.475 1.00 11.17 ? 55  LEU A CG  1 
ATOM   407  C CD1 . LEU A 1 54  ? 0.573   -2.545  -11.869 1.00 10.88 ? 55  LEU A CD1 1 
ATOM   408  C CD2 . LEU A 1 54  ? -0.500  -3.809  -13.608 1.00 10.83 ? 55  LEU A CD2 1 
ATOM   409  N N   . PRO A 1 55  ? 3.884   -7.036  -14.202 1.00 14.37 ? 56  PRO A N   1 
ATOM   410  C CA  . PRO A 1 55  ? 5.294   -7.361  -14.098 1.00 15.89 ? 56  PRO A CA  1 
ATOM   411  C C   . PRO A 1 55  ? 6.216   -6.499  -14.927 1.00 16.57 ? 56  PRO A C   1 
ATOM   412  O O   . PRO A 1 55  ? 7.386   -6.427  -14.656 1.00 17.90 ? 56  PRO A O   1 
ATOM   413  C CB  . PRO A 1 55  ? 5.351   -8.805  -14.545 1.00 15.64 ? 56  PRO A CB  1 
ATOM   414  C CG  . PRO A 1 55  ? 4.145   -9.011  -15.313 1.00 15.29 ? 56  PRO A CG  1 
ATOM   415  C CD  . PRO A 1 55  ? 3.130   -8.174  -14.694 1.00 15.37 ? 56  PRO A CD  1 
ATOM   416  N N   . ASP A 1 56  ? 5.630   -5.828  -15.896 1.00 17.48 ? 59  ASP A N   1 
ATOM   417  C CA  . ASP A 1 56  ? 6.297   -5.018  -16.855 1.00 17.40 ? 59  ASP A CA  1 
ATOM   418  C C   . ASP A 1 56  ? 6.135   -3.532  -16.575 1.00 19.28 ? 59  ASP A C   1 
ATOM   419  O O   . ASP A 1 56  ? 6.431   -2.729  -17.410 1.00 21.18 ? 59  ASP A O   1 
ATOM   420  C CB  . ASP A 1 56  ? 5.698   -5.334  -18.183 1.00 24.50 ? 59  ASP A CB  1 
ATOM   421  C CG  . ASP A 1 56  ? 6.429   -6.392  -18.935 1.00 24.07 ? 59  ASP A CG  1 
ATOM   422  O OD1 . ASP A 1 56  ? 6.077   -6.625  -20.054 1.00 16.09 ? 59  ASP A OD1 1 
ATOM   423  O OD2 . ASP A 1 56  ? 7.332   -6.986  -18.435 1.00 15.48 ? 59  ASP A OD2 1 
ATOM   424  N N   . CYS A 1 57  ? 5.405   -3.205  -15.451 1.00 11.54 ? 61  CYS A N   1 
ATOM   425  C CA  . CYS A 1 57  ? 5.446   -1.798  -15.006 1.00 11.22 ? 61  CYS A CA  1 
ATOM   426  C C   . CYS A 1 57  ? 6.393   -1.562  -13.858 1.00 11.36 ? 61  CYS A C   1 
ATOM   427  O O   . CYS A 1 57  ? 7.024   -2.496  -13.351 1.00 10.30 ? 61  CYS A O   1 
ATOM   428  C CB  . CYS A 1 57  ? 4.079   -1.306  -14.516 1.00 11.66 ? 61  CYS A CB  1 
ATOM   429  S SG  . CYS A 1 57  ? 2.629   -1.649  -15.569 1.00 13.88 ? 61  CYS A SG  1 
ATOM   430  N N   . ASN A 1 58  ? 6.573   -0.179  -13.330 1.00 12.08 ? 67  ASN A N   1 
ATOM   431  C CA  . ASN A 1 58  ? 7.533   0.119   -12.296 1.00 10.72 ? 67  ASN A CA  1 
ATOM   432  C C   . ASN A 1 58  ? 6.840   1.007   -11.298 1.00 11.71 ? 67  ASN A C   1 
ATOM   433  O O   . ASN A 1 58  ? 7.029   2.204   -11.347 1.00 10.90 ? 67  ASN A O   1 
ATOM   434  C CB  . ASN A 1 58  ? 8.740   0.804   -12.925 1.00 10.77 ? 67  ASN A CB  1 
ATOM   435  C CG  . ASN A 1 58  ? 9.503   -0.113  -13.854 1.00 16.43 ? 67  ASN A CG  1 
ATOM   436  O OD1 . ASN A 1 58  ? 10.385  -0.818  -13.435 1.00 15.18 ? 67  ASN A OD1 1 
ATOM   437  N ND2 . ASN A 1 58  ? 9.148   -0.109  -15.101 1.00 15.43 ? 67  ASN A ND2 1 
ATOM   438  N N   . PRO A 1 59  ? 6.000   0.399   -10.404 1.00 12.81 ? 68  PRO A N   1 
ATOM   439  C CA  . PRO A 1 59  ? 5.223   1.052   -9.342  1.00 12.35 ? 68  PRO A CA  1 
ATOM   440  C C   . PRO A 1 59  ? 5.939   2.097   -8.514  1.00 12.10 ? 68  PRO A C   1 
ATOM   441  O O   . PRO A 1 59  ? 5.388   3.173   -8.350  1.00 13.44 ? 68  PRO A O   1 
ATOM   442  C CB  . PRO A 1 59  ? 4.798   -0.127  -8.477  1.00 12.61 ? 68  PRO A CB  1 
ATOM   443  C CG  . PRO A 1 59  ? 4.506   -1.179  -9.492  1.00 12.97 ? 68  PRO A CG  1 
ATOM   444  C CD  . PRO A 1 59  ? 5.601   -1.050  -10.505 1.00 12.46 ? 68  PRO A CD  1 
ATOM   445  N N   . LYS A 1 60  ? 7.149   1.776   -8.033  1.00 15.95 ? 69  LYS A N   1 
ATOM   446  C CA  . LYS A 1 60  ? 7.963   2.698   -7.181  1.00 14.60 ? 69  LYS A CA  1 
ATOM   447  C C   . LYS A 1 60  ? 8.437   3.987   -7.860  1.00 13.46 ? 69  LYS A C   1 
ATOM   448  O O   . LYS A 1 60  ? 8.653   4.989   -7.195  1.00 12.22 ? 69  LYS A O   1 
ATOM   449  C CB  . LYS A 1 60  ? 9.227   2.038   -6.590  1.00 15.11 ? 69  LYS A CB  1 
ATOM   450  C CG  . LYS A 1 60  ? 9.081   0.636   -6.025  1.00 19.25 ? 69  LYS A CG  1 
ATOM   451  C CD  . LYS A 1 60  ? 8.032   0.524   -4.926  1.00 22.12 ? 69  LYS A CD  1 
ATOM   452  C CE  . LYS A 1 60  ? 8.049   -0.883  -4.352  1.00 24.00 ? 69  LYS A CE  1 
ATOM   453  N NZ  . LYS A 1 60  ? 9.439   -1.212  -3.876  1.00 22.89 ? 69  LYS A NZ  1 
ATOM   454  N N   . SER A 1 61  ? 8.635   3.994   -9.120  1.00 12.60 ? 70  SER A N   1 
ATOM   455  C CA  . SER A 1 61  ? 9.264   5.117   -9.775  1.00 11.77 ? 70  SER A CA  1 
ATOM   456  C C   . SER A 1 61  ? 8.439   5.779   -10.863 1.00 10.32 ? 70  SER A C   1 
ATOM   457  O O   . SER A 1 61  ? 8.714   6.921   -11.233 1.00 11.49 ? 70  SER A O   1 
ATOM   458  C CB  . SER A 1 61  ? 10.574  4.658   -10.373 1.00 14.42 ? 70  SER A CB  1 
ATOM   459  O OG  . SER A 1 61  ? 10.368  4.173   -11.691 1.00 18.41 ? 70  SER A OG  1 
ATOM   460  N N   . ASP A 1 62  ? 7.441   5.085   -11.379 1.00 18.46 ? 71  ASP A N   1 
ATOM   461  C CA  . ASP A 1 62  ? 6.627   5.662   -12.442 1.00 17.07 ? 71  ASP A CA  1 
ATOM   462  C C   . ASP A 1 62  ? 5.629   6.573   -11.801 1.00 16.49 ? 71  ASP A C   1 
ATOM   463  O O   . ASP A 1 62  ? 4.915   6.134   -10.935 1.00 17.30 ? 71  ASP A O   1 
ATOM   464  C CB  . ASP A 1 62  ? 5.931   4.566   -13.248 1.00 16.89 ? 71  ASP A CB  1 
ATOM   465  C CG  . ASP A 1 62  ? 5.276   5.087   -14.514 1.00 17.60 ? 71  ASP A CG  1 
ATOM   466  O OD1 . ASP A 1 62  ? 5.128   6.333   -14.627 1.00 16.88 ? 71  ASP A OD1 1 
ATOM   467  O OD2 . ASP A 1 62  ? 4.897   4.273   -15.402 1.00 13.89 ? 71  ASP A OD2 1 
ATOM   468  N N   . ARG A 1 63  ? 5.583   7.841   -12.201 1.00 17.08 ? 72  ARG A N   1 
ATOM   469  C CA  . ARG A 1 63  ? 4.646   8.801   -11.611 1.00 18.42 ? 72  ARG A CA  1 
ATOM   470  C C   . ARG A 1 63  ? 3.337   8.839   -12.378 1.00 17.73 ? 72  ARG A C   1 
ATOM   471  O O   . ARG A 1 63  ? 3.349   8.780   -13.583 1.00 18.15 ? 72  ARG A O   1 
ATOM   472  C CB  . ARG A 1 63  ? 5.246   10.226  -11.507 1.00 10.39 ? 72  ARG A CB  1 
ATOM   473  C CG  . ARG A 1 63  ? 6.723   10.300  -11.040 1.00 15.91 ? 72  ARG A CG  1 
ATOM   474  C CD  . ARG A 1 63  ? 7.006   11.266  -9.892  1.00 20.66 ? 72  ARG A CD  1 
ATOM   475  N NE  . ARG A 1 63  ? 6.414   12.571  -10.123 1.00 27.75 ? 72  ARG A NE  1 
ATOM   476  C CZ  . ARG A 1 63  ? 7.036   13.731  -9.929  1.00 31.45 ? 72  ARG A CZ  1 
ATOM   477  N NH1 . ARG A 1 63  ? 8.293   13.768  -9.473  1.00 32.18 ? 72  ARG A NH1 1 
ATOM   478  N NH2 . ARG A 1 63  ? 6.382   14.859  -10.187 1.00 33.80 ? 72  ARG A NH2 1 
ATOM   479  N N   . TYR A 1 64  ? 2.218   8.905   -11.664 1.00 17.56 ? 73  TYR A N   1 
ATOM   480  C CA  . TYR A 1 64  ? 0.896   9.113   -12.235 1.00 18.85 ? 73  TYR A CA  1 
ATOM   481  C C   . TYR A 1 64  ? 0.310   10.381  -11.600 1.00 10.02 ? 73  TYR A C   1 
ATOM   482  O O   . TYR A 1 64  ? 0.881   10.941  -10.681 1.00 9.86  ? 73  TYR A O   1 
ATOM   483  C CB  . TYR A 1 64  ? -0.004  7.908   -11.960 1.00 18.48 ? 73  TYR A CB  1 
ATOM   484  C CG  . TYR A 1 64  ? -0.109  7.525   -10.485 1.00 18.00 ? 73  TYR A CG  1 
ATOM   485  C CD1 . TYR A 1 64  ? -1.036  8.123   -9.651  1.00 17.53 ? 73  TYR A CD1 1 
ATOM   486  C CD2 . TYR A 1 64  ? 0.729   6.573   -9.925  1.00 18.99 ? 73  TYR A CD2 1 
ATOM   487  C CE1 . TYR A 1 64  ? -1.124  7.799   -8.315  1.00 13.04 ? 73  TYR A CE1 1 
ATOM   488  C CE2 . TYR A 1 64  ? 0.618   6.222   -8.576  1.00 14.40 ? 73  TYR A CE2 1 
ATOM   489  C CZ  . TYR A 1 64  ? -0.316  6.853   -7.794  1.00 13.10 ? 73  TYR A CZ  1 
ATOM   490  O OH  . TYR A 1 64  ? -0.445  6.529   -6.477  1.00 14.15 ? 73  TYR A OH  1 
ATOM   491  N N   . LYS A 1 65  ? -0.847  10.815  -12.067 1.00 10.46 ? 74  LYS A N   1 
ATOM   492  C CA  . LYS A 1 65  ? -1.461  12.015  -11.563 1.00 11.88 ? 74  LYS A CA  1 
ATOM   493  C C   . LYS A 1 65  ? -2.851  11.631  -11.092 1.00 12.57 ? 74  LYS A C   1 
ATOM   494  O O   . LYS A 1 65  ? -3.535  10.872  -11.770 1.00 12.89 ? 74  LYS A O   1 
ATOM   495  C CB  . LYS A 1 65  ? -1.579  13.044  -12.685 1.00 13.79 ? 74  LYS A CB  1 
ATOM   496  C CG  . LYS A 1 65  ? -0.290  13.393  -13.399 1.00 18.40 ? 74  LYS A CG  1 
ATOM   497  C CD  . LYS A 1 65  ? 0.335   14.672  -12.856 1.00 26.86 ? 74  LYS A CD  1 
ATOM   498  C CE  . LYS A 1 65  ? 1.749   14.887  -13.408 1.00 32.44 ? 74  LYS A CE  1 
ATOM   499  N NZ  . LYS A 1 65  ? 2.382   16.200  -13.006 1.00 37.71 ? 74  LYS A NZ  1 
ATOM   500  N N   . TYR A 1 66  ? -3.277  12.166  -9.947  1.00 13.31 ? 75  TYR A N   1 
ATOM   501  C CA  . TYR A 1 66  ? -4.638  11.926  -9.468  1.00 14.26 ? 75  TYR A CA  1 
ATOM   502  C C   . TYR A 1 66  ? -5.274  13.186  -8.881  1.00 16.61 ? 75  TYR A C   1 
ATOM   503  O O   . TYR A 1 66  ? -4.574  14.116  -8.484  1.00 17.91 ? 75  TYR A O   1 
ATOM   504  C CB  . TYR A 1 66  ? -4.683  10.758  -8.466  1.00 12.81 ? 75  TYR A CB  1 
ATOM   505  C CG  . TYR A 1 66  ? -4.132  11.089  -7.115  1.00 10.08 ? 75  TYR A CG  1 
ATOM   506  C CD1 . TYR A 1 66  ? -4.953  11.612  -6.132  1.00 9.45  ? 75  TYR A CD1 1 
ATOM   507  C CD2 . TYR A 1 66  ? -2.773  10.925  -6.828  1.00 9.40  ? 75  TYR A CD2 1 
ATOM   508  C CE1 . TYR A 1 66  ? -4.460  11.944  -4.904  1.00 6.83  ? 75  TYR A CE1 1 
ATOM   509  C CE2 . TYR A 1 66  ? -2.267  11.261  -5.594  1.00 7.13  ? 75  TYR A CE2 1 
ATOM   510  C CZ  . TYR A 1 66  ? -3.135  11.764  -4.645  1.00 6.94  ? 75  TYR A CZ  1 
ATOM   511  O OH  . TYR A 1 66  ? -2.676  12.119  -3.427  1.00 8.13  ? 75  TYR A OH  1 
ATOM   512  N N   . LYS A 1 67  ? -6.598  13.228  -8.839  1.00 17.98 ? 76  LYS A N   1 
ATOM   513  C CA  . LYS A 1 67  ? -7.289  14.383  -8.289  1.00 18.47 ? 76  LYS A CA  1 
ATOM   514  C C   . LYS A 1 67  ? -8.361  13.924  -7.328  1.00 21.12 ? 76  LYS A C   1 
ATOM   515  O O   . LYS A 1 67  ? -8.728  12.758  -7.297  1.00 22.46 ? 76  LYS A O   1 
ATOM   516  C CB  . LYS A 1 67  ? -7.909  15.214  -9.404  1.00 17.70 ? 76  LYS A CB  1 
ATOM   517  C CG  . LYS A 1 67  ? -8.868  14.443  -10.278 1.00 18.25 ? 76  LYS A CG  1 
ATOM   518  C CD  . LYS A 1 67  ? -9.483  15.323  -11.352 1.00 18.86 ? 76  LYS A CD  1 
ATOM   519  C CE  . LYS A 1 67  ? -10.505 14.544  -12.189 1.00 20.19 ? 76  LYS A CE  1 
ATOM   520  N NZ  . LYS A 1 67  ? -11.411 15.473  -12.919 1.00 22.47 ? 76  LYS A NZ  1 
ATOM   521  N N   . ARG A 1 68  ? -8.857  14.856  -6.526  1.00 23.09 ? 77  ARG A N   1 
ATOM   522  C CA  . ARG A 1 68  ? -9.973  14.559  -5.650  1.00 24.36 ? 77  ARG A CA  1 
ATOM   523  C C   . ARG A 1 68  ? -11.165 15.371  -6.120  1.00 26.00 ? 77  ARG A C   1 
ATOM   524  O O   . ARG A 1 68  ? -11.096 16.597  -6.208  1.00 26.15 ? 77  ARG A O   1 
ATOM   525  C CB  . ARG A 1 68  ? -9.629  14.910  -4.202  1.00 22.45 ? 77  ARG A CB  1 
ATOM   526  C CG  . ARG A 1 68  ? -8.330  14.297  -3.706  1.00 18.99 ? 77  ARG A CG  1 
ATOM   527  C CD  . ARG A 1 68  ? -8.328  14.158  -2.192  1.00 12.43 ? 77  ARG A CD  1 
ATOM   528  N NE  . ARG A 1 68  ? -8.795  12.843  -1.763  1.00 11.62 ? 77  ARG A NE  1 
ATOM   529  C CZ  . ARG A 1 68  ? -8.001  11.884  -1.296  1.00 10.60 ? 77  ARG A CZ  1 
ATOM   530  N NH1 . ARG A 1 68  ? -6.695  12.092  -1.196  1.00 11.81 ? 77  ARG A NH1 1 
ATOM   531  N NH2 . ARG A 1 68  ? -8.513  10.717  -0.930  1.00 9.58  ? 77  ARG A NH2 1 
ATOM   532  N N   . VAL A 1 69  ? -12.260 14.685  -6.418  1.00 29.51 ? 78  VAL A N   1 
ATOM   533  C CA  . VAL A 1 69  ? -13.482 15.371  -6.827  1.00 33.28 ? 78  VAL A CA  1 
ATOM   534  C C   . VAL A 1 69  ? -14.112 16.016  -5.574  1.00 35.83 ? 78  VAL A C   1 
ATOM   535  O O   . VAL A 1 69  ? -14.356 17.241  -5.556  1.00 38.64 ? 78  VAL A O   1 
ATOM   536  C CB  . VAL A 1 69  ? -14.475 14.461  -7.606  1.00 32.97 ? 78  VAL A CB  1 
ATOM   537  C CG1 . VAL A 1 69  ? -15.767 15.212  -7.918  1.00 32.48 ? 78  VAL A CG1 1 
ATOM   538  C CG2 . VAL A 1 69  ? -13.866 14.006  -8.909  1.00 33.15 ? 78  VAL A CG2 1 
ATOM   539  N N   . ASN A 1 70  ? -14.350 15.217  -4.527  1.00 36.19 ? 79  ASN A N   1 
ATOM   540  C CA  . ASN A 1 70  ? -14.690 15.770  -3.196  1.00 35.30 ? 79  ASN A CA  1 
ATOM   541  C C   . ASN A 1 70  ? -13.861 15.145  -2.088  1.00 33.05 ? 79  ASN A C   1 
ATOM   542  O O   . ASN A 1 70  ? -12.993 15.797  -1.528  1.00 33.36 ? 79  ASN A O   1 
ATOM   543  C CB  . ASN A 1 70  ? -16.174 15.636  -2.898  1.00 37.51 ? 79  ASN A CB  1 
ATOM   544  C CG  . ASN A 1 70  ? -16.982 16.770  -3.482  1.00 39.75 ? 79  ASN A CG  1 
ATOM   545  O OD1 . ASN A 1 70  ? -18.185 16.621  -3.724  1.00 43.83 ? 79  ASN A OD1 1 
ATOM   546  N ND2 . ASN A 1 70  ? -16.335 17.917  -3.702  1.00 39.61 ? 79  ASN A ND2 1 
ATOM   547  N N   . GLY A 1 71  ? -14.124 13.881  -1.780  1.00 30.66 ? 80  GLY A N   1 
ATOM   548  C CA  . GLY A 1 71  ? -13.196 13.089  -0.974  1.00 27.53 ? 80  GLY A CA  1 
ATOM   549  C C   . GLY A 1 71  ? -12.571 12.037  -1.887  1.00 24.98 ? 80  GLY A C   1 
ATOM   550  O O   . GLY A 1 71  ? -11.507 11.488  -1.600  1.00 24.25 ? 80  GLY A O   1 
ATOM   551  N N   . ALA A 1 72  ? -13.250 11.790  -3.008  1.00 22.11 ? 81  ALA A N   1 
ATOM   552  C CA  . ALA A 1 72  ? -12.944 10.700  -3.938  1.00 18.62 ? 81  ALA A CA  1 
ATOM   553  C C   . ALA A 1 72  ? -11.610 10.815  -4.656  1.00 17.78 ? 81  ALA A C   1 
ATOM   554  O O   . ALA A 1 72  ? -11.193 11.898  -5.047  1.00 18.19 ? 81  ALA A O   1 
ATOM   555  C CB  . ALA A 1 72  ? -14.058 10.552  -4.953  1.00 16.41 ? 81  ALA A CB  1 
ATOM   556  N N   . ILE A 1 73  ? -10.953 9.677   -4.826  1.00 17.85 ? 82  ILE A N   1 
ATOM   557  C CA  . ILE A 1 73  ? -9.711  9.600   -5.554  1.00 17.53 ? 82  ILE A CA  1 
ATOM   558  C C   . ILE A 1 73  ? -10.112 9.227   -6.975  1.00 18.08 ? 82  ILE A C   1 
ATOM   559  O O   . ILE A 1 73  ? -10.939 8.317   -7.201  1.00 17.66 ? 82  ILE A O   1 
ATOM   560  C CB  . ILE A 1 73  ? -8.782  8.518   -4.949  1.00 18.04 ? 82  ILE A CB  1 
ATOM   561  C CG1 . ILE A 1 73  ? -8.312  8.928   -3.553  1.00 14.69 ? 82  ILE A CG1 1 
ATOM   562  C CG2 . ILE A 1 73  ? -7.563  8.282   -5.851  1.00 19.38 ? 82  ILE A CG2 1 
ATOM   563  C CD1 . ILE A 1 73  ? -7.654  7.829   -2.784  1.00 15.63 ? 82  ILE A CD1 1 
ATOM   564  N N   . VAL A 1 74  ? -9.549  9.962   -7.930  1.00 17.77 ? 83  VAL A N   1 
ATOM   565  C CA  . VAL A 1 74  ? -9.832  9.776   -9.341  1.00 15.55 ? 83  VAL A CA  1 
ATOM   566  C C   . VAL A 1 74  ? -8.478  9.751   -10.065 1.00 16.31 ? 83  VAL A C   1 
ATOM   567  O O   . VAL A 1 74  ? -7.706  10.700  -9.995  1.00 16.67 ? 83  VAL A O   1 
ATOM   568  C CB  . VAL A 1 74  ? -10.695 10.932  -9.870  1.00 15.54 ? 83  VAL A CB  1 
ATOM   569  C CG1 . VAL A 1 74  ? -11.019 10.743  -11.345 1.00 15.02 ? 83  VAL A CG1 1 
ATOM   570  C CG2 . VAL A 1 74  ? -11.975 11.076  -9.043  1.00 13.48 ? 83  VAL A CG2 1 
ATOM   571  N N   . CYS A 1 75  ? -8.163  8.646   -10.725 1.00 16.56 ? 84  CYS A N   1 
ATOM   572  C CA  . CYS A 1 75  ? -6.891  8.535   -11.408 1.00 14.75 ? 84  CYS A CA  1 
ATOM   573  C C   . CYS A 1 75  ? -7.014  9.168   -12.776 1.00 17.17 ? 84  CYS A C   1 
ATOM   574  O O   . CYS A 1 75  ? -7.924  8.833   -13.548 1.00 19.10 ? 84  CYS A O   1 
ATOM   575  C CB  . CYS A 1 75  ? -6.468  7.073   -11.549 1.00 11.14 ? 84  CYS A CB  1 
ATOM   576  S SG  . CYS A 1 75  ? -6.107  6.241   -10.003 1.00 16.99 ? 84  CYS A SG  1 
ATOM   577  N N   . GLU A 1 76  ? -6.099  10.081  -13.079 1.00 18.66 ? 85  GLU A N   1 
ATOM   578  C CA  . GLU A 1 76  ? -6.072  10.720  -14.386 1.00 19.29 ? 85  GLU A CA  1 
ATOM   579  C C   . GLU A 1 76  ? -5.426  9.815   -15.425 1.00 18.47 ? 85  GLU A C   1 
ATOM   580  O O   . GLU A 1 76  ? -4.581  8.955   -15.103 1.00 18.65 ? 85  GLU A O   1 
ATOM   581  C CB  . GLU A 1 76  ? -5.410  12.108  -14.314 1.00 21.72 ? 85  GLU A CB  1 
ATOM   582  C CG  . GLU A 1 76  ? -6.329  13.206  -13.730 1.00 25.65 ? 85  GLU A CG  1 
ATOM   583  C CD  . GLU A 1 76  ? -5.562  14.369  -13.124 1.00 31.02 ? 85  GLU A CD  1 
ATOM   584  O OE1 . GLU A 1 76  ? -4.591  14.121  -12.390 1.00 34.98 ? 85  GLU A OE1 1 
ATOM   585  O OE2 . GLU A 1 76  ? -5.921  15.540  -13.355 1.00 33.20 ? 85  GLU A OE2 1 
ATOM   586  N N   . LYS A 1 77  ? -5.774  9.969   -16.672 1.00 18.56 ? 86  LYS A N   1 
ATOM   587  C CA  . LYS A 1 77  ? -5.174  9.269   -17.787 1.00 17.44 ? 86  LYS A CA  1 
ATOM   588  C C   . LYS A 1 77  ? -3.653  9.385   -17.927 1.00 15.13 ? 86  LYS A C   1 
ATOM   589  O O   . LYS A 1 77  ? -3.115  10.379  -17.748 1.00 15.17 ? 86  LYS A O   1 
ATOM   590  C CB  . LYS A 1 77  ? -5.856  9.791   -19.024 1.00 19.15 ? 86  LYS A CB  1 
ATOM   591  C CG  . LYS A 1 77  ? -6.350  8.786   -20.002 1.00 27.19 ? 86  LYS A CG  1 
ATOM   592  C CD  . LYS A 1 77  ? -6.347  9.382   -21.381 1.00 32.89 ? 86  LYS A CD  1 
ATOM   593  C CE  . LYS A 1 77  ? -6.894  8.421   -22.414 1.00 35.91 ? 86  LYS A CE  1 
ATOM   594  N NZ  . LYS A 1 77  ? -5.960  7.343   -22.812 1.00 36.08 ? 86  LYS A NZ  1 
ATOM   595  N N   . GLY A 1 78  ? -2.972  8.343   -18.280 1.00 7.85  ? 88  GLY A N   1 
ATOM   596  C CA  . GLY A 1 78  ? -1.560  8.387   -18.421 1.00 8.80  ? 88  GLY A CA  1 
ATOM   597  C C   . GLY A 1 78  ? -1.312  7.230   -19.282 1.00 10.31 ? 88  GLY A C   1 
ATOM   598  O O   . GLY A 1 78  ? -2.110  6.966   -20.096 1.00 12.64 ? 88  GLY A O   1 
ATOM   599  N N   . THR A 1 79  ? -0.205  6.553   -19.111 1.00 12.17 ? 89  THR A N   1 
ATOM   600  C CA  . THR A 1 79  ? 0.102   5.356   -19.838 1.00 11.01 ? 89  THR A CA  1 
ATOM   601  C C   . THR A 1 79  ? -0.713  4.284   -19.146 1.00 12.29 ? 89  THR A C   1 
ATOM   602  O O   . THR A 1 79  ? -1.254  4.511   -18.052 1.00 14.18 ? 89  THR A O   1 
ATOM   603  C CB  . THR A 1 79  ? 1.584   5.085   -19.674 1.00 9.88  ? 89  THR A CB  1 
ATOM   604  O OG1 . THR A 1 79  ? 1.853   4.879   -18.285 1.00 9.70  ? 89  THR A OG1 1 
ATOM   605  C CG2 . THR A 1 79  ? 2.372   6.305   -20.083 1.00 7.08  ? 89  THR A CG2 1 
ATOM   606  N N   . SER A 1 80  ? -0.835  3.119   -19.760 1.00 12.67 ? 90  SER A N   1 
ATOM   607  C CA  . SER A 1 80  ? -1.608  2.060   -19.155 1.00 12.40 ? 90  SER A CA  1 
ATOM   608  C C   . SER A 1 80  ? -0.993  1.615   -17.819 1.00 11.69 ? 90  SER A C   1 
ATOM   609  O O   . SER A 1 80  ? -1.721  1.267   -16.897 1.00 12.30 ? 90  SER A O   1 
ATOM   610  C CB  . SER A 1 80  ? -1.726  0.884   -20.115 1.00 13.73 ? 90  SER A CB  1 
ATOM   611  O OG  . SER A 1 80  ? -0.434  0.382   -20.360 1.00 19.68 ? 90  SER A OG  1 
ATOM   612  N N   . CYS A 1 81  ? 0.336   1.628   -17.702 1.00 10.68 ? 91  CYS A N   1 
ATOM   613  C CA  . CYS A 1 81  ? 0.975   1.267   -16.426 1.00 9.70  ? 91  CYS A CA  1 
ATOM   614  C C   . CYS A 1 81  ? 0.579   2.240   -15.343 1.00 9.14  ? 91  CYS A C   1 
ATOM   615  O O   . CYS A 1 81  ? 0.199   1.861   -14.254 1.00 9.99  ? 91  CYS A O   1 
ATOM   616  C CB  . CYS A 1 81  ? 2.498   1.185   -16.552 1.00 8.33  ? 91  CYS A CB  1 
ATOM   617  S SG  . CYS A 1 81  ? 3.102   -0.444  -17.141 1.00 11.33 ? 91  CYS A SG  1 
ATOM   618  N N   . GLU A 1 82  ? 0.635   3.516   -15.675 1.00 9.96  ? 92  GLU A N   1 
ATOM   619  C CA  . GLU A 1 82  ? 0.326   4.584   -14.738 1.00 8.68  ? 92  GLU A CA  1 
ATOM   620  C C   . GLU A 1 82  ? -1.102  4.539   -14.220 1.00 10.33 ? 92  GLU A C   1 
ATOM   621  O O   . GLU A 1 82  ? -1.315  4.799   -13.035 1.00 10.03 ? 92  GLU A O   1 
ATOM   622  C CB  . GLU A 1 82  ? 0.633   5.945   -15.369 1.00 7.03  ? 92  GLU A CB  1 
ATOM   623  C CG  . GLU A 1 82  ? 2.109   6.291   -15.363 1.00 5.47  ? 92  GLU A CG  1 
ATOM   624  C CD  . GLU A 1 82  ? 2.506   7.254   -16.468 1.00 6.36  ? 92  GLU A CD  1 
ATOM   625  O OE1 . GLU A 1 82  ? 1.639   7.720   -17.229 1.00 8.96  ? 92  GLU A OE1 1 
ATOM   626  O OE2 . GLU A 1 82  ? 3.703   7.537   -16.603 1.00 6.35  ? 92  GLU A OE2 1 
ATOM   627  N N   . ASN A 1 83  ? -2.070  4.195   -15.082 1.00 12.58 ? 93  ASN A N   1 
ATOM   628  C CA  . ASN A 1 83  ? -3.489  4.114   -14.673 1.00 13.79 ? 93  ASN A CA  1 
ATOM   629  C C   . ASN A 1 83  ? -3.721  2.950   -13.752 1.00 13.40 ? 93  ASN A C   1 
ATOM   630  O O   . ASN A 1 83  ? -4.443  3.042   -12.775 1.00 15.30 ? 93  ASN A O   1 
ATOM   631  C CB  . ASN A 1 83  ? -4.411  3.945   -15.864 1.00 15.58 ? 93  ASN A CB  1 
ATOM   632  C CG  . ASN A 1 83  ? -4.215  5.011   -16.900 1.00 18.64 ? 93  ASN A CG  1 
ATOM   633  O OD1 . ASN A 1 83  ? -3.848  6.129   -16.577 1.00 23.17 ? 93  ASN A OD1 1 
ATOM   634  N ND2 . ASN A 1 83  ? -4.456  4.671   -18.155 1.00 21.16 ? 93  ASN A ND2 1 
ATOM   635  N N   . ARG A 1 84  ? -3.098  1.840   -14.087 1.00 12.27 ? 94  ARG A N   1 
ATOM   636  C CA  . ARG A 1 84  ? -3.137  0.663   -13.267 1.00 10.20 ? 94  ARG A CA  1 
ATOM   637  C C   . ARG A 1 84  ? -2.278  0.760   -12.015 1.00 10.19 ? 94  ARG A C   1 
ATOM   638  O O   . ARG A 1 84  ? -2.629  0.166   -11.014 1.00 11.00 ? 94  ARG A O   1 
ATOM   639  C CB  . ARG A 1 84  ? -2.761  -0.554  -14.078 1.00 10.94 ? 94  ARG A CB  1 
ATOM   640  C CG  . ARG A 1 84  ? -3.684  -0.755  -15.222 1.00 12.13 ? 94  ARG A CG  1 
ATOM   641  C CD  . ARG A 1 84  ? -3.014  -1.521  -16.296 1.00 13.13 ? 94  ARG A CD  1 
ATOM   642  N NE  . ARG A 1 84  ? -3.152  -2.949  -16.123 1.00 13.41 ? 94  ARG A NE  1 
ATOM   643  C CZ  . ARG A 1 84  ? -2.274  -3.826  -16.605 1.00 17.73 ? 94  ARG A CZ  1 
ATOM   644  N NH1 . ARG A 1 84  ? -1.182  -3.386  -17.242 1.00 14.84 ? 94  ARG A NH1 1 
ATOM   645  N NH2 . ARG A 1 84  ? -2.473  -5.144  -16.435 1.00 19.57 ? 94  ARG A NH2 1 
ATOM   646  N N   . ILE A 1 85  ? -1.169  1.485   -12.015 1.00 18.51 ? 95  ILE A N   1 
ATOM   647  C CA  . ILE A 1 85  ? -0.465  1.625   -10.751 1.00 16.03 ? 95  ILE A CA  1 
ATOM   648  C C   . ILE A 1 85  ? -1.319  2.514   -9.898  1.00 17.89 ? 95  ILE A C   1 
ATOM   649  O O   . ILE A 1 85  ? -1.545  2.223   -8.734  1.00 18.58 ? 95  ILE A O   1 
ATOM   650  C CB  . ILE A 1 85  ? 0.896   2.261   -10.894 1.00 16.41 ? 95  ILE A CB  1 
ATOM   651  C CG1 . ILE A 1 85  ? 1.812   1.402   -11.771 1.00 15.03 ? 95  ILE A CG1 1 
ATOM   652  C CG2 . ILE A 1 85  ? 1.520   2.512   -9.501  1.00 15.41 ? 95  ILE A CG2 1 
ATOM   653  C CD1 . ILE A 1 85  ? 2.997   2.146   -12.291 1.00 12.00 ? 95  ILE A CD1 1 
ATOM   654  N N   . CYS A 1 86  ? -1.845  3.591   -10.472 1.00 17.31 ? 96  CYS A N   1 
ATOM   655  C CA  . CYS A 1 86  ? -2.747  4.437   -9.699  1.00 18.72 ? 96  CYS A CA  1 
ATOM   656  C C   . CYS A 1 86  ? -3.943  3.731   -9.081  1.00 10.16 ? 96  CYS A C   1 
ATOM   657  O O   . CYS A 1 86  ? -4.330  4.072   -7.975  1.00 11.88 ? 96  CYS A O   1 
ATOM   658  C CB  . CYS A 1 86  ? -3.217  5.644   -10.490 1.00 19.22 ? 96  CYS A CB  1 
ATOM   659  S SG  . CYS A 1 86  ? -4.259  6.768   -9.502  1.00 19.41 ? 96  CYS A SG  1 
ATOM   660  N N   . GLU A 1 87  ? -4.524  2.738   -9.761  1.00 12.05 ? 97  GLU A N   1 
ATOM   661  C CA  . GLU A 1 87  ? -5.692  2.025   -9.216  1.00 13.29 ? 97  GLU A CA  1 
ATOM   662  C C   . GLU A 1 87  ? -5.334  1.158   -8.040  1.00 12.88 ? 97  GLU A C   1 
ATOM   663  O O   . GLU A 1 87  ? -6.140  0.989   -7.133  1.00 16.10 ? 97  GLU A O   1 
ATOM   664  C CB  . GLU A 1 87  ? -6.429  1.196   -10.270 1.00 14.14 ? 97  GLU A CB  1 
ATOM   665  C CG  . GLU A 1 87  ? -7.305  2.023   -11.227 1.00 17.06 ? 97  GLU A CG  1 
ATOM   666  C CD  . GLU A 1 87  ? -8.511  2.641   -10.556 1.00 18.18 ? 97  GLU A CD  1 
ATOM   667  O OE1 . GLU A 1 87  ? -9.115  1.989   -9.685  1.00 21.02 ? 97  GLU A OE1 1 
ATOM   668  O OE2 . GLU A 1 87  ? -8.874  3.771   -10.920 1.00 19.99 ? 97  GLU A OE2 1 
ATOM   669  N N   . CYS A 1 88  ? -4.138  0.592   -8.047  1.00 10.52 ? 98  CYS A N   1 
ATOM   670  C CA  . CYS A 1 88  ? -3.726  -0.266  -6.957  1.00 9.07  ? 98  CYS A CA  1 
ATOM   671  C C   . CYS A 1 88  ? -3.490  0.553   -5.713  1.00 8.15  ? 98  CYS A C   1 
ATOM   672  O O   . CYS A 1 88  ? -3.775  0.113   -4.620  1.00 8.87  ? 98  CYS A O   1 
ATOM   673  C CB  . CYS A 1 88  ? -2.438  -0.985  -7.304  1.00 10.01 ? 98  CYS A CB  1 
ATOM   674  S SG  . CYS A 1 88  ? -2.606  -2.160  -8.610  1.00 9.79  ? 98  CYS A SG  1 
ATOM   675  N N   . ASP A 1 89  ? -2.958  1.751   -5.890  1.00 7.54  ? 99  ASP A N   1 
ATOM   676  C CA  . ASP A 1 89  ? -2.634  2.623   -4.785  1.00 6.95  ? 99  ASP A CA  1 
ATOM   677  C C   . ASP A 1 89  ? -3.877  3.216   -4.175  1.00 6.95  ? 99  ASP A C   1 
ATOM   678  O O   . ASP A 1 89  ? -3.979  3.285   -2.938  1.00 8.33  ? 99  ASP A O   1 
ATOM   679  C CB  . ASP A 1 89  ? -1.715  3.747   -5.250  1.00 7.06  ? 99  ASP A CB  1 
ATOM   680  C CG  . ASP A 1 89  ? -0.290  3.293   -5.433  1.00 7.79  ? 99  ASP A CG  1 
ATOM   681  O OD1 . ASP A 1 89  ? 0.024   2.101   -5.174  1.00 10.88 ? 99  ASP A OD1 1 
ATOM   682  O OD2 . ASP A 1 89  ? 0.542   4.115   -5.818  1.00 6.28  ? 99  ASP A OD2 1 
ATOM   683  N N   . LYS A 1 90  ? -4.804  3.664   -5.021  1.00 6.06  ? 100 LYS A N   1 
ATOM   684  C CA  . LYS A 1 90  ? -6.098  4.141   -4.550  1.00 7.70  ? 100 LYS A CA  1 
ATOM   685  C C   . LYS A 1 90  ? -6.769  3.129   -3.613  1.00 9.33  ? 100 LYS A C   1 
ATOM   686  O O   . LYS A 1 90  ? -7.289  3.502   -2.566  1.00 10.76 ? 100 LYS A O   1 
ATOM   687  C CB  . LYS A 1 90  ? -6.999  4.410   -5.739  1.00 6.94  ? 100 LYS A CB  1 
ATOM   688  C CG  . LYS A 1 90  ? -8.408  4.728   -5.392  1.00 5.21  ? 100 LYS A CG  1 
ATOM   689  C CD  . LYS A 1 90  ? -9.127  5.094   -6.625  1.00 4.76  ? 100 LYS A CD  1 
ATOM   690  C CE  . LYS A 1 90  ? -10.595 5.125   -6.342  1.00 9.56  ? 100 LYS A CE  1 
ATOM   691  N NZ  . LYS A 1 90  ? -11.315 5.789   -7.480  1.00 17.00 ? 100 LYS A NZ  1 
ATOM   692  N N   . ALA A 1 91  ? -6.726  1.850   -3.991  1.00 9.70  ? 101 ALA A N   1 
ATOM   693  C CA  . ALA A 1 91  ? -7.302  0.754   -3.227  1.00 8.40  ? 101 ALA A CA  1 
ATOM   694  C C   . ALA A 1 91  ? -6.682  0.606   -1.847  1.00 8.48  ? 101 ALA A C   1 
ATOM   695  O O   . ALA A 1 91  ? -7.375  0.524   -0.844  1.00 10.54 ? 101 ALA A O   1 
ATOM   696  C CB  . ALA A 1 91  ? -7.150  -0.524  -3.995  1.00 9.73  ? 101 ALA A CB  1 
ATOM   697  N N   . ALA A 1 92  ? -5.362  0.588   -1.808  1.00 7.87  ? 102 ALA A N   1 
ATOM   698  C CA  . ALA A 1 92  ? -4.605  0.467   -0.580  1.00 6.19  ? 102 ALA A CA  1 
ATOM   699  C C   . ALA A 1 92  ? -4.943  1.568   0.427   1.00 6.64  ? 102 ALA A C   1 
ATOM   700  O O   . ALA A 1 92  ? -5.011  1.301   1.625   1.00 7.13  ? 102 ALA A O   1 
ATOM   701  C CB  . ALA A 1 92  ? -3.107  0.476   -0.923  1.00 4.67  ? 102 ALA A CB  1 
ATOM   702  N N   . ALA A 1 93  ? -5.123  2.806   -0.056  1.00 7.22  ? 103 ALA A N   1 
ATOM   703  C CA  . ALA A 1 93  ? -5.362  3.985   0.792   1.00 7.13  ? 103 ALA A CA  1 
ATOM   704  C C   . ALA A 1 93  ? -6.750  3.932   1.384   1.00 8.84  ? 103 ALA A C   1 
ATOM   705  O O   . ALA A 1 93  ? -6.943  4.245   2.556   1.00 10.16 ? 103 ALA A O   1 
ATOM   706  C CB  . ALA A 1 93  ? -5.172  5.273   0.011   1.00 5.12  ? 103 ALA A CB  1 
ATOM   707  N N   . ILE A 1 94  ? -7.724  3.577   0.556   1.00 10.07 ? 104 ILE A N   1 
ATOM   708  C CA  . ILE A 1 94  ? -9.091  3.330   1.011   1.00 11.98 ? 104 ILE A CA  1 
ATOM   709  C C   . ILE A 1 94  ? -8.992  2.181   2.037   1.00 11.71 ? 104 ILE A C   1 
ATOM   710  O O   . ILE A 1 94  ? -9.404  2.293   3.178   1.00 11.50 ? 104 ILE A O   1 
ATOM   711  C CB  . ILE A 1 94  ? -10.008 2.946   -0.202  1.00 12.78 ? 104 ILE A CB  1 
ATOM   712  C CG1 . ILE A 1 94  ? -10.253 4.142   -1.124  1.00 12.38 ? 104 ILE A CG1 1 
ATOM   713  C CG2 . ILE A 1 94  ? -11.351 2.401   0.267   1.00 13.41 ? 104 ILE A CG2 1 
ATOM   714  C CD1 . ILE A 1 94  ? -11.074 5.216   -0.455  1.00 18.21 ? 104 ILE A CD1 1 
ATOM   715  N N   . CYS A 1 95  ? -8.389  1.079   1.641   1.00 11.46 ? 105 CYS A N   1 
ATOM   716  C CA  . CYS A 1 95  ? -8.226  -0.021  2.577   1.00 11.98 ? 105 CYS A CA  1 
ATOM   717  C C   . CYS A 1 95  ? -7.594  0.384   3.925   1.00 12.46 ? 105 CYS A C   1 
ATOM   718  O O   . CYS A 1 95  ? -8.013  -0.136  4.972   1.00 13.42 ? 105 CYS A O   1 
ATOM   719  C CB  . CYS A 1 95  ? -7.444  -1.132  1.939   1.00 9.82  ? 105 CYS A CB  1 
ATOM   720  S SG  . CYS A 1 95  ? -7.510  -2.647  2.825   1.00 8.50  ? 105 CYS A SG  1 
ATOM   721  N N   . PHE A 1 96  ? -6.620  1.306   3.896   1.00 12.91 ? 106 PHE A N   1 
ATOM   722  C CA  . PHE A 1 96  ? -5.953  1.794   5.101   1.00 13.56 ? 106 PHE A CA  1 
ATOM   723  C C   . PHE A 1 96  ? -6.875  2.625   5.970   1.00 15.54 ? 106 PHE A C   1 
ATOM   724  O O   . PHE A 1 96  ? -6.864  2.508   7.188   1.00 17.35 ? 106 PHE A O   1 
ATOM   725  C CB  . PHE A 1 96  ? -4.759  2.660   4.744   1.00 12.07 ? 106 PHE A CB  1 
ATOM   726  C CG  . PHE A 1 96  ? -3.569  1.902   4.304   1.00 10.58 ? 106 PHE A CG  1 
ATOM   727  C CD1 . PHE A 1 96  ? -3.364  0.607   4.703   1.00 10.74 ? 106 PHE A CD1 1 
ATOM   728  C CD2 . PHE A 1 96  ? -2.632  2.500   3.504   1.00 11.29 ? 106 PHE A CD2 1 
ATOM   729  C CE1 . PHE A 1 96  ? -2.252  -0.086  4.294   1.00 11.13 ? 106 PHE A CE1 1 
ATOM   730  C CE2 . PHE A 1 96  ? -1.500  1.805   3.085   1.00 11.51 ? 106 PHE A CE2 1 
ATOM   731  C CZ  . PHE A 1 96  ? -1.313  0.515   3.490   1.00 10.78 ? 106 PHE A CZ  1 
ATOM   732  N N   . ARG A 1 97  ? -7.655  3.490   5.342   1.00 18.48 ? 107 ARG A N   1 
ATOM   733  C CA  . ARG A 1 97  ? -8.652  4.308   6.034   1.00 19.90 ? 107 ARG A CA  1 
ATOM   734  C C   . ARG A 1 97  ? -9.751  3.454   6.658   1.00 21.77 ? 107 ARG A C   1 
ATOM   735  O O   . ARG A 1 97  ? -10.224 3.769   7.739   1.00 24.04 ? 107 ARG A O   1 
ATOM   736  C CB  . ARG A 1 97  ? -9.288  5.294   5.057   1.00 18.86 ? 107 ARG A CB  1 
ATOM   737  C CG  . ARG A 1 97  ? -10.536 5.971   5.534   1.00 19.38 ? 107 ARG A CG  1 
ATOM   738  C CD  . ARG A 1 97  ? -10.241 7.129   6.441   1.00 20.56 ? 107 ARG A CD  1 
ATOM   739  N NE  . ARG A 1 97  ? -10.432 6.742   7.826   1.00 27.04 ? 107 ARG A NE  1 
ATOM   740  C CZ  . ARG A 1 97  ? -11.353 7.265   8.630   1.00 28.79 ? 107 ARG A CZ  1 
ATOM   741  N NH1 . ARG A 1 97  ? -12.150 8.229   8.185   1.00 26.82 ? 107 ARG A NH1 1 
ATOM   742  N NH2 . ARG A 1 97  ? -11.473 6.826   9.889   1.00 29.13 ? 107 ARG A NH2 1 
ATOM   743  N N   . GLN A 1 98  ? -10.160 2.385   5.981   1.00 22.47 ? 108 GLN A N   1 
ATOM   744  C CA  . GLN A 1 98  ? -11.312 1.591   6.419   1.00 21.80 ? 108 GLN A CA  1 
ATOM   745  C C   . GLN A 1 98  ? -10.980 0.712   7.601   1.00 21.91 ? 108 GLN A C   1 
ATOM   746  O O   . GLN A 1 98  ? -11.864 0.131   8.212   1.00 20.48 ? 108 GLN A O   1 
ATOM   747  C CB  . GLN A 1 98  ? -11.828 0.747   5.257   1.00 22.74 ? 108 GLN A CB  1 
ATOM   748  C CG  . GLN A 1 98  ? -12.919 -0.187  5.608   1.00 23.68 ? 108 GLN A CG  1 
ATOM   749  C CD  . GLN A 1 98  ? -13.921 -0.285  4.506   1.00 26.44 ? 108 GLN A CD  1 
ATOM   750  O OE1 . GLN A 1 98  ? -15.054 0.203   4.653   1.00 29.17 ? 108 GLN A OE1 1 
ATOM   751  N NE2 . GLN A 1 98  ? -13.526 -0.900  3.388   1.00 21.62 ? 108 GLN A NE2 1 
ATOM   752  N N   . ASN A 1 99  ? -9.686  0.626   7.912   1.00 22.33 ? 109 ASN A N   1 
ATOM   753  C CA  . ASN A 1 99  ? -9.179  -0.208  9.002   1.00 22.39 ? 109 ASN A CA  1 
ATOM   754  C C   . ASN A 1 99  ? -8.268  0.567   9.966   1.00 22.66 ? 109 ASN A C   1 
ATOM   755  O O   . ASN A 1 99  ? -7.513  -0.035  10.743  1.00 23.28 ? 109 ASN A O   1 
ATOM   756  C CB  . ASN A 1 99  ? -8.425  -1.417  8.448   1.00 21.29 ? 109 ASN A CB  1 
ATOM   757  C CG  . ASN A 1 99  ? -9.308  -2.372  7.729   1.00 19.89 ? 109 ASN A CG  1 
ATOM   758  O OD1 . ASN A 1 99  ? -10.198 -2.984  8.313   1.00 19.50 ? 109 ASN A OD1 1 
ATOM   759  N ND2 . ASN A 1 99  ? -9.048  -2.543  6.450   1.00 21.45 ? 109 ASN A ND2 1 
ATOM   760  N N   . LEU A 1 100 ? -8.337  1.898   9.922   1.00 23.19 ? 110 LEU A N   1 
ATOM   761  C CA  . LEU A 1 100 ? -7.603  2.738   10.876  1.00 22.71 ? 110 LEU A CA  1 
ATOM   762  C C   . LEU A 1 100 ? -7.929  2.391   12.306  1.00 23.35 ? 110 LEU A C   1 
ATOM   763  O O   . LEU A 1 100 ? -7.065  2.469   13.174  1.00 24.40 ? 110 LEU A O   1 
ATOM   764  C CB  . LEU A 1 100 ? -7.923  4.202   10.679  1.00 21.16 ? 110 LEU A CB  1 
ATOM   765  C CG  . LEU A 1 100 ? -6.870  5.061   9.981   1.00 21.70 ? 110 LEU A CG  1 
ATOM   766  C CD1 . LEU A 1 100 ? -7.314  6.527   10.037  1.00 21.26 ? 110 LEU A CD1 1 
ATOM   767  C CD2 . LEU A 1 100 ? -5.494  4.868   10.605  1.00 18.17 ? 110 LEU A CD2 1 
ATOM   768  N N   . ASN A 1 101 ? -9.179  2.022   12.556  1.00 25.18 ? 111 ASN A N   1 
ATOM   769  C CA  . ASN A 1 101 ? -9.639  1.789   13.907  1.00 25.63 ? 111 ASN A CA  1 
ATOM   770  C C   . ASN A 1 101 ? -9.023  0.560   14.567  1.00 25.59 ? 111 ASN A C   1 
ATOM   771  O O   . ASN A 1 101 ? -9.143  0.397   15.786  1.00 28.68 ? 111 ASN A O   1 
ATOM   772  C CB  . ASN A 1 101 ? -11.171 1.741   13.959  1.00 27.49 ? 111 ASN A CB  1 
ATOM   773  C CG  . ASN A 1 101 ? -11.767 0.553   13.189  1.00 30.06 ? 111 ASN A CG  1 
ATOM   774  O OD1 . ASN A 1 101 ? -11.318 0.200   12.080  1.00 28.73 ? 111 ASN A OD1 1 
ATOM   775  N ND2 . ASN A 1 101 ? -12.807 -0.061  13.777  1.00 30.59 ? 111 ASN A ND2 1 
ATOM   776  N N   . THR A 1 102 ? -8.378  -0.311  13.787  1.00 22.62 ? 112 THR A N   1 
ATOM   777  C CA  . THR A 1 102 ? -7.665  -1.468  14.356  1.00 18.78 ? 112 THR A CA  1 
ATOM   778  C C   . THR A 1 102 ? -6.146  -1.394  14.148  1.00 20.44 ? 112 THR A C   1 
ATOM   779  O O   . THR A 1 102 ? -5.425  -2.348  14.434  1.00 20.03 ? 112 THR A O   1 
ATOM   780  C CB  . THR A 1 102 ? -8.112  -2.801  13.754  1.00 15.78 ? 112 THR A CB  1 
ATOM   781  O OG1 . THR A 1 102 ? -7.869  -2.781  12.353  1.00 12.05 ? 112 THR A OG1 1 
ATOM   782  C CG2 . THR A 1 102 ? -9.587  -3.054  13.970  1.00 13.07 ? 112 THR A CG2 1 
ATOM   783  N N   . TYR A 1 103 ? -5.657  -0.282  13.620  1.00 21.09 ? 113 TYR A N   1 
ATOM   784  C CA  . TYR A 1 103 ? -4.241  -0.154  13.409  1.00 21.90 ? 113 TYR A CA  1 
ATOM   785  C C   . TYR A 1 103 ? -3.618  -0.370  14.788  1.00 23.16 ? 113 TYR A C   1 
ATOM   786  O O   . TYR A 1 103 ? -4.032  0.250   15.752  1.00 25.20 ? 113 TYR A O   1 
ATOM   787  C CB  . TYR A 1 103 ? -3.929  1.232   12.833  1.00 20.65 ? 113 TYR A CB  1 
ATOM   788  C CG  . TYR A 1 103 ? -2.470  1.513   12.647  1.00 20.79 ? 113 TYR A CG  1 
ATOM   789  C CD1 . TYR A 1 103 ? -1.673  1.873   13.727  1.00 21.80 ? 113 TYR A CD1 1 
ATOM   790  C CD2 . TYR A 1 103 ? -1.882  1.414   11.406  1.00 22.32 ? 113 TYR A CD2 1 
ATOM   791  C CE1 . TYR A 1 103 ? -0.337  2.121   13.575  1.00 22.28 ? 113 TYR A CE1 1 
ATOM   792  C CE2 . TYR A 1 103 ? -0.535  1.675   11.231  1.00 22.70 ? 113 TYR A CE2 1 
ATOM   793  C CZ  . TYR A 1 103 ? 0.230   2.021   12.321  1.00 23.79 ? 113 TYR A CZ  1 
ATOM   794  O OH  . TYR A 1 103 ? 1.576   2.262   12.166  1.00 24.63 ? 113 TYR A OH  1 
ATOM   795  N N   . SER A 1 104 ? -2.644  -1.264  14.887  1.00 24.86 ? 114 SER A N   1 
ATOM   796  C CA  . SER A 1 104 ? -1.992  -1.560  16.156  1.00 25.51 ? 114 SER A CA  1 
ATOM   797  C C   . SER A 1 104 ? -0.491  -1.238  16.145  1.00 27.63 ? 114 SER A C   1 
ATOM   798  O O   . SER A 1 104 ? 0.231   -1.612  15.224  1.00 28.41 ? 114 SER A O   1 
ATOM   799  C CB  . SER A 1 104 ? -2.188  -3.032  16.458  1.00 25.19 ? 114 SER A CB  1 
ATOM   800  O OG  . SER A 1 104 ? -1.767  -3.342  17.763  1.00 28.14 ? 114 SER A OG  1 
ATOM   801  N N   . LYS A 1 105 ? -0.009  -0.556  17.177  1.00 29.93 ? 115 LYS A N   1 
ATOM   802  C CA  . LYS A 1 105 ? 1.414   -0.243  17.267  1.00 31.13 ? 115 LYS A CA  1 
ATOM   803  C C   . LYS A 1 105 ? 2.306   -1.474  17.513  1.00 30.79 ? 115 LYS A C   1 
ATOM   804  O O   . LYS A 1 105 ? 3.497   -1.429  17.242  1.00 31.56 ? 115 LYS A O   1 
ATOM   805  C CB  . LYS A 1 105 ? 1.682   0.846   18.324  1.00 34.37 ? 115 LYS A CB  1 
ATOM   806  C CG  . LYS A 1 105 ? 1.618   2.282   17.802  1.00 37.79 ? 115 LYS A CG  1 
ATOM   807  C CD  . LYS A 1 105 ? 1.993   3.285   18.895  1.00 42.24 ? 115 LYS A CD  1 
ATOM   808  C CE  . LYS A 1 105 ? 1.666   4.718   18.474  1.00 44.15 ? 115 LYS A CE  1 
ATOM   809  N NZ  . LYS A 1 105 ? 2.246   5.744   19.411  1.00 45.53 ? 115 LYS A NZ  1 
ATOM   810  N N   . LYS A 1 106 ? 1.743   -2.572  18.003  1.00 29.35 ? 116 LYS A N   1 
ATOM   811  C CA  . LYS A 1 106 ? 2.549   -3.762  18.254  1.00 29.00 ? 116 LYS A CA  1 
ATOM   812  C C   . LYS A 1 106 ? 3.073   -4.436  16.985  1.00 27.45 ? 116 LYS A C   1 
ATOM   813  O O   . LYS A 1 106 ? 3.965   -5.287  17.049  1.00 27.26 ? 116 LYS A O   1 
ATOM   814  C CB  . LYS A 1 106 ? 1.794   -4.758  19.140  1.00 31.30 ? 116 LYS A CB  1 
ATOM   815  C CG  . LYS A 1 106 ? 0.962   -5.825  18.438  1.00 34.68 ? 116 LYS A CG  1 
ATOM   816  C CD  . LYS A 1 106 ? 0.314   -6.770  19.480  1.00 39.14 ? 116 LYS A CD  1 
ATOM   817  C CE  . LYS A 1 106 ? -1.163  -6.421  19.805  1.00 42.03 ? 116 LYS A CE  1 
ATOM   818  N NZ  . LYS A 1 106 ? -1.513  -4.972  20.024  1.00 44.47 ? 116 LYS A NZ  1 
ATOM   819  N N   . TYR A 1 107 ? 2.505   -4.065  15.836  1.00 25.77 ? 117 TYR A N   1 
ATOM   820  C CA  . TYR A 1 107 ? 2.901   -4.634  14.550  1.00 22.16 ? 117 TYR A CA  1 
ATOM   821  C C   . TYR A 1 107 ? 3.887   -3.746  13.806  1.00 21.40 ? 117 TYR A C   1 
ATOM   822  O O   . TYR A 1 107 ? 4.242   -4.054  12.681  1.00 20.73 ? 117 TYR A O   1 
ATOM   823  C CB  . TYR A 1 107 ? 1.682   -4.958  13.684  1.00 19.73 ? 117 TYR A CB  1 
ATOM   824  C CG  . TYR A 1 107 ? 0.793   -6.015  14.292  1.00 18.20 ? 117 TYR A CG  1 
ATOM   825  C CD1 . TYR A 1 107 ? 1.305   -7.263  14.629  1.00 18.82 ? 117 TYR A CD1 1 
ATOM   826  C CD2 . TYR A 1 107 ? -0.560  -5.773  14.537  1.00 16.92 ? 117 TYR A CD2 1 
ATOM   827  C CE1 . TYR A 1 107 ? 0.500   -8.241  15.204  1.00 17.66 ? 117 TYR A CE1 1 
ATOM   828  C CE2 . TYR A 1 107 ? -1.372  -6.739  15.112  1.00 16.11 ? 117 TYR A CE2 1 
ATOM   829  C CZ  . TYR A 1 107 ? -0.840  -7.965  15.440  1.00 17.80 ? 117 TYR A CZ  1 
ATOM   830  O OH  . TYR A 1 107 ? -1.647  -8.928  16.000  1.00 19.77 ? 117 TYR A OH  1 
ATOM   831  N N   . MET A 1 108 ? 4.321   -2.653  14.434  1.00 21.44 ? 118 MET A N   1 
ATOM   832  C CA  . MET A 1 108 ? 5.352   -1.765  13.865  1.00 22.50 ? 118 MET A CA  1 
ATOM   833  C C   . MET A 1 108 ? 6.724   -2.435  14.020  1.00 22.36 ? 118 MET A C   1 
ATOM   834  O O   . MET A 1 108 ? 6.988   -3.082  15.038  1.00 21.67 ? 118 MET A O   1 
ATOM   835  C CB  . MET A 1 108 ? 5.378   -0.411  14.575  1.00 25.05 ? 118 MET A CB  1 
ATOM   836  C CG  . MET A 1 108 ? 4.220   0.549   14.249  1.00 29.42 ? 118 MET A CG  1 
ATOM   837  S SD  . MET A 1 108 ? 4.432   2.288   14.803  1.00 30.42 ? 118 MET A SD  1 
ATOM   838  C CE  . MET A 1 108 ? 6.022   2.629   14.114  1.00 32.27 ? 118 MET A CE  1 
ATOM   839  N N   . LEU A 1 109 ? 7.614   -2.255  13.070  1.00 21.57 ? 119 LEU A N   1 
ATOM   840  C CA  . LEU A 1 109 ? 8.872   -2.957  13.105  1.00 21.13 ? 119 LEU A CA  1 
ATOM   841  C C   . LEU A 1 109 ? 8.735   -4.412  13.437  1.00 20.28 ? 119 LEU A C   1 
ATOM   842  O O   . LEU A 1 109 ? 9.514   -4.878  14.205  1.00 21.29 ? 119 LEU A O   1 
ATOM   843  C CB  . LEU A 1 109 ? 9.827   -2.334  14.115  1.00 21.54 ? 119 LEU A CB  1 
ATOM   844  C CG  . LEU A 1 109 ? 10.007  -0.861  14.333  1.00 21.94 ? 119 LEU A CG  1 
ATOM   845  C CD1 . LEU A 1 109 ? 11.352  -0.612  14.891  1.00 21.49 ? 119 LEU A CD1 1 
ATOM   846  C CD2 . LEU A 1 109 ? 9.985   -0.300  12.982  1.00 24.56 ? 119 LEU A CD2 1 
ATOM   847  N N   . TYR A 1 110 ? 7.780   -5.119  12.827  1.00 19.80 ? 120 TYR A N   1 
ATOM   848  C CA  . TYR A 1 110 ? 7.500   -6.518  13.129  1.00 19.11 ? 120 TYR A CA  1 
ATOM   849  C C   . TYR A 1 110 ? 8.673   -7.379  12.688  1.00 19.73 ? 120 TYR A C   1 
ATOM   850  O O   . TYR A 1 110 ? 9.171   -7.210  11.594  1.00 20.96 ? 120 TYR A O   1 
ATOM   851  C CB  . TYR A 1 110 ? 6.201   -6.949  12.462  1.00 17.75 ? 120 TYR A CB  1 
ATOM   852  C CG  . TYR A 1 110 ? 5.558   -8.153  13.088  1.00 17.85 ? 120 TYR A CG  1 
ATOM   853  C CD1 . TYR A 1 110 ? 4.998   -8.090  14.351  1.00 18.95 ? 120 TYR A CD1 1 
ATOM   854  C CD2 . TYR A 1 110 ? 5.484   -9.351  12.401  1.00 17.51 ? 120 TYR A CD2 1 
ATOM   855  C CE1 . TYR A 1 110 ? 4.417   -9.198  14.916  1.00 18.67 ? 120 TYR A CE1 1 
ATOM   856  C CE2 . TYR A 1 110 ? 4.896   -10.444 12.952  1.00 17.37 ? 120 TYR A CE2 1 
ATOM   857  C CZ  . TYR A 1 110 ? 4.373   -10.371 14.205  1.00 18.81 ? 120 TYR A CZ  1 
ATOM   858  O OH  . TYR A 1 110 ? 3.774   -11.489 14.754  1.00 20.98 ? 120 TYR A OH  1 
ATOM   859  N N   . PRO A 1 111 ? 9.088   -8.330  13.496  1.00 19.33 ? 121 PRO A N   1 
ATOM   860  C CA  . PRO A 1 111 ? 10.247  -9.116  13.151  1.00 19.37 ? 121 PRO A CA  1 
ATOM   861  C C   . PRO A 1 111 ? 9.977   -10.092 12.056  1.00 20.41 ? 121 PRO A C   1 
ATOM   862  O O   . PRO A 1 111 ? 8.937   -10.556 11.930  1.00 20.59 ? 121 PRO A O   1 
ATOM   863  C CB  . PRO A 1 111 ? 10.578  -9.828  14.448  1.00 18.81 ? 121 PRO A CB  1 
ATOM   864  C CG  . PRO A 1 111 ? 9.743   -9.250  15.458  1.00 18.11 ? 121 PRO A CG  1 
ATOM   865  C CD  . PRO A 1 111 ? 8.550   -8.776  14.771  1.00 18.92 ? 121 PRO A CD  1 
ATOM   866  N N   . ASP A 1 112 ? 10.950  -10.365 11.242  1.00 20.78 ? 122 ASP A N   1 
ATOM   867  C CA  . ASP A 1 112 ? 10.803  -11.215 10.102  1.00 20.83 ? 122 ASP A CA  1 
ATOM   868  C C   . ASP A 1 112 ? 10.481  -12.677 10.340  1.00 21.20 ? 122 ASP A C   1 
ATOM   869  O O   . ASP A 1 112 ? 9.785   -13.226 9.606   1.00 22.17 ? 122 ASP A O   1 
ATOM   870  C CB  . ASP A 1 112 ? 12.005  -10.996 9.193   1.00 21.31 ? 122 ASP A CB  1 
ATOM   871  C CG  . ASP A 1 112 ? 12.086  -11.947 8.062   1.00 21.51 ? 122 ASP A CG  1 
ATOM   872  O OD1 . ASP A 1 112 ? 12.499  -13.021 8.340   1.00 23.28 ? 122 ASP A OD1 1 
ATOM   873  O OD2 . ASP A 1 112 ? 11.847  -11.622 6.892   1.00 21.16 ? 122 ASP A OD2 1 
ATOM   874  N N   . PHE A 1 113 ? 11.048  -13.302 11.355  1.00 21.47 ? 124 PHE A N   1 
ATOM   875  C CA  . PHE A 1 113 ? 10.910  -14.700 11.661  1.00 19.62 ? 124 PHE A CA  1 
ATOM   876  C C   . PHE A 1 113 ? 9.546   -15.027 12.138  1.00 20.58 ? 124 PHE A C   1 
ATOM   877  O O   . PHE A 1 113 ? 9.135   -16.128 12.147  1.00 22.93 ? 124 PHE A O   1 
ATOM   878  C CB  . PHE A 1 113 ? 11.967  -15.149 12.667  1.00 19.83 ? 124 PHE A CB  1 
ATOM   879  C CG  . PHE A 1 113 ? 11.655  -14.811 14.094  1.00 18.45 ? 124 PHE A CG  1 
ATOM   880  C CD1 . PHE A 1 113 ? 11.396  -13.541 14.481  1.00 16.14 ? 124 PHE A CD1 1 
ATOM   881  C CD2 . PHE A 1 113 ? 11.646  -15.760 15.034  1.00 19.18 ? 124 PHE A CD2 1 
ATOM   882  C CE1 . PHE A 1 113 ? 11.107  -13.236 15.748  1.00 16.11 ? 124 PHE A CE1 1 
ATOM   883  C CE2 . PHE A 1 113 ? 11.343  -15.458 16.311  1.00 17.49 ? 124 PHE A CE2 1 
ATOM   884  C CZ  . PHE A 1 113 ? 11.074  -14.199 16.662  1.00 15.87 ? 124 PHE A CZ  1 
ATOM   885  N N   . LEU A 1 114 ? 8.819   -14.037 12.540  1.00 22.24 ? 125 LEU A N   1 
ATOM   886  C CA  . LEU A 1 114 ? 7.411   -14.269 12.932  1.00 24.75 ? 125 LEU A CA  1 
ATOM   887  C C   . LEU A 1 114 ? 6.408   -14.265 11.757  1.00 26.16 ? 125 LEU A C   1 
ATOM   888  O O   . LEU A 1 114 ? 5.198   -14.293 11.962  1.00 27.47 ? 125 LEU A O   1 
ATOM   889  C CB  . LEU A 1 114 ? 6.971   -13.283 14.014  1.00 24.03 ? 125 LEU A CB  1 
ATOM   890  C CG  . LEU A 1 114 ? 7.483   -13.542 15.437  1.00 24.60 ? 125 LEU A CG  1 
ATOM   891  C CD1 . LEU A 1 114 ? 6.949   -12.485 16.389  1.00 24.99 ? 125 LEU A CD1 1 
ATOM   892  C CD2 . LEU A 1 114 ? 7.121   -14.947 15.941  1.00 23.64 ? 125 LEU A CD2 1 
ATOM   893  N N   . CYS A 1 115 ? 6.930   -14.222 10.532  1.00 27.64 ? 126 CYS A N   1 
ATOM   894  C CA  . CYS A 1 115 ? 6.129   -14.225 9.332   1.00 27.20 ? 126 CYS A CA  1 
ATOM   895  C C   . CYS A 1 115 ? 6.345   -15.558 8.659   1.00 30.12 ? 126 CYS A C   1 
ATOM   896  O O   . CYS A 1 115 ? 7.265   -15.691 7.854   1.00 31.31 ? 126 CYS A O   1 
ATOM   897  C CB  . CYS A 1 115 ? 6.578   -13.097 8.417   1.00 24.10 ? 126 CYS A CB  1 
ATOM   898  S SG  . CYS A 1 115 ? 6.265   -11.456 9.081   1.00 18.92 ? 126 CYS A SG  1 
ATOM   899  N N   . LYS A 1 116 ? 5.512   -16.548 8.983   1.00 33.75 ? 127 LYS A N   1 
ATOM   900  C CA  . LYS A 1 116 ? 5.692   -17.901 8.434   1.00 39.26 ? 127 LYS A CA  1 
ATOM   901  C C   . LYS A 1 116 ? 4.553   -18.368 7.513   1.00 41.64 ? 127 LYS A C   1 
ATOM   902  O O   . LYS A 1 116 ? 3.365   -18.290 7.878   1.00 41.75 ? 127 LYS A O   1 
ATOM   903  C CB  . LYS A 1 116 ? 5.882   -18.955 9.542   1.00 40.03 ? 127 LYS A CB  1 
ATOM   904  C CG  . LYS A 1 116 ? 6.533   -18.480 10.835  1.00 42.07 ? 127 LYS A CG  1 
ATOM   905  C CD  . LYS A 1 116 ? 6.387   -19.560 11.908  1.00 42.72 ? 127 LYS A CD  1 
ATOM   906  C CE  . LYS A 1 116 ? 6.492   -19.001 13.324  1.00 42.74 ? 127 LYS A CE  1 
ATOM   907  N NZ  . LYS A 1 116 ? 7.892   -18.616 13.699  1.00 44.92 ? 127 LYS A NZ  1 
ATOM   908  N N   . GLY A 1 117 ? 4.927   -18.877 6.335   1.00 44.00 ? 128 GLY A N   1 
ATOM   909  C CA  . GLY A 1 117 ? 3.973   -19.486 5.406   1.00 47.29 ? 128 GLY A CA  1 
ATOM   910  C C   . GLY A 1 117 ? 3.805   -18.732 4.099   1.00 49.67 ? 128 GLY A C   1 
ATOM   911  O O   . GLY A 1 117 ? 3.840   -17.501 4.087   1.00 50.55 ? 128 GLY A O   1 
ATOM   912  N N   . GLU A 1 118 ? 3.657   -19.457 2.989   1.00 51.69 ? 129 GLU A N   1 
ATOM   913  C CA  . GLU A 1 118 ? 3.275   -18.805 1.736   1.00 52.75 ? 129 GLU A CA  1 
ATOM   914  C C   . GLU A 1 118 ? 1.763   -18.658 1.737   1.00 50.95 ? 129 GLU A C   1 
ATOM   915  O O   . GLU A 1 118 ? 1.034   -19.520 2.256   1.00 50.05 ? 129 GLU A O   1 
ATOM   916  C CB  . GLU A 1 118 ? 3.745   -19.565 0.479   1.00 55.06 ? 129 GLU A CB  1 
ATOM   917  C CG  . GLU A 1 118 ? 5.015   -19.017 -0.201  1.00 59.53 ? 129 GLU A CG  1 
ATOM   918  C CD  . GLU A 1 118 ? 4.782   -17.735 -1.017  1.00 62.39 ? 129 GLU A CD  1 
ATOM   919  O OE1 . GLU A 1 118 ? 4.692   -17.812 -2.268  1.00 63.32 ? 129 GLU A OE1 1 
ATOM   920  O OE2 . GLU A 1 118 ? 4.695   -16.641 -0.413  1.00 63.68 ? 129 GLU A OE2 1 
ATOM   921  N N   . LEU A 1 119 ? 1.311   -17.535 1.201   1.00 48.72 ? 130 LEU A N   1 
ATOM   922  C CA  . LEU A 1 119 ? -0.086  -17.285 0.975   1.00 46.35 ? 130 LEU A CA  1 
ATOM   923  C C   . LEU A 1 119 ? -0.102  -16.884 -0.488  1.00 44.58 ? 130 LEU A C   1 
ATOM   924  O O   . LEU A 1 119 ? 0.692   -16.047 -0.910  1.00 44.08 ? 130 LEU A O   1 
ATOM   925  C CB  . LEU A 1 119 ? -0.599  -16.171 1.882   1.00 45.23 ? 130 LEU A CB  1 
ATOM   926  C CG  . LEU A 1 119 ? -2.026  -16.241 2.442   1.00 45.34 ? 130 LEU A CG  1 
ATOM   927  C CD1 . LEU A 1 119 ? -2.547  -14.827 2.653   1.00 44.86 ? 130 LEU A CD1 1 
ATOM   928  C CD2 . LEU A 1 119 ? -2.996  -17.015 1.542   1.00 44.26 ? 130 LEU A CD2 1 
ATOM   929  N N   . LYS A 1 120 ? -1.020  -17.396 -1.270  1.00 43.21 ? 131 LYS A N   1 
ATOM   930  C CA  . LYS A 1 120 ? -1.087  -17.119 -2.667  1.00 41.41 ? 131 LYS A CA  1 
ATOM   931  C C   . LYS A 1 120 ? -1.907  -15.832 -2.995  1.00 39.87 ? 131 LYS A C   1 
ATOM   932  O O   . LYS A 1 120 ? -2.819  -15.539 -2.299  1.00 40.12 ? 131 LYS A O   1 
ATOM   933  C CB  . LYS A 1 120 ? -1.686  -18.353 -3.306  1.00 42.89 ? 131 LYS A CB  1 
ATOM   934  C CG  . LYS A 1 120 ? -0.834  -19.145 -4.298  1.00 45.52 ? 131 LYS A CG  1 
ATOM   935  C CD  . LYS A 1 120 ? 0.099   -20.107 -3.599  1.00 49.57 ? 131 LYS A CD  1 
ATOM   936  C CE  . LYS A 1 120 ? -0.557  -21.438 -3.298  1.00 52.61 ? 131 LYS A CE  1 
ATOM   937  N NZ  . LYS A 1 120 ? -0.769  -22.125 -4.609  1.00 52.85 ? 131 LYS A NZ  1 
ATOM   938  N N   . CYS A 1 121 ? -1.556  -15.075 -4.052  1.00 30.04 ? 133 CYS A N   1 
ATOM   939  C CA  . CYS A 1 121 ? -2.327  -13.919 -4.554  1.00 28.06 ? 133 CYS A CA  1 
ATOM   940  C C   . CYS A 1 121 ? -3.514  -14.407 -5.284  1.00 28.51 ? 133 CYS A C   1 
ATOM   941  O O   . CYS A 1 121 ? -4.568  -13.936 -5.051  1.00 28.98 ? 133 CYS A O   1 
ATOM   942  C CB  . CYS A 1 121 ? -1.529  -12.895 -5.443  1.00 27.48 ? 133 CYS A CB  1 
ATOM   943  S SG  . CYS A 1 121 ? -0.230  -11.933 -4.624  1.00 23.13 ? 133 CYS A SG  1 
ATOM   944  O OXT . CYS A 1 121 ? -3.508  -15.411 -5.854  1.00 29.84 ? 133 CYS A OXT 1 
ATOM   945  N N   . VAL B 2 1   ? 6.658   9.905   0.313   1.00 44.62 ? 1   VAL B N   1 
ATOM   946  C CA  . VAL B 2 1   ? 7.526   9.032   1.166   1.00 45.56 ? 1   VAL B CA  1 
ATOM   947  C C   . VAL B 2 1   ? 6.855   7.697   1.552   1.00 45.70 ? 1   VAL B C   1 
ATOM   948  O O   . VAL B 2 1   ? 5.849   7.719   2.259   1.00 45.70 ? 1   VAL B O   1 
ATOM   949  C CB  . VAL B 2 1   ? 7.950   9.771   2.489   1.00 45.90 ? 1   VAL B CB  1 
ATOM   950  C CG1 . VAL B 2 1   ? 8.670   11.105  2.177   1.00 45.48 ? 1   VAL B CG1 1 
ATOM   951  C CG2 . VAL B 2 1   ? 6.738   9.958   3.464   1.00 43.14 ? 1   VAL B CG2 1 
ATOM   952  N N   . ILE B 2 2   ? 7.406   6.568   1.128   1.00 45.37 ? 2   ILE B N   1 
ATOM   953  C CA  . ILE B 2 2   ? 6.874   5.305   1.597   1.00 44.92 ? 2   ILE B CA  1 
ATOM   954  C C   . ILE B 2 2   ? 7.559   3.969   1.174   1.00 45.61 ? 2   ILE B C   1 
ATOM   955  O O   . ILE B 2 2   ? 8.295   3.898   0.217   1.00 46.26 ? 2   ILE B O   1 
ATOM   956  C CB  . ILE B 2 2   ? 5.362   5.330   1.369   1.00 43.91 ? 2   ILE B CB  1 
ATOM   957  C CG1 . ILE B 2 2   ? 4.809   3.925   1.300   1.00 42.75 ? 2   ILE B CG1 1 
ATOM   958  C CG2 . ILE B 2 2   ? 5.067   6.192   0.168   1.00 43.10 ? 2   ILE B CG2 1 
ATOM   959  C CD1 . ILE B 2 2   ? 4.060   3.544   2.535   1.00 43.75 ? 2   ILE B CD1 1 
ATOM   960  N N   . ALA B 2 3   ? 7.390   2.947   1.992   1.00 45.97 ? 3   ALA B N   1 
ATOM   961  C CA  . ALA B 2 3   ? 7.570   1.526   1.642   1.00 46.22 ? 3   ALA B CA  1 
ATOM   962  C C   . ALA B 2 3   ? 8.922   1.130   1.026   1.00 46.35 ? 3   ALA B C   1 
ATOM   963  O O   . ALA B 2 3   ? 9.787   1.960   0.882   1.00 45.85 ? 3   ALA B O   1 
ATOM   964  C CB  . ALA B 2 3   ? 6.394   0.964   0.876   1.00 45.89 ? 3   ALA B CB  1 
ATOM   965  N N   . LYS B 2 4   ? 9.035   -0.124  0.603   1.00 46.29 ? 4   LYS B N   1 
ATOM   966  C CA  . LYS B 2 4   ? 10.192  -0.673  -0.111  1.00 46.60 ? 4   LYS B CA  1 
ATOM   967  C C   . LYS B 2 4   ? 10.711  0.167   -1.299  1.00 47.09 ? 4   LYS B C   1 
ATOM   968  O O   . LYS B 2 4   ? 11.927  0.213   -1.552  1.00 47.36 ? 4   LYS B O   1 
ATOM   969  C CB  . LYS B 2 4   ? 9.837   -2.088  -0.582  1.00 46.01 ? 4   LYS B CB  1 
ATOM   970  C CG  . LYS B 2 4   ? 8.359   -2.223  -0.945  1.00 45.20 ? 4   LYS B CG  1 
ATOM   971  C CD  . LYS B 2 4   ? 7.845   -3.648  -0.738  1.00 45.70 ? 4   LYS B CD  1 
ATOM   972  C CE  . LYS B 2 4   ? 6.406   -3.666  -0.226  1.00 45.56 ? 4   LYS B CE  1 
ATOM   973  N NZ  . LYS B 2 4   ? 5.454   -2.905  -1.080  1.00 46.01 ? 4   LYS B NZ  1 
ATOM   974  O OXT . LYS B 2 4   ? 9.944   0.803   -2.038  1.00 46.98 ? 4   LYS B OXT 1 
HETATM 975  S S   . SO4 C 3 .   ? 2.256   -22.450 -6.897  1.00 71.12 ? 301 SO4 A S   1 
HETATM 976  O O1  . SO4 C 3 .   ? 3.713   -22.346 -6.832  1.00 70.55 ? 301 SO4 A O1  1 
HETATM 977  O O2  . SO4 C 3 .   ? 1.709   -21.531 -7.897  1.00 70.98 ? 301 SO4 A O2  1 
HETATM 978  O O3  . SO4 C 3 .   ? 1.670   -22.173 -5.586  1.00 69.99 ? 301 SO4 A O3  1 
HETATM 979  O O4  . SO4 C 3 .   ? 1.900   -23.788 -7.403  1.00 70.36 ? 301 SO4 A O4  1 
HETATM 980  O O   . HOH D 4 .   ? -5.255  -2.802  -1.554  1.00 18.54 ? 401 HOH A O   1 
HETATM 981  O O   . HOH D 4 .   ? 3.046   4.001   -7.031  1.00 22.20 ? 402 HOH A O   1 
HETATM 982  O O   . HOH D 4 .   ? 7.080   8.931   -14.150 1.00 47.04 ? 403 HOH A O   1 
HETATM 983  O O   . HOH D 4 .   ? 5.230   -2.416  -20.068 1.00 21.42 ? 404 HOH A O   1 
HETATM 984  O O   . HOH D 4 .   ? -6.422  -3.708  -4.561  1.00 12.25 ? 405 HOH A O   1 
HETATM 985  O O   . HOH D 4 .   ? 1.498   -5.051  -17.471 1.00 56.66 ? 406 HOH A O   1 
HETATM 986  O O   . HOH D 4 .   ? 5.629   1.751   -15.064 1.00 16.33 ? 407 HOH A O   1 
HETATM 987  O O   . HOH D 4 .   ? -4.805  1.519   8.642   1.00 10.10 ? 408 HOH A O   1 
HETATM 988  O O   . HOH D 4 .   ? 3.489   9.968   3.633   1.00 24.34 ? 409 HOH A O   1 
HETATM 989  O O   . HOH D 4 .   ? 6.790   -5.522  6.987   1.00 10.10 ? 410 HOH A O   1 
HETATM 990  O O   . HOH D 4 .   ? 2.475   -14.191 -2.949  1.00 35.30 ? 411 HOH A O   1 
HETATM 991  O O   . HOH D 4 .   ? 1.646   -11.599 -1.835  1.00 28.33 ? 412 HOH A O   1 
HETATM 992  O O   . HOH D 4 .   ? 3.550   14.032  -6.994  1.00 34.48 ? 413 HOH A O   1 
HETATM 993  O O   . HOH D 4 .   ? -5.912  -3.452  -17.541 1.00 32.52 ? 414 HOH A O   1 
HETATM 994  O O   . HOH D 4 .   ? -7.215  5.818   -15.783 1.00 45.29 ? 415 HOH A O   1 
HETATM 995  O O   . HOH D 4 .   ? -7.991  -6.054  4.859   1.00 20.28 ? 416 HOH A O   1 
HETATM 996  O O   . HOH D 4 .   ? 7.172   0.492   -17.279 1.00 16.17 ? 417 HOH A O   1 
HETATM 997  O O   . HOH D 4 .   ? -10.029 -7.785  5.636   1.00 34.92 ? 418 HOH A O   1 
HETATM 998  O O   . HOH D 4 .   ? -10.800 -2.741  10.935  1.00 16.24 ? 419 HOH A O   1 
HETATM 999  O O   . HOH D 4 .   ? -10.054 6.478   -10.377 1.00 25.21 ? 420 HOH A O   1 
HETATM 1000 O O   . HOH D 4 .   ? -10.854 -2.554  2.292   1.00 12.65 ? 421 HOH A O   1 
HETATM 1001 O O   . HOH D 4 .   ? -12.188 -4.042  6.944   1.00 19.42 ? 422 HOH A O   1 
HETATM 1002 O O   . HOH D 4 .   ? -11.989 2.761   10.863  1.00 64.10 ? 423 HOH A O   1 
HETATM 1003 O O   . HOH D 4 .   ? -10.560 -4.258  4.581   1.00 26.14 ? 424 HOH A O   1 
HETATM 1004 O O   . HOH D 4 .   ? -7.205  2.638   -14.782 1.00 35.43 ? 425 HOH A O   1 
HETATM 1005 O O   . HOH D 4 .   ? 10.925  -8.143  7.138   1.00 37.23 ? 426 HOH A O   1 
HETATM 1006 O O   . HOH D 4 .   ? -5.029  2.699   -20.161 1.00 25.77 ? 427 HOH A O   1 
HETATM 1007 O O   . HOH D 4 .   ? 4.870   -7.604  19.361  1.00 39.82 ? 428 HOH A O   1 
HETATM 1008 O O   . HOH D 4 .   ? -7.482  -3.853  -0.496  1.00 31.58 ? 429 HOH A O   1 
HETATM 1009 O O   . HOH D 4 .   ? -7.818  3.092   -18.686 1.00 31.10 ? 430 HOH A O   1 
HETATM 1010 O O   . HOH D 4 .   ? -0.389  -11.320 -8.331  1.00 36.91 ? 431 HOH A O   1 
HETATM 1011 O O   . HOH D 4 .   ? -3.311  7.755   -24.030 1.00 50.86 ? 432 HOH A O   1 
HETATM 1012 O O   . HOH D 4 .   ? 3.218   -18.934 -8.023  1.00 33.49 ? 433 HOH A O   1 
HETATM 1013 O O   . HOH D 4 .   ? -1.804  -18.779 9.506   1.00 42.05 ? 434 HOH A O   1 
HETATM 1014 O O   . HOH D 4 .   ? 3.504   -10.295 -5.016  1.00 62.85 ? 435 HOH A O   1 
HETATM 1015 O O   . HOH D 4 .   ? -3.008  -18.357 6.394   1.00 53.55 ? 436 HOH A O   1 
HETATM 1016 O O   . HOH D 4 .   ? -5.451  -3.212  11.003  1.00 24.01 ? 437 HOH A O   1 
HETATM 1017 O O   . HOH D 4 .   ? -1.261  -24.333 -2.078  1.00 56.76 ? 438 HOH A O   1 
HETATM 1018 O O   . HOH D 4 .   ? 4.016   -16.424 -6.950  1.00 47.51 ? 439 HOH A O   1 
HETATM 1019 O O   . HOH D 4 .   ? 3.957   -15.074 -9.385  1.00 36.76 ? 440 HOH A O   1 
HETATM 1020 O O   . HOH D 4 .   ? 5.088   -7.257  -5.011  1.00 25.40 ? 441 HOH A O   1 
HETATM 1021 O O   . HOH D 4 .   ? -4.644  -5.410  14.771  1.00 26.65 ? 442 HOH A O   1 
HETATM 1022 O O   . HOH D 4 .   ? 8.439   -9.611  6.399   1.00 34.65 ? 443 HOH A O   1 
HETATM 1023 O O   . HOH D 4 .   ? 3.452   -15.445 13.479  1.00 32.58 ? 444 HOH A O   1 
HETATM 1024 O O   . HOH D 4 .   ? -1.556  -23.100 -7.607  1.00 34.53 ? 445 HOH A O   1 
HETATM 1025 O O   . HOH D 4 .   ? 2.180   -2.110  0.581   1.00 43.35 ? 446 HOH A O   1 
HETATM 1026 O O   . HOH E 4 .   ? 4.336   -0.486  -1.769  1.00 36.49 ? 101 HOH B O   1 
HETATM 1027 O O   . HOH E 4 .   ? 11.382  4.283   0.090   1.00 34.32 ? 102 HOH B O   1 
# 
